data_5LAV
# 
_entry.id   5LAV 
# 
_audit_conform.dict_name       mmcif_pdbx.dic 
_audit_conform.dict_version    5.391 
_audit_conform.dict_location   http://mmcif.pdb.org/dictionaries/ascii/mmcif_pdbx.dic 
# 
loop_
_database_2.database_id 
_database_2.database_code 
_database_2.pdbx_database_accession 
_database_2.pdbx_DOI 
PDB   5LAV         pdb_00005lav 10.2210/pdb5lav/pdb 
WWPDB D_1200000451 ?            ?                   
# 
loop_
_pdbx_audit_revision_history.ordinal 
_pdbx_audit_revision_history.data_content_type 
_pdbx_audit_revision_history.major_revision 
_pdbx_audit_revision_history.minor_revision 
_pdbx_audit_revision_history.revision_date 
1 'Structure model' 1 0 2016-11-02 
2 'Structure model' 1 1 2016-12-21 
3 'Structure model' 1 2 2018-04-25 
4 'Structure model' 1 3 2024-05-08 
# 
_pdbx_audit_revision_details.ordinal             1 
_pdbx_audit_revision_details.revision_ordinal    1 
_pdbx_audit_revision_details.data_content_type   'Structure model' 
_pdbx_audit_revision_details.provider            repository 
_pdbx_audit_revision_details.type                'Initial release' 
_pdbx_audit_revision_details.description         ? 
_pdbx_audit_revision_details.details             ? 
# 
loop_
_pdbx_audit_revision_group.ordinal 
_pdbx_audit_revision_group.revision_ordinal 
_pdbx_audit_revision_group.data_content_type 
_pdbx_audit_revision_group.group 
1 2 'Structure model' 'Database references' 
2 3 'Structure model' Advisory              
3 3 'Structure model' 'Data collection'     
4 3 'Structure model' 'Structure summary'   
5 4 'Structure model' Advisory              
6 4 'Structure model' 'Data collection'     
7 4 'Structure model' 'Database references' 
# 
loop_
_pdbx_audit_revision_category.ordinal 
_pdbx_audit_revision_category.revision_ordinal 
_pdbx_audit_revision_category.data_content_type 
_pdbx_audit_revision_category.category 
1 3 'Structure model' pdbx_unobs_or_zero_occ_atoms 
2 3 'Structure model' reflns                       
3 3 'Structure model' reflns_shell                 
4 3 'Structure model' struct                       
5 4 'Structure model' chem_comp_atom               
6 4 'Structure model' chem_comp_bond               
7 4 'Structure model' database_2                   
8 4 'Structure model' pdbx_unobs_or_zero_occ_atoms 
# 
loop_
_pdbx_audit_revision_item.ordinal 
_pdbx_audit_revision_item.revision_ordinal 
_pdbx_audit_revision_item.data_content_type 
_pdbx_audit_revision_item.item 
1 3 'Structure model' '_reflns.pdbx_Rmerge_I_obs'           
2 3 'Structure model' '_reflns_shell.Rmerge_I_obs'          
3 3 'Structure model' '_struct.title'                       
4 4 'Structure model' '_database_2.pdbx_DOI'                
5 4 'Structure model' '_database_2.pdbx_database_accession' 
# 
_pdbx_database_status.status_code                     REL 
_pdbx_database_status.status_code_sf                  REL 
_pdbx_database_status.status_code_mr                  ? 
_pdbx_database_status.entry_id                        5LAV 
_pdbx_database_status.recvd_initial_deposition_date   2016-06-15 
_pdbx_database_status.SG_entry                        N 
_pdbx_database_status.deposit_site                    PDBE 
_pdbx_database_status.process_site                    PDBE 
_pdbx_database_status.status_code_cs                  ? 
_pdbx_database_status.methods_development_category    ? 
_pdbx_database_status.pdb_format_compatible           Y 
_pdbx_database_status.status_code_nmr_data            ? 
# 
loop_
_audit_author.name 
_audit_author.pdbx_ordinal 
_audit_author.identifier_ORCID 
'Kessler, D.' 1 ? 
'Gollner, A.' 2 ? 
# 
_citation.abstract                  ? 
_citation.abstract_id_CAS           ? 
_citation.book_id_ISBN              ? 
_citation.book_publisher            ? 
_citation.book_publisher_city       ? 
_citation.book_title                ? 
_citation.coordinate_linkage        ? 
_citation.country                   US 
_citation.database_id_Medline       ? 
_citation.details                   ? 
_citation.id                        primary 
_citation.journal_abbrev            'J. Med. Chem.' 
_citation.journal_id_ASTM           JMCMAR 
_citation.journal_id_CSD            0151 
_citation.journal_id_ISSN           1520-4804 
_citation.journal_full              ? 
_citation.journal_issue             ? 
_citation.journal_volume            59 
_citation.language                  ? 
_citation.page_first                10147 
_citation.page_last                 10162 
_citation.title                     
;Discovery of Novel Spiro[3H-indole-3,2'-pyrrolidin]-2(1H)-one Compounds as Chemically Stable and Orally Active Inhibitors of the MDM2-p53 Interaction.
;
_citation.year                      2016 
_citation.database_id_CSD           ? 
_citation.pdbx_database_id_DOI      10.1021/acs.jmedchem.6b00900 
_citation.pdbx_database_id_PubMed   27775892 
_citation.unpublished_flag          ? 
# 
loop_
_citation_author.citation_id 
_citation_author.name 
_citation_author.ordinal 
_citation_author.identifier_ORCID 
primary 'Gollner, A.'            1  ? 
primary 'Rudolph, D.'            2  ? 
primary 'Arnhof, H.'             3  ? 
primary 'Bauer, M.'              4  ? 
primary 'Blake, S.M.'            5  ? 
primary 'Boehmelt, G.'           6  ? 
primary 'Cockroft, X.L.'         7  ? 
primary 'Dahmann, G.'            8  ? 
primary 'Ettmayer, P.'           9  ? 
primary 'Gerstberger, T.'        10 ? 
primary 'Karolyi-Oezguer, J.'    11 ? 
primary 'Kessler, D.'            12 ? 
primary 'Kofink, C.'             13 ? 
primary 'Ramharter, J.'          14 ? 
primary 'Rinnenthal, J.'         15 ? 
primary 'Savchenko, A.'          16 ? 
primary 'Schnitzer, R.'          17 ? 
primary 'Weinstabl, H.'          18 ? 
primary 'Weyer-Czernilofsky, U.' 19 ? 
primary 'Wunberg, T.'            20 ? 
primary 'McConnell, D.B.'        21 ? 
# 
loop_
_entity.id 
_entity.type 
_entity.src_method 
_entity.pdbx_description 
_entity.formula_weight 
_entity.pdbx_number_of_molecules 
_entity.pdbx_ec 
_entity.pdbx_mutation 
_entity.pdbx_fragment 
_entity.details 
1 polymer     man 'E3 ubiquitin-protein ligase Mdm2' 10883.793 1  6.3.2.- ? ? ? 
2 non-polymer syn 
"(3~{S},3'~{S},4'~{S})-4'-azanyl-6-chloranyl-3'-(3-chlorophenyl)-1'-(2,2-dimethylpropyl)spiro[1~{H}-indole-3,2'-pyrrolidine]-2-one" 
418.359   1  ?       ? ? ? 
3 non-polymer syn 'SULFATE ION' 96.063    1  ?       ? ? ? 
4 water       nat water 18.015    32 ?       ? ? ? 
# 
_entity_name_com.entity_id   1 
_entity_name_com.name        'Double minute 2 protein,Hdm2,Oncoprotein Mdm2,p53-binding protein Mdm2' 
# 
_entity_poly.entity_id                      1 
_entity_poly.type                           'polypeptide(L)' 
_entity_poly.nstd_linkage                   no 
_entity_poly.nstd_monomer                   no 
_entity_poly.pdbx_seq_one_letter_code       
;IPASEQETLVRPKPLLLKLLKSVGAQKDTYTMKEVLFYLGQYIMTKRLYDEKQQHIVYCSNDLLGDLFGVPSFSVKEHRK
IYTMIYRNLVVVN
;
_entity_poly.pdbx_seq_one_letter_code_can   
;IPASEQETLVRPKPLLLKLLKSVGAQKDTYTMKEVLFYLGQYIMTKRLYDEKQQHIVYCSNDLLGDLFGVPSFSVKEHRK
IYTMIYRNLVVVN
;
_entity_poly.pdbx_strand_id                 A 
_entity_poly.pdbx_target_identifier         ? 
# 
loop_
_pdbx_entity_nonpoly.entity_id 
_pdbx_entity_nonpoly.name 
_pdbx_entity_nonpoly.comp_id 
2 
"(3~{S},3'~{S},4'~{S})-4'-azanyl-6-chloranyl-3'-(3-chlorophenyl)-1'-(2,2-dimethylpropyl)spiro[1~{H}-indole-3,2'-pyrrolidine]-2-one" 
6SK 
3 'SULFATE ION' SO4 
4 water HOH 
# 
loop_
_entity_poly_seq.entity_id 
_entity_poly_seq.num 
_entity_poly_seq.mon_id 
_entity_poly_seq.hetero 
1 1  ILE n 
1 2  PRO n 
1 3  ALA n 
1 4  SER n 
1 5  GLU n 
1 6  GLN n 
1 7  GLU n 
1 8  THR n 
1 9  LEU n 
1 10 VAL n 
1 11 ARG n 
1 12 PRO n 
1 13 LYS n 
1 14 PRO n 
1 15 LEU n 
1 16 LEU n 
1 17 LEU n 
1 18 LYS n 
1 19 LEU n 
1 20 LEU n 
1 21 LYS n 
1 22 SER n 
1 23 VAL n 
1 24 GLY n 
1 25 ALA n 
1 26 GLN n 
1 27 LYS n 
1 28 ASP n 
1 29 THR n 
1 30 TYR n 
1 31 THR n 
1 32 MET n 
1 33 LYS n 
1 34 GLU n 
1 35 VAL n 
1 36 LEU n 
1 37 PHE n 
1 38 TYR n 
1 39 LEU n 
1 40 GLY n 
1 41 GLN n 
1 42 TYR n 
1 43 ILE n 
1 44 MET n 
1 45 THR n 
1 46 LYS n 
1 47 ARG n 
1 48 LEU n 
1 49 TYR n 
1 50 ASP n 
1 51 GLU n 
1 52 LYS n 
1 53 GLN n 
1 54 GLN n 
1 55 HIS n 
1 56 ILE n 
1 57 VAL n 
1 58 TYR n 
1 59 CYS n 
1 60 SER n 
1 61 ASN n 
1 62 ASP n 
1 63 LEU n 
1 64 LEU n 
1 65 GLY n 
1 66 ASP n 
1 67 LEU n 
1 68 PHE n 
1 69 GLY n 
1 70 VAL n 
1 71 PRO n 
1 72 SER n 
1 73 PHE n 
1 74 SER n 
1 75 VAL n 
1 76 LYS n 
1 77 GLU n 
1 78 HIS n 
1 79 ARG n 
1 80 LYS n 
1 81 ILE n 
1 82 TYR n 
1 83 THR n 
1 84 MET n 
1 85 ILE n 
1 86 TYR n 
1 87 ARG n 
1 88 ASN n 
1 89 LEU n 
1 90 VAL n 
1 91 VAL n 
1 92 VAL n 
1 93 ASN n 
# 
_entity_src_gen.entity_id                          1 
_entity_src_gen.pdbx_src_id                        1 
_entity_src_gen.pdbx_alt_source_flag               sample 
_entity_src_gen.pdbx_seq_type                      'Biological sequence' 
_entity_src_gen.pdbx_beg_seq_num                   1 
_entity_src_gen.pdbx_end_seq_num                   93 
_entity_src_gen.gene_src_common_name               Human 
_entity_src_gen.gene_src_genus                     ? 
_entity_src_gen.pdbx_gene_src_gene                 MDM2 
_entity_src_gen.gene_src_species                   ? 
_entity_src_gen.gene_src_strain                    ? 
_entity_src_gen.gene_src_tissue                    ? 
_entity_src_gen.gene_src_tissue_fraction           ? 
_entity_src_gen.gene_src_details                   ? 
_entity_src_gen.pdbx_gene_src_fragment             ? 
_entity_src_gen.pdbx_gene_src_scientific_name      'Homo sapiens' 
_entity_src_gen.pdbx_gene_src_ncbi_taxonomy_id     9606 
_entity_src_gen.pdbx_gene_src_variant              ? 
_entity_src_gen.pdbx_gene_src_cell_line            ? 
_entity_src_gen.pdbx_gene_src_atcc                 ? 
_entity_src_gen.pdbx_gene_src_organ                ? 
_entity_src_gen.pdbx_gene_src_organelle            ? 
_entity_src_gen.pdbx_gene_src_cell                 ? 
_entity_src_gen.pdbx_gene_src_cellular_location    ? 
_entity_src_gen.host_org_common_name               ? 
_entity_src_gen.pdbx_host_org_scientific_name      'Escherichia coli BL21(DE3)' 
_entity_src_gen.pdbx_host_org_ncbi_taxonomy_id     469008 
_entity_src_gen.host_org_genus                     ? 
_entity_src_gen.pdbx_host_org_gene                 ? 
_entity_src_gen.pdbx_host_org_organ                ? 
_entity_src_gen.host_org_species                   ? 
_entity_src_gen.pdbx_host_org_tissue               ? 
_entity_src_gen.pdbx_host_org_tissue_fraction      ? 
_entity_src_gen.pdbx_host_org_strain               ? 
_entity_src_gen.pdbx_host_org_variant              ? 
_entity_src_gen.pdbx_host_org_cell_line            ? 
_entity_src_gen.pdbx_host_org_atcc                 ? 
_entity_src_gen.pdbx_host_org_culture_collection   ? 
_entity_src_gen.pdbx_host_org_cell                 ? 
_entity_src_gen.pdbx_host_org_organelle            ? 
_entity_src_gen.pdbx_host_org_cellular_location    ? 
_entity_src_gen.pdbx_host_org_vector_type          plasmid 
_entity_src_gen.pdbx_host_org_vector               ? 
_entity_src_gen.host_org_details                   ? 
_entity_src_gen.expression_system_id               ? 
_entity_src_gen.plasmid_name                       pGEX4T2 
_entity_src_gen.plasmid_details                    ? 
_entity_src_gen.pdbx_description                   ? 
# 
loop_
_chem_comp.id 
_chem_comp.type 
_chem_comp.mon_nstd_flag 
_chem_comp.name 
_chem_comp.pdbx_synonyms 
_chem_comp.formula 
_chem_comp.formula_weight 
6SK non-polymer         . 
"(3~{S},3'~{S},4'~{S})-4'-azanyl-6-chloranyl-3'-(3-chlorophenyl)-1'-(2,2-dimethylpropyl)spiro[1~{H}-indole-3,2'-pyrrolidine]-2-one" 
? 'C22 H25 Cl2 N3 O' 418.359 
ALA 'L-peptide linking' y ALANINE ? 'C3 H7 N O2'       89.093  
ARG 'L-peptide linking' y ARGININE ? 'C6 H15 N4 O2 1'   175.209 
ASN 'L-peptide linking' y ASPARAGINE ? 'C4 H8 N2 O3'      132.118 
ASP 'L-peptide linking' y 'ASPARTIC ACID' ? 'C4 H7 N O4'       133.103 
CYS 'L-peptide linking' y CYSTEINE ? 'C3 H7 N O2 S'     121.158 
GLN 'L-peptide linking' y GLUTAMINE ? 'C5 H10 N2 O3'     146.144 
GLU 'L-peptide linking' y 'GLUTAMIC ACID' ? 'C5 H9 N O4'       147.129 
GLY 'peptide linking'   y GLYCINE ? 'C2 H5 N O2'       75.067  
HIS 'L-peptide linking' y HISTIDINE ? 'C6 H10 N3 O2 1'   156.162 
HOH non-polymer         . WATER ? 'H2 O'             18.015  
ILE 'L-peptide linking' y ISOLEUCINE ? 'C6 H13 N O2'      131.173 
LEU 'L-peptide linking' y LEUCINE ? 'C6 H13 N O2'      131.173 
LYS 'L-peptide linking' y LYSINE ? 'C6 H15 N2 O2 1'   147.195 
MET 'L-peptide linking' y METHIONINE ? 'C5 H11 N O2 S'    149.211 
PHE 'L-peptide linking' y PHENYLALANINE ? 'C9 H11 N O2'      165.189 
PRO 'L-peptide linking' y PROLINE ? 'C5 H9 N O2'       115.130 
SER 'L-peptide linking' y SERINE ? 'C3 H7 N O3'       105.093 
SO4 non-polymer         . 'SULFATE ION' ? 'O4 S -2'          96.063  
THR 'L-peptide linking' y THREONINE ? 'C4 H9 N O3'       119.119 
TYR 'L-peptide linking' y TYROSINE ? 'C9 H11 N O3'      181.189 
VAL 'L-peptide linking' y VALINE ? 'C5 H11 N O2'      117.146 
# 
loop_
_pdbx_poly_seq_scheme.asym_id 
_pdbx_poly_seq_scheme.entity_id 
_pdbx_poly_seq_scheme.seq_id 
_pdbx_poly_seq_scheme.mon_id 
_pdbx_poly_seq_scheme.ndb_seq_num 
_pdbx_poly_seq_scheme.pdb_seq_num 
_pdbx_poly_seq_scheme.auth_seq_num 
_pdbx_poly_seq_scheme.pdb_mon_id 
_pdbx_poly_seq_scheme.auth_mon_id 
_pdbx_poly_seq_scheme.pdb_strand_id 
_pdbx_poly_seq_scheme.pdb_ins_code 
_pdbx_poly_seq_scheme.hetero 
A 1 1  ILE 1  19  19  ILE ILE A . n 
A 1 2  PRO 2  20  20  PRO PRO A . n 
A 1 3  ALA 3  21  21  ALA ALA A . n 
A 1 4  SER 4  22  22  SER SER A . n 
A 1 5  GLU 5  23  23  GLU GLU A . n 
A 1 6  GLN 6  24  24  GLN GLN A . n 
A 1 7  GLU 7  25  25  GLU GLU A . n 
A 1 8  THR 8  26  26  THR THR A . n 
A 1 9  LEU 9  27  27  LEU LEU A . n 
A 1 10 VAL 10 28  28  VAL VAL A . n 
A 1 11 ARG 11 29  29  ARG ARG A . n 
A 1 12 PRO 12 30  30  PRO PRO A . n 
A 1 13 LYS 13 31  31  LYS LYS A . n 
A 1 14 PRO 14 32  32  PRO PRO A . n 
A 1 15 LEU 15 33  33  LEU LEU A . n 
A 1 16 LEU 16 34  34  LEU LEU A . n 
A 1 17 LEU 17 35  35  LEU LEU A . n 
A 1 18 LYS 18 36  36  LYS LYS A . n 
A 1 19 LEU 19 37  37  LEU LEU A . n 
A 1 20 LEU 20 38  38  LEU LEU A . n 
A 1 21 LYS 21 39  39  LYS LYS A . n 
A 1 22 SER 22 40  40  SER SER A . n 
A 1 23 VAL 23 41  41  VAL VAL A . n 
A 1 24 GLY 24 42  42  GLY GLY A . n 
A 1 25 ALA 25 43  43  ALA ALA A . n 
A 1 26 GLN 26 44  44  GLN GLN A . n 
A 1 27 LYS 27 45  45  LYS LYS A . n 
A 1 28 ASP 28 46  46  ASP ASP A . n 
A 1 29 THR 29 47  47  THR THR A . n 
A 1 30 TYR 30 48  48  TYR TYR A . n 
A 1 31 THR 31 49  49  THR THR A . n 
A 1 32 MET 32 50  50  MET MET A . n 
A 1 33 LYS 33 51  51  LYS LYS A . n 
A 1 34 GLU 34 52  52  GLU GLU A . n 
A 1 35 VAL 35 53  53  VAL VAL A . n 
A 1 36 LEU 36 54  54  LEU LEU A . n 
A 1 37 PHE 37 55  55  PHE PHE A . n 
A 1 38 TYR 38 56  56  TYR TYR A . n 
A 1 39 LEU 39 57  57  LEU LEU A . n 
A 1 40 GLY 40 58  58  GLY GLY A . n 
A 1 41 GLN 41 59  59  GLN GLN A . n 
A 1 42 TYR 42 60  60  TYR TYR A . n 
A 1 43 ILE 43 61  61  ILE ILE A . n 
A 1 44 MET 44 62  62  MET MET A . n 
A 1 45 THR 45 63  63  THR THR A . n 
A 1 46 LYS 46 64  64  LYS LYS A . n 
A 1 47 ARG 47 65  65  ARG ARG A . n 
A 1 48 LEU 48 66  66  LEU LEU A . n 
A 1 49 TYR 49 67  67  TYR TYR A . n 
A 1 50 ASP 50 68  68  ASP ASP A . n 
A 1 51 GLU 51 69  69  GLU GLU A . n 
A 1 52 LYS 52 70  70  LYS LYS A . n 
A 1 53 GLN 53 71  71  GLN GLN A . n 
A 1 54 GLN 54 72  72  GLN GLN A . n 
A 1 55 HIS 55 73  73  HIS HIS A . n 
A 1 56 ILE 56 74  74  ILE ILE A . n 
A 1 57 VAL 57 75  75  VAL VAL A . n 
A 1 58 TYR 58 76  76  TYR TYR A . n 
A 1 59 CYS 59 77  77  CYS CYS A . n 
A 1 60 SER 60 78  78  SER SER A . n 
A 1 61 ASN 61 79  79  ASN ASN A . n 
A 1 62 ASP 62 80  80  ASP ASP A . n 
A 1 63 LEU 63 81  81  LEU LEU A . n 
A 1 64 LEU 64 82  82  LEU LEU A . n 
A 1 65 GLY 65 83  83  GLY GLY A . n 
A 1 66 ASP 66 84  84  ASP ASP A . n 
A 1 67 LEU 67 85  85  LEU LEU A . n 
A 1 68 PHE 68 86  86  PHE PHE A . n 
A 1 69 GLY 69 87  87  GLY GLY A . n 
A 1 70 VAL 70 88  88  VAL VAL A . n 
A 1 71 PRO 71 89  89  PRO PRO A . n 
A 1 72 SER 72 90  90  SER SER A . n 
A 1 73 PHE 73 91  91  PHE PHE A . n 
A 1 74 SER 74 92  92  SER SER A . n 
A 1 75 VAL 75 93  93  VAL VAL A . n 
A 1 76 LYS 76 94  94  LYS LYS A . n 
A 1 77 GLU 77 95  95  GLU GLU A . n 
A 1 78 HIS 78 96  96  HIS HIS A . n 
A 1 79 ARG 79 97  97  ARG ARG A . n 
A 1 80 LYS 80 98  98  LYS LYS A . n 
A 1 81 ILE 81 99  99  ILE ILE A . n 
A 1 82 TYR 82 100 100 TYR TYR A . n 
A 1 83 THR 83 101 101 THR THR A . n 
A 1 84 MET 84 102 102 MET MET A . n 
A 1 85 ILE 85 103 103 ILE ILE A . n 
A 1 86 TYR 86 104 104 TYR TYR A . n 
A 1 87 ARG 87 105 105 ARG ARG A . n 
A 1 88 ASN 88 106 106 ASN ASN A . n 
A 1 89 LEU 89 107 107 LEU LEU A . n 
A 1 90 VAL 90 108 108 VAL VAL A . n 
A 1 91 VAL 91 109 109 VAL VAL A . n 
A 1 92 VAL 92 110 110 VAL VAL A . n 
A 1 93 ASN 93 111 111 ASN ASN A . n 
# 
loop_
_pdbx_nonpoly_scheme.asym_id 
_pdbx_nonpoly_scheme.entity_id 
_pdbx_nonpoly_scheme.mon_id 
_pdbx_nonpoly_scheme.ndb_seq_num 
_pdbx_nonpoly_scheme.pdb_seq_num 
_pdbx_nonpoly_scheme.auth_seq_num 
_pdbx_nonpoly_scheme.pdb_mon_id 
_pdbx_nonpoly_scheme.auth_mon_id 
_pdbx_nonpoly_scheme.pdb_strand_id 
_pdbx_nonpoly_scheme.pdb_ins_code 
B 2 6SK 1  201 1  6SK INX A . 
C 3 SO4 1  202 1  SO4 SO4 A . 
D 4 HOH 1  301 13 HOH HOH A . 
D 4 HOH 2  302 5  HOH HOH A . 
D 4 HOH 3  303 4  HOH HOH A . 
D 4 HOH 4  304 32 HOH HOH A . 
D 4 HOH 5  305 17 HOH HOH A . 
D 4 HOH 6  306 2  HOH HOH A . 
D 4 HOH 7  307 20 HOH HOH A . 
D 4 HOH 8  308 3  HOH HOH A . 
D 4 HOH 9  309 21 HOH HOH A . 
D 4 HOH 10 310 31 HOH HOH A . 
D 4 HOH 11 311 18 HOH HOH A . 
D 4 HOH 12 312 24 HOH HOH A . 
D 4 HOH 13 313 9  HOH HOH A . 
D 4 HOH 14 314 16 HOH HOH A . 
D 4 HOH 15 315 8  HOH HOH A . 
D 4 HOH 16 316 12 HOH HOH A . 
D 4 HOH 17 317 11 HOH HOH A . 
D 4 HOH 18 318 1  HOH HOH A . 
D 4 HOH 19 319 22 HOH HOH A . 
D 4 HOH 20 320 23 HOH HOH A . 
D 4 HOH 21 321 15 HOH HOH A . 
D 4 HOH 22 322 14 HOH HOH A . 
D 4 HOH 23 323 29 HOH HOH A . 
D 4 HOH 24 324 7  HOH HOH A . 
D 4 HOH 25 325 19 HOH HOH A . 
D 4 HOH 26 326 30 HOH HOH A . 
D 4 HOH 27 327 27 HOH HOH A . 
D 4 HOH 28 328 26 HOH HOH A . 
D 4 HOH 29 329 25 HOH HOH A . 
D 4 HOH 30 330 28 HOH HOH A . 
D 4 HOH 31 331 6  HOH HOH A . 
D 4 HOH 32 332 10 HOH HOH A . 
# 
loop_
_pdbx_unobs_or_zero_occ_atoms.id 
_pdbx_unobs_or_zero_occ_atoms.PDB_model_num 
_pdbx_unobs_or_zero_occ_atoms.polymer_flag 
_pdbx_unobs_or_zero_occ_atoms.occupancy_flag 
_pdbx_unobs_or_zero_occ_atoms.auth_asym_id 
_pdbx_unobs_or_zero_occ_atoms.auth_comp_id 
_pdbx_unobs_or_zero_occ_atoms.auth_seq_id 
_pdbx_unobs_or_zero_occ_atoms.PDB_ins_code 
_pdbx_unobs_or_zero_occ_atoms.auth_atom_id 
_pdbx_unobs_or_zero_occ_atoms.label_alt_id 
_pdbx_unobs_or_zero_occ_atoms.label_asym_id 
_pdbx_unobs_or_zero_occ_atoms.label_comp_id 
_pdbx_unobs_or_zero_occ_atoms.label_seq_id 
_pdbx_unobs_or_zero_occ_atoms.label_atom_id 
1  1 Y 0 A LYS 70 ? CG  ? A LYS 52 CG  
2  1 Y 0 A LYS 70 ? CD  ? A LYS 52 CD  
3  1 Y 0 A LYS 70 ? CE  ? A LYS 52 CE  
4  1 Y 0 A LYS 70 ? NZ  ? A LYS 52 NZ  
5  1 Y 0 A GLN 72 ? CD  ? A GLN 54 CD  
6  1 Y 0 A GLN 72 ? OE1 ? A GLN 54 OE1 
7  1 Y 0 A GLN 72 ? NE2 ? A GLN 54 NE2 
8  1 Y 0 A LYS 94 ? CG  ? A LYS 76 CG  
9  1 Y 0 A LYS 94 ? CD  ? A LYS 76 CD  
10 1 Y 0 A LYS 94 ? CE  ? A LYS 76 CE  
11 1 Y 0 A LYS 94 ? NZ  ? A LYS 76 NZ  
12 1 Y 0 A ARG 97 ? CZ  ? A ARG 79 CZ  
13 1 Y 0 A ARG 97 ? NH1 ? A ARG 79 NH1 
14 1 Y 0 A ARG 97 ? NH2 ? A ARG 79 NH2 
15 1 Y 0 A LYS 98 ? CG  ? A LYS 80 CG  
16 1 Y 0 A LYS 98 ? CD  ? A LYS 80 CD  
17 1 Y 0 A LYS 98 ? CE  ? A LYS 80 CE  
18 1 Y 0 A LYS 98 ? NZ  ? A LYS 80 NZ  
# 
loop_
_software.citation_id 
_software.classification 
_software.compiler_name 
_software.compiler_version 
_software.contact_author 
_software.contact_author_email 
_software.date 
_software.description 
_software.dependencies 
_software.hardware 
_software.language 
_software.location 
_software.mods 
_software.name 
_software.os 
_software.os_version 
_software.type 
_software.version 
_software.pdbx_ordinal 
? refinement        ? ? ? ? ? ? ? ? ? ? ? REFMAC      ? ? ? 5.5.0109 1 
? 'data extraction' ? ? ? ? ? ? ? ? ? ? ? PDB_EXTRACT ? ? ? 3.20     2 
? 'data reduction'  ? ? ? ? ? ? ? ? ? ? ? XDS         ? ? ? .        3 
? 'data scaling'    ? ? ? ? ? ? ? ? ? ? ? XSCALE      ? ? ? .        4 
? phasing           ? ? ? ? ? ? ? ? ? ? ? REFMAC      ? ? ? .        5 
# 
_cell.angle_alpha                  90.000 
_cell.angle_alpha_esd              ? 
_cell.angle_beta                   90.000 
_cell.angle_beta_esd               ? 
_cell.angle_gamma                  120.000 
_cell.angle_gamma_esd              ? 
_cell.entry_id                     5LAV 
_cell.details                      ? 
_cell.formula_units_Z              ? 
_cell.length_a                     56.651 
_cell.length_a_esd                 ? 
_cell.length_b                     56.651 
_cell.length_b_esd                 ? 
_cell.length_c                     104.085 
_cell.length_c_esd                 ? 
_cell.volume                       ? 
_cell.volume_esd                   ? 
_cell.Z_PDB                        12 
_cell.reciprocal_angle_alpha       ? 
_cell.reciprocal_angle_beta        ? 
_cell.reciprocal_angle_gamma       ? 
_cell.reciprocal_angle_alpha_esd   ? 
_cell.reciprocal_angle_beta_esd    ? 
_cell.reciprocal_angle_gamma_esd   ? 
_cell.reciprocal_length_a          ? 
_cell.reciprocal_length_b          ? 
_cell.reciprocal_length_c          ? 
_cell.reciprocal_length_a_esd      ? 
_cell.reciprocal_length_b_esd      ? 
_cell.reciprocal_length_c_esd      ? 
_cell.pdbx_unique_axis             ? 
# 
_symmetry.entry_id                         5LAV 
_symmetry.cell_setting                     ? 
_symmetry.Int_Tables_number                178 
_symmetry.space_group_name_Hall            ? 
_symmetry.space_group_name_H-M             'P 61 2 2' 
_symmetry.pdbx_full_space_group_name_H-M   ? 
# 
_exptl.absorpt_coefficient_mu     ? 
_exptl.absorpt_correction_T_max   ? 
_exptl.absorpt_correction_T_min   ? 
_exptl.absorpt_correction_type    ? 
_exptl.absorpt_process_details    ? 
_exptl.entry_id                   5LAV 
_exptl.crystals_number            1 
_exptl.details                    ? 
_exptl.method                     'X-RAY DIFFRACTION' 
_exptl.method_details             ? 
# 
_exptl_crystal.colour                      ? 
_exptl_crystal.density_diffrn              ? 
_exptl_crystal.density_Matthews            2.300 
_exptl_crystal.density_method              ? 
_exptl_crystal.density_percent_sol         46.650 
_exptl_crystal.description                 ? 
_exptl_crystal.F_000                       ? 
_exptl_crystal.id                          1 
_exptl_crystal.preparation                 ? 
_exptl_crystal.size_max                    ? 
_exptl_crystal.size_mid                    ? 
_exptl_crystal.size_min                    ? 
_exptl_crystal.size_rad                    ? 
_exptl_crystal.colour_lustre               ? 
_exptl_crystal.colour_modifier             ? 
_exptl_crystal.colour_primary              ? 
_exptl_crystal.density_meas                ? 
_exptl_crystal.density_meas_esd            ? 
_exptl_crystal.density_meas_gt             ? 
_exptl_crystal.density_meas_lt             ? 
_exptl_crystal.density_meas_temp           ? 
_exptl_crystal.density_meas_temp_esd       ? 
_exptl_crystal.density_meas_temp_gt        ? 
_exptl_crystal.density_meas_temp_lt        ? 
_exptl_crystal.pdbx_crystal_image_url      ? 
_exptl_crystal.pdbx_crystal_image_format   ? 
_exptl_crystal.pdbx_mosaicity              ? 
_exptl_crystal.pdbx_mosaicity_esd          ? 
# 
_exptl_crystal_grow.apparatus       ? 
_exptl_crystal_grow.atmosphere      ? 
_exptl_crystal_grow.crystal_id      1 
_exptl_crystal_grow.details         ? 
_exptl_crystal_grow.method          'VAPOR DIFFUSION, HANGING DROP' 
_exptl_crystal_grow.method_ref      ? 
_exptl_crystal_grow.pH              4.5 
_exptl_crystal_grow.pressure        ? 
_exptl_crystal_grow.pressure_esd    ? 
_exptl_crystal_grow.seeding         ? 
_exptl_crystal_grow.seeding_ref     ? 
_exptl_crystal_grow.temp            277 
_exptl_crystal_grow.temp_details    ? 
_exptl_crystal_grow.temp_esd        ? 
_exptl_crystal_grow.time            ? 
_exptl_crystal_grow.pdbx_details    'RESERVOIR SOLUTION : NULL' 
_exptl_crystal_grow.pdbx_pH_range   ? 
# 
_diffrn.ambient_environment    ? 
_diffrn.ambient_temp           100.0 
_diffrn.ambient_temp_details   ? 
_diffrn.ambient_temp_esd       ? 
_diffrn.crystal_id             1 
_diffrn.crystal_support        ? 
_diffrn.crystal_treatment      ? 
_diffrn.details                ? 
_diffrn.id                     1 
_diffrn.ambient_pressure       ? 
_diffrn.ambient_pressure_esd   ? 
_diffrn.ambient_pressure_gt    ? 
_diffrn.ambient_pressure_lt    ? 
_diffrn.ambient_temp_gt        ? 
_diffrn.ambient_temp_lt        ? 
# 
_diffrn_detector.details                      ? 
_diffrn_detector.detector                     PIXEL 
_diffrn_detector.diffrn_id                    1 
_diffrn_detector.type                         'DECTRIS PILATUS 6M' 
_diffrn_detector.area_resol_mean              ? 
_diffrn_detector.dtime                        ? 
_diffrn_detector.pdbx_frames_total            ? 
_diffrn_detector.pdbx_collection_time_total   ? 
_diffrn_detector.pdbx_collection_date         2013-02-10 
# 
_diffrn_radiation.collimation                      ? 
_diffrn_radiation.diffrn_id                        1 
_diffrn_radiation.filter_edge                      ? 
_diffrn_radiation.inhomogeneity                    ? 
_diffrn_radiation.monochromator                    ? 
_diffrn_radiation.polarisn_norm                    ? 
_diffrn_radiation.polarisn_ratio                   ? 
_diffrn_radiation.probe                            ? 
_diffrn_radiation.type                             ? 
_diffrn_radiation.xray_symbol                      ? 
_diffrn_radiation.wavelength_id                    1 
_diffrn_radiation.pdbx_monochromatic_or_laue_m_l   M 
_diffrn_radiation.pdbx_wavelength_list             ? 
_diffrn_radiation.pdbx_wavelength                  ? 
_diffrn_radiation.pdbx_diffrn_protocol             'SINGLE WAVELENGTH' 
_diffrn_radiation.pdbx_analyzer                    ? 
_diffrn_radiation.pdbx_scattering_type             x-ray 
# 
_diffrn_radiation_wavelength.id           1 
_diffrn_radiation_wavelength.wavelength   1.00003 
_diffrn_radiation_wavelength.wt           1.0 
# 
_diffrn_source.current                     ? 
_diffrn_source.details                     ? 
_diffrn_source.diffrn_id                   1 
_diffrn_source.power                       ? 
_diffrn_source.size                        ? 
_diffrn_source.source                      SYNCHROTRON 
_diffrn_source.target                      ? 
_diffrn_source.type                        'SLS BEAMLINE X06SA' 
_diffrn_source.voltage                     ? 
_diffrn_source.take-off_angle              ? 
_diffrn_source.pdbx_wavelength_list        1.00003 
_diffrn_source.pdbx_wavelength             ? 
_diffrn_source.pdbx_synchrotron_beamline   X06SA 
_diffrn_source.pdbx_synchrotron_site       SLS 
# 
_reflns.B_iso_Wilson_estimate            ? 
_reflns.entry_id                         5LAV 
_reflns.data_reduction_details           ? 
_reflns.data_reduction_method            ? 
_reflns.d_resolution_high                1.730 
_reflns.d_resolution_low                 49.060 
_reflns.details                          ? 
_reflns.limit_h_max                      ? 
_reflns.limit_h_min                      ? 
_reflns.limit_k_max                      ? 
_reflns.limit_k_min                      ? 
_reflns.limit_l_max                      ? 
_reflns.limit_l_min                      ? 
_reflns.number_all                       ? 
_reflns.number_obs                       10925 
_reflns.observed_criterion               ? 
_reflns.observed_criterion_F_max         ? 
_reflns.observed_criterion_F_min         ? 
_reflns.observed_criterion_I_max         ? 
_reflns.observed_criterion_I_min         ? 
_reflns.observed_criterion_sigma_F       ? 
_reflns.observed_criterion_sigma_I       0.000 
_reflns.percent_possible_obs             100.000 
_reflns.R_free_details                   ? 
_reflns.Rmerge_F_all                     ? 
_reflns.Rmerge_F_obs                     ? 
_reflns.Friedel_coverage                 ? 
_reflns.number_gt                        ? 
_reflns.threshold_expression             ? 
_reflns.pdbx_redundancy                  22.900 
_reflns.pdbx_Rmerge_I_obs                0.043 
_reflns.pdbx_Rmerge_I_all                ? 
_reflns.pdbx_Rsym_value                  ? 
_reflns.pdbx_netI_over_av_sigmaI         ? 
_reflns.pdbx_netI_over_sigmaI            40.83 
_reflns.pdbx_res_netI_over_av_sigmaI_2   ? 
_reflns.pdbx_res_netI_over_sigmaI_2      ? 
_reflns.pdbx_chi_squared                 ? 
_reflns.pdbx_scaling_rejects             ? 
_reflns.pdbx_d_res_high_opt              ? 
_reflns.pdbx_d_res_low_opt               ? 
_reflns.pdbx_d_res_opt_method            ? 
_reflns.phase_calculation_details        ? 
_reflns.pdbx_Rrim_I_all                  ? 
_reflns.pdbx_Rpim_I_all                  ? 
_reflns.pdbx_d_opt                       ? 
_reflns.pdbx_number_measured_all         ? 
_reflns.pdbx_diffrn_id                   1 
_reflns.pdbx_ordinal                     1 
_reflns.pdbx_CC_half                     ? 
_reflns.pdbx_R_split                     ? 
# 
_reflns_shell.d_res_high                  1.730 
_reflns_shell.d_res_low                   1.980 
_reflns_shell.meanI_over_sigI_all         ? 
_reflns_shell.meanI_over_sigI_obs         ? 
_reflns_shell.number_measured_all         ? 
_reflns_shell.number_measured_obs         ? 
_reflns_shell.number_possible             ? 
_reflns_shell.number_unique_all           ? 
_reflns_shell.number_unique_obs           ? 
_reflns_shell.percent_possible_all        100.000 
_reflns_shell.percent_possible_obs        ? 
_reflns_shell.Rmerge_F_all                ? 
_reflns_shell.Rmerge_F_obs                ? 
_reflns_shell.Rmerge_I_all                ? 
_reflns_shell.Rmerge_I_obs                0.428 
_reflns_shell.meanI_over_sigI_gt          ? 
_reflns_shell.meanI_over_uI_all           ? 
_reflns_shell.meanI_over_uI_gt            ? 
_reflns_shell.number_measured_gt          ? 
_reflns_shell.number_unique_gt            ? 
_reflns_shell.percent_possible_gt         ? 
_reflns_shell.Rmerge_F_gt                 ? 
_reflns_shell.Rmerge_I_gt                 ? 
_reflns_shell.pdbx_redundancy             23.300 
_reflns_shell.pdbx_Rsym_value             ? 
_reflns_shell.pdbx_chi_squared            ? 
_reflns_shell.pdbx_netI_over_sigmaI_all   ? 
_reflns_shell.pdbx_netI_over_sigmaI_obs   ? 
_reflns_shell.pdbx_Rrim_I_all             ? 
_reflns_shell.pdbx_Rpim_I_all             ? 
_reflns_shell.pdbx_rejects                ? 
_reflns_shell.pdbx_ordinal                1 
_reflns_shell.pdbx_diffrn_id              1 
_reflns_shell.pdbx_CC_half                ? 
_reflns_shell.pdbx_R_split                ? 
# 
_refine.aniso_B[1][1]                            -1.0300 
_refine.aniso_B[1][2]                            -0.5100 
_refine.aniso_B[1][3]                            0.0000 
_refine.aniso_B[2][2]                            -1.0300 
_refine.aniso_B[2][3]                            0.0000 
_refine.aniso_B[3][3]                            1.5400 
_refine.B_iso_max                                62.010 
_refine.B_iso_mean                               17.9100 
_refine.B_iso_min                                9.060 
_refine.correlation_coeff_Fo_to_Fc               0.9450 
_refine.correlation_coeff_Fo_to_Fc_free          0.9310 
_refine.details                                  'HYDROGENS HAVE BEEN ADDED IN THE RIDING POSITIONS' 
_refine.diff_density_max                         ? 
_refine.diff_density_max_esd                     ? 
_refine.diff_density_min                         ? 
_refine.diff_density_min_esd                     ? 
_refine.diff_density_rms                         ? 
_refine.diff_density_rms_esd                     ? 
_refine.entry_id                                 5LAV 
_refine.pdbx_refine_id                           'X-RAY DIFFRACTION' 
_refine.ls_abs_structure_details                 ? 
_refine.ls_abs_structure_Flack                   ? 
_refine.ls_abs_structure_Flack_esd               ? 
_refine.ls_abs_structure_Rogers                  ? 
_refine.ls_abs_structure_Rogers_esd              ? 
_refine.ls_d_res_high                            1.7300 
_refine.ls_d_res_low                             49.0600 
_refine.ls_extinction_coef                       ? 
_refine.ls_extinction_coef_esd                   ? 
_refine.ls_extinction_expression                 ? 
_refine.ls_extinction_method                     ? 
_refine.ls_goodness_of_fit_all                   ? 
_refine.ls_goodness_of_fit_all_esd               ? 
_refine.ls_goodness_of_fit_obs                   ? 
_refine.ls_goodness_of_fit_obs_esd               ? 
_refine.ls_hydrogen_treatment                    ? 
_refine.ls_matrix_type                           ? 
_refine.ls_number_constraints                    ? 
_refine.ls_number_parameters                     ? 
_refine.ls_number_reflns_all                     ? 
_refine.ls_number_reflns_obs                     9857 
_refine.ls_number_reflns_R_free                  1065 
_refine.ls_number_reflns_R_work                  ? 
_refine.ls_number_restraints                     ? 
_refine.ls_percent_reflns_obs                    99.9900 
_refine.ls_percent_reflns_R_free                 9.8000 
_refine.ls_R_factor_all                          ? 
_refine.ls_R_factor_obs                          0.2445 
_refine.ls_R_factor_R_free                       0.2733 
_refine.ls_R_factor_R_free_error                 ? 
_refine.ls_R_factor_R_free_error_details         ? 
_refine.ls_R_factor_R_work                       0.2415 
_refine.ls_R_Fsqd_factor_obs                     ? 
_refine.ls_R_I_factor_obs                        ? 
_refine.ls_redundancy_reflns_all                 ? 
_refine.ls_redundancy_reflns_obs                 ? 
_refine.ls_restrained_S_all                      ? 
_refine.ls_restrained_S_obs                      ? 
_refine.ls_shift_over_esd_max                    ? 
_refine.ls_shift_over_esd_mean                   ? 
_refine.ls_structure_factor_coef                 ? 
_refine.ls_weighting_details                     ? 
_refine.ls_weighting_scheme                      ? 
_refine.ls_wR_factor_all                         ? 
_refine.ls_wR_factor_obs                         ? 
_refine.ls_wR_factor_R_free                      ? 
_refine.ls_wR_factor_R_work                      ? 
_refine.occupancy_max                            ? 
_refine.occupancy_min                            ? 
_refine.solvent_model_details                    ? 
_refine.solvent_model_param_bsol                 ? 
_refine.solvent_model_param_ksol                 ? 
_refine.ls_R_factor_gt                           ? 
_refine.ls_goodness_of_fit_gt                    ? 
_refine.ls_goodness_of_fit_ref                   ? 
_refine.ls_shift_over_su_max                     ? 
_refine.ls_shift_over_su_max_lt                  ? 
_refine.ls_shift_over_su_mean                    ? 
_refine.ls_shift_over_su_mean_lt                 ? 
_refine.pdbx_ls_sigma_I                          ? 
_refine.pdbx_ls_sigma_F                          0.000 
_refine.pdbx_ls_sigma_Fsqd                       ? 
_refine.pdbx_data_cutoff_high_absF               ? 
_refine.pdbx_data_cutoff_high_rms_absF           ? 
_refine.pdbx_data_cutoff_low_absF                ? 
_refine.pdbx_isotropic_thermal_model             ? 
_refine.pdbx_ls_cross_valid_method               THROUGHOUT 
_refine.pdbx_method_to_determine_struct          'MOLECULAR REPLACEMENT' 
_refine.pdbx_starting_model                      NONE 
_refine.pdbx_stereochemistry_target_values       ? 
_refine.pdbx_R_Free_selection_details            RANDOM 
_refine.pdbx_stereochem_target_val_spec_case     ? 
_refine.pdbx_overall_ESU_R                       0.1530 
_refine.pdbx_overall_ESU_R_Free                  0.1410 
_refine.pdbx_solvent_vdw_probe_radii             1.4000 
_refine.pdbx_solvent_ion_probe_radii             0.8000 
_refine.pdbx_solvent_shrinkage_radii             0.8000 
_refine.pdbx_real_space_R                        ? 
_refine.pdbx_density_correlation                 ? 
_refine.pdbx_pd_number_of_powder_patterns        ? 
_refine.pdbx_pd_number_of_points                 ? 
_refine.pdbx_pd_meas_number_of_points            ? 
_refine.pdbx_pd_proc_ls_prof_R_factor            ? 
_refine.pdbx_pd_proc_ls_prof_wR_factor           ? 
_refine.pdbx_pd_Marquardt_correlation_coeff      ? 
_refine.pdbx_pd_Fsqrd_R_factor                   ? 
_refine.pdbx_pd_ls_matrix_band_width             ? 
_refine.pdbx_overall_phase_error                 ? 
_refine.pdbx_overall_SU_R_free_Cruickshank_DPI   ? 
_refine.pdbx_overall_SU_R_free_Blow_DPI          ? 
_refine.pdbx_overall_SU_R_Blow_DPI               ? 
_refine.pdbx_TLS_residual_ADP_flag               ? 
_refine.pdbx_diffrn_id                           1 
_refine.overall_SU_B                             6.8800 
_refine.overall_SU_ML                            0.1130 
_refine.overall_SU_R_Cruickshank_DPI             ? 
_refine.overall_SU_R_free                        ? 
_refine.overall_FOM_free_R_set                   ? 
_refine.overall_FOM_work_R_set                   ? 
_refine.pdbx_average_fsc_overall                 ? 
_refine.pdbx_average_fsc_work                    ? 
_refine.pdbx_average_fsc_free                    ? 
# 
_refine_hist.cycle_id                         final 
_refine_hist.pdbx_refine_id                   'X-RAY DIFFRACTION' 
_refine_hist.d_res_high                       1.7300 
_refine_hist.d_res_low                        49.0600 
_refine_hist.pdbx_number_atoms_ligand         33 
_refine_hist.number_atoms_solvent             32 
_refine_hist.number_atoms_total               830 
_refine_hist.pdbx_number_residues_total       93 
_refine_hist.pdbx_B_iso_mean_ligand           35.62 
_refine_hist.pdbx_B_iso_mean_solvent          43.42 
_refine_hist.pdbx_number_atoms_protein        765 
_refine_hist.pdbx_number_atoms_nucleic_acid   0 
# 
loop_
_refine_ls_restr.pdbx_refine_id 
_refine_ls_restr.criterion 
_refine_ls_restr.dev_ideal 
_refine_ls_restr.dev_ideal_target 
_refine_ls_restr.number 
_refine_ls_restr.rejects 
_refine_ls_restr.type 
_refine_ls_restr.weight 
_refine_ls_restr.pdbx_restraint_function 
'X-RAY DIFFRACTION' ? 0.010  0.022  810  ? r_bond_refined_d       ? ? 
'X-RAY DIFFRACTION' ? 0.002  0.020  540  ? r_bond_other_d         ? ? 
'X-RAY DIFFRACTION' ? 1.245  2.038  1106 ? r_angle_refined_deg    ? ? 
'X-RAY DIFFRACTION' ? 1.028  3.000  1317 ? r_angle_other_deg      ? ? 
'X-RAY DIFFRACTION' ? 5.677  5.000  94   ? r_dihedral_angle_1_deg ? ? 
'X-RAY DIFFRACTION' ? 42.274 24.063 32   ? r_dihedral_angle_2_deg ? ? 
'X-RAY DIFFRACTION' ? 13.992 15.000 140  ? r_dihedral_angle_3_deg ? ? 
'X-RAY DIFFRACTION' ? 5.208  15.000 3    ? r_dihedral_angle_4_deg ? ? 
'X-RAY DIFFRACTION' ? 0.061  0.200  125  ? r_chiral_restr         ? ? 
'X-RAY DIFFRACTION' ? 0.004  0.021  862  ? r_gen_planes_refined   ? ? 
'X-RAY DIFFRACTION' ? 0.001  0.020  159  ? r_gen_planes_other     ? ? 
'X-RAY DIFFRACTION' ? 1.819  2.000  472  ? r_mcbond_it            ? ? 
'X-RAY DIFFRACTION' ? 0.455  2.000  187  ? r_mcbond_other         ? ? 
'X-RAY DIFFRACTION' ? 2.547  3.000  768  ? r_mcangle_it           ? ? 
'X-RAY DIFFRACTION' ? 3.589  4.000  338  ? r_scbond_it            ? ? 
'X-RAY DIFFRACTION' ? 5.236  6.000  338  ? r_scangle_it           ? ? 
# 
_refine_ls_shell.pdbx_refine_id                   'X-RAY DIFFRACTION' 
_refine_ls_shell.d_res_high                       1.7300 
_refine_ls_shell.d_res_low                        1.7750 
_refine_ls_shell.number_reflns_all                791 
_refine_ls_shell.number_reflns_obs                ? 
_refine_ls_shell.number_reflns_R_free             91 
_refine_ls_shell.number_reflns_R_work             700 
_refine_ls_shell.percent_reflns_obs               100.0000 
_refine_ls_shell.percent_reflns_R_free            ? 
_refine_ls_shell.R_factor_all                     ? 
_refine_ls_shell.R_factor_obs                     ? 
_refine_ls_shell.R_factor_R_free                  0.3770 
_refine_ls_shell.R_factor_R_free_error            ? 
_refine_ls_shell.R_factor_R_work                  0.3490 
_refine_ls_shell.redundancy_reflns_all            ? 
_refine_ls_shell.redundancy_reflns_obs            ? 
_refine_ls_shell.wR_factor_all                    ? 
_refine_ls_shell.wR_factor_obs                    ? 
_refine_ls_shell.wR_factor_R_free                 ? 
_refine_ls_shell.wR_factor_R_work                 ? 
_refine_ls_shell.pdbx_total_number_of_bins_used   20 
_refine_ls_shell.pdbx_phase_error                 ? 
_refine_ls_shell.pdbx_fsc_work                    ? 
_refine_ls_shell.pdbx_fsc_free                    ? 
# 
_struct.entry_id                     5LAV 
_struct.title                        
'Novel Spiro[3H-indole-3,2 -pyrrolidin]-2(1H)-one Inhibitors of the MDM2-p53 Interaction: HDM2 (MDM2) in complex with compound 6b' 
_struct.pdbx_model_details           ? 
_struct.pdbx_formula_weight          ? 
_struct.pdbx_formula_weight_method   ? 
_struct.pdbx_model_type_details      ? 
_struct.pdbx_CASP_flag               N 
# 
_struct_keywords.entry_id        5LAV 
_struct_keywords.text            'VIENNA, PPI, MDM2, HDM2, BI, Ligase' 
_struct_keywords.pdbx_keywords   LIGASE 
# 
loop_
_struct_asym.id 
_struct_asym.pdbx_blank_PDB_chainid_flag 
_struct_asym.pdbx_modified 
_struct_asym.entity_id 
_struct_asym.details 
A N N 1 ? 
B N N 2 ? 
C N N 3 ? 
D N N 4 ? 
# 
_struct_ref.id                         1 
_struct_ref.db_name                    UNP 
_struct_ref.db_code                    MDM2_HUMAN 
_struct_ref.pdbx_db_accession          Q00987 
_struct_ref.pdbx_db_isoform            ? 
_struct_ref.entity_id                  1 
_struct_ref.pdbx_seq_one_letter_code   
;IPASEQETLVRPKPLLLKLLKSVGAQKDTYTMKEVLFYLGQYIMTKRLYDEKQQHIVYCSNDLLGDLFGVPSFSVKEHRK
IYTMIYRNLVVVN
;
_struct_ref.pdbx_align_begin           19 
# 
_struct_ref_seq.align_id                      1 
_struct_ref_seq.ref_id                        1 
_struct_ref_seq.pdbx_PDB_id_code              5LAV 
_struct_ref_seq.pdbx_strand_id                A 
_struct_ref_seq.seq_align_beg                 1 
_struct_ref_seq.pdbx_seq_align_beg_ins_code   ? 
_struct_ref_seq.seq_align_end                 93 
_struct_ref_seq.pdbx_seq_align_end_ins_code   ? 
_struct_ref_seq.pdbx_db_accession             Q00987 
_struct_ref_seq.db_align_beg                  19 
_struct_ref_seq.pdbx_db_align_beg_ins_code    ? 
_struct_ref_seq.db_align_end                  111 
_struct_ref_seq.pdbx_db_align_end_ins_code    ? 
_struct_ref_seq.pdbx_auth_seq_align_beg       19 
_struct_ref_seq.pdbx_auth_seq_align_end       111 
# 
_pdbx_struct_assembly.id                   1 
_pdbx_struct_assembly.details              author_and_software_defined_assembly 
_pdbx_struct_assembly.method_details       PISA 
_pdbx_struct_assembly.oligomeric_details   monomeric 
_pdbx_struct_assembly.oligomeric_count     1 
# 
loop_
_pdbx_struct_assembly_prop.biol_id 
_pdbx_struct_assembly_prop.type 
_pdbx_struct_assembly_prop.value 
_pdbx_struct_assembly_prop.details 
1 'ABSA (A^2)' 110  ? 
1 MORE         -8   ? 
1 'SSA (A^2)'  6070 ? 
# 
_pdbx_struct_assembly_gen.assembly_id       1 
_pdbx_struct_assembly_gen.oper_expression   1 
_pdbx_struct_assembly_gen.asym_id_list      A,B,C,D 
# 
_pdbx_struct_oper_list.id                   1 
_pdbx_struct_oper_list.type                 'identity operation' 
_pdbx_struct_oper_list.name                 1_555 
_pdbx_struct_oper_list.symmetry_operation   x,y,z 
_pdbx_struct_oper_list.matrix[1][1]         1.0000000000 
_pdbx_struct_oper_list.matrix[1][2]         0.0000000000 
_pdbx_struct_oper_list.matrix[1][3]         0.0000000000 
_pdbx_struct_oper_list.vector[1]            0.0000000000 
_pdbx_struct_oper_list.matrix[2][1]         0.0000000000 
_pdbx_struct_oper_list.matrix[2][2]         1.0000000000 
_pdbx_struct_oper_list.matrix[2][3]         0.0000000000 
_pdbx_struct_oper_list.vector[2]            0.0000000000 
_pdbx_struct_oper_list.matrix[3][1]         0.0000000000 
_pdbx_struct_oper_list.matrix[3][2]         0.0000000000 
_pdbx_struct_oper_list.matrix[3][3]         1.0000000000 
_pdbx_struct_oper_list.vector[3]            0.0000000000 
# 
loop_
_struct_conf.conf_type_id 
_struct_conf.id 
_struct_conf.pdbx_PDB_helix_id 
_struct_conf.beg_label_comp_id 
_struct_conf.beg_label_asym_id 
_struct_conf.beg_label_seq_id 
_struct_conf.pdbx_beg_PDB_ins_code 
_struct_conf.end_label_comp_id 
_struct_conf.end_label_asym_id 
_struct_conf.end_label_seq_id 
_struct_conf.pdbx_end_PDB_ins_code 
_struct_conf.beg_auth_comp_id 
_struct_conf.beg_auth_asym_id 
_struct_conf.beg_auth_seq_id 
_struct_conf.end_auth_comp_id 
_struct_conf.end_auth_asym_id 
_struct_conf.end_auth_seq_id 
_struct_conf.pdbx_PDB_helix_class 
_struct_conf.details 
_struct_conf.pdbx_PDB_helix_length 
HELX_P HELX_P1 AA1 PRO A 2  ? GLU A 7  ? PRO A 20 GLU A 25  5 ? 6  
HELX_P HELX_P2 AA2 LYS A 13 ? SER A 22 ? LYS A 31 SER A 40  1 ? 10 
HELX_P HELX_P3 AA3 MET A 32 ? LYS A 46 ? MET A 50 LYS A 64  1 ? 15 
HELX_P HELX_P4 AA4 ASP A 62 ? GLY A 69 ? ASP A 80 GLY A 87  1 ? 8  
HELX_P HELX_P5 AA5 GLU A 77 ? ARG A 87 ? GLU A 95 ARG A 105 1 ? 11 
# 
_struct_conf_type.id          HELX_P 
_struct_conf_type.criteria    ? 
_struct_conf_type.reference   ? 
# 
loop_
_struct_sheet.id 
_struct_sheet.type 
_struct_sheet.number_strands 
_struct_sheet.details 
AA1 ? 3 ? 
AA2 ? 2 ? 
# 
loop_
_struct_sheet_order.sheet_id 
_struct_sheet_order.range_id_1 
_struct_sheet_order.range_id_2 
_struct_sheet_order.offset 
_struct_sheet_order.sense 
AA1 1 2 ? anti-parallel 
AA1 2 3 ? anti-parallel 
AA2 1 2 ? anti-parallel 
# 
loop_
_struct_sheet_range.sheet_id 
_struct_sheet_range.id 
_struct_sheet_range.beg_label_comp_id 
_struct_sheet_range.beg_label_asym_id 
_struct_sheet_range.beg_label_seq_id 
_struct_sheet_range.pdbx_beg_PDB_ins_code 
_struct_sheet_range.end_label_comp_id 
_struct_sheet_range.end_label_asym_id 
_struct_sheet_range.end_label_seq_id 
_struct_sheet_range.pdbx_end_PDB_ins_code 
_struct_sheet_range.beg_auth_comp_id 
_struct_sheet_range.beg_auth_asym_id 
_struct_sheet_range.beg_auth_seq_id 
_struct_sheet_range.end_auth_comp_id 
_struct_sheet_range.end_auth_asym_id 
_struct_sheet_range.end_auth_seq_id 
AA1 1 TYR A 30 ? THR A 31 ? TYR A 48  THR A 49  
AA1 2 LEU A 9  ? PRO A 12 ? LEU A 27  PRO A 30  
AA1 3 LEU A 89 ? VAL A 92 ? LEU A 107 VAL A 110 
AA2 1 ILE A 56 ? TYR A 58 ? ILE A 74  TYR A 76  
AA2 2 SER A 72 ? SER A 74 ? SER A 90  SER A 92  
# 
loop_
_pdbx_struct_sheet_hbond.sheet_id 
_pdbx_struct_sheet_hbond.range_id_1 
_pdbx_struct_sheet_hbond.range_id_2 
_pdbx_struct_sheet_hbond.range_1_label_atom_id 
_pdbx_struct_sheet_hbond.range_1_label_comp_id 
_pdbx_struct_sheet_hbond.range_1_label_asym_id 
_pdbx_struct_sheet_hbond.range_1_label_seq_id 
_pdbx_struct_sheet_hbond.range_1_PDB_ins_code 
_pdbx_struct_sheet_hbond.range_1_auth_atom_id 
_pdbx_struct_sheet_hbond.range_1_auth_comp_id 
_pdbx_struct_sheet_hbond.range_1_auth_asym_id 
_pdbx_struct_sheet_hbond.range_1_auth_seq_id 
_pdbx_struct_sheet_hbond.range_2_label_atom_id 
_pdbx_struct_sheet_hbond.range_2_label_comp_id 
_pdbx_struct_sheet_hbond.range_2_label_asym_id 
_pdbx_struct_sheet_hbond.range_2_label_seq_id 
_pdbx_struct_sheet_hbond.range_2_PDB_ins_code 
_pdbx_struct_sheet_hbond.range_2_auth_atom_id 
_pdbx_struct_sheet_hbond.range_2_auth_comp_id 
_pdbx_struct_sheet_hbond.range_2_auth_asym_id 
_pdbx_struct_sheet_hbond.range_2_auth_seq_id 
AA1 1 2 O TYR A 30 ? O TYR A 48 N VAL A 10 ? N VAL A 28  
AA1 2 3 N LEU A 9  ? N LEU A 27 O VAL A 92 ? O VAL A 110 
AA2 1 2 N VAL A 57 ? N VAL A 75 O PHE A 73 ? O PHE A 91  
# 
loop_
_struct_site.id 
_struct_site.pdbx_evidence_code 
_struct_site.pdbx_auth_asym_id 
_struct_site.pdbx_auth_comp_id 
_struct_site.pdbx_auth_seq_id 
_struct_site.pdbx_auth_ins_code 
_struct_site.pdbx_num_residues 
_struct_site.details 
AC1 Software A 6SK 201 ? 8 'binding site for residue 6SK A 201' 
AC2 Software A SO4 202 ? 5 'binding site for residue SO4 A 202' 
# 
loop_
_struct_site_gen.id 
_struct_site_gen.site_id 
_struct_site_gen.pdbx_num_res 
_struct_site_gen.label_comp_id 
_struct_site_gen.label_asym_id 
_struct_site_gen.label_seq_id 
_struct_site_gen.pdbx_auth_ins_code 
_struct_site_gen.auth_comp_id 
_struct_site_gen.auth_asym_id 
_struct_site_gen.auth_seq_id 
_struct_site_gen.label_atom_id 
_struct_site_gen.label_alt_id 
_struct_site_gen.symmetry 
_struct_site_gen.details 
1  AC1 8 LEU A 36 ? LEU A 54  . ? 1_555 ? 
2  AC1 8 MET A 44 ? MET A 62  . ? 1_555 ? 
3  AC1 8 PHE A 68 ? PHE A 86  . ? 1_555 ? 
4  AC1 8 VAL A 75 ? VAL A 93  . ? 1_555 ? 
5  AC1 8 HIS A 78 ? HIS A 96  . ? 1_555 ? 
6  AC1 8 TYR A 82 ? TYR A 100 . ? 1_555 ? 
7  AC1 8 HOH D .  ? HOH A 305 . ? 1_555 ? 
8  AC1 8 HOH D .  ? HOH A 309 . ? 1_555 ? 
9  AC2 5 PRO A 2  ? PRO A 20  . ? 1_555 ? 
10 AC2 5 ALA A 3  ? ALA A 21  . ? 1_555 ? 
11 AC2 5 LYS A 33 ? LYS A 51  . ? 5_554 ? 
12 AC2 5 HOH D .  ? HOH A 302 . ? 5_554 ? 
13 AC2 5 HOH D .  ? HOH A 303 . ? 1_555 ? 
# 
_pdbx_validate_torsion.id              1 
_pdbx_validate_torsion.PDB_model_num   1 
_pdbx_validate_torsion.auth_comp_id    ASN 
_pdbx_validate_torsion.auth_asym_id    A 
_pdbx_validate_torsion.auth_seq_id     79 
_pdbx_validate_torsion.PDB_ins_code    ? 
_pdbx_validate_torsion.label_alt_id    ? 
_pdbx_validate_torsion.phi             -117.40 
_pdbx_validate_torsion.psi             53.17 
# 
loop_
_chem_comp_atom.comp_id 
_chem_comp_atom.atom_id 
_chem_comp_atom.type_symbol 
_chem_comp_atom.pdbx_aromatic_flag 
_chem_comp_atom.pdbx_stereo_config 
_chem_comp_atom.pdbx_ordinal 
6SK C2   C  Y N 1   
6SK C3   C  Y N 2   
6SK C4   C  Y N 3   
6SK C5   C  Y N 4   
6SK C6   C  Y N 5   
6SK C7   C  Y N 6   
6SK C8   C  N S 7   
6SK C15  C  N N 8   
6SK C16  C  N N 9   
6SK C17  C  N N 10  
6SK C18  C  N N 11  
6SK C19  C  N N 12  
6SK C21  C  Y N 13  
6SK C23  C  Y N 14  
6SK C24  C  Y N 15  
6SK C27  C  Y N 16  
6SK CL1  CL N N 17  
6SK C10  C  N S 18  
6SK N12  N  N N 19  
6SK C13  C  N N 20  
6SK N14  N  N N 21  
6SK C20  C  N S 22  
6SK C22  C  Y N 23  
6SK CL2  CL N N 24  
6SK C26  C  Y N 25  
6SK N28  N  N N 26  
6SK C29  C  N N 27  
6SK O30  O  N N 28  
6SK H1   H  N N 29  
6SK H2   H  N N 30  
6SK H3   H  N N 31  
6SK H4   H  N N 32  
6SK H5   H  N N 33  
6SK H6   H  N N 34  
6SK H7   H  N N 35  
6SK H8   H  N N 36  
6SK H9   H  N N 37  
6SK H10  H  N N 38  
6SK H11  H  N N 39  
6SK H12  H  N N 40  
6SK H13  H  N N 41  
6SK H14  H  N N 42  
6SK H15  H  N N 43  
6SK H16  H  N N 44  
6SK H17  H  N N 45  
6SK H18  H  N N 46  
6SK H19  H  N N 47  
6SK H20  H  N N 48  
6SK H22  H  N N 49  
6SK H23  H  N N 50  
6SK H25  H  N N 51  
6SK H26  H  N N 52  
6SK H27  H  N N 53  
ALA N    N  N N 54  
ALA CA   C  N S 55  
ALA C    C  N N 56  
ALA O    O  N N 57  
ALA CB   C  N N 58  
ALA OXT  O  N N 59  
ALA H    H  N N 60  
ALA H2   H  N N 61  
ALA HA   H  N N 62  
ALA HB1  H  N N 63  
ALA HB2  H  N N 64  
ALA HB3  H  N N 65  
ALA HXT  H  N N 66  
ARG N    N  N N 67  
ARG CA   C  N S 68  
ARG C    C  N N 69  
ARG O    O  N N 70  
ARG CB   C  N N 71  
ARG CG   C  N N 72  
ARG CD   C  N N 73  
ARG NE   N  N N 74  
ARG CZ   C  N N 75  
ARG NH1  N  N N 76  
ARG NH2  N  N N 77  
ARG OXT  O  N N 78  
ARG H    H  N N 79  
ARG H2   H  N N 80  
ARG HA   H  N N 81  
ARG HB2  H  N N 82  
ARG HB3  H  N N 83  
ARG HG2  H  N N 84  
ARG HG3  H  N N 85  
ARG HD2  H  N N 86  
ARG HD3  H  N N 87  
ARG HE   H  N N 88  
ARG HH11 H  N N 89  
ARG HH12 H  N N 90  
ARG HH21 H  N N 91  
ARG HH22 H  N N 92  
ARG HXT  H  N N 93  
ASN N    N  N N 94  
ASN CA   C  N S 95  
ASN C    C  N N 96  
ASN O    O  N N 97  
ASN CB   C  N N 98  
ASN CG   C  N N 99  
ASN OD1  O  N N 100 
ASN ND2  N  N N 101 
ASN OXT  O  N N 102 
ASN H    H  N N 103 
ASN H2   H  N N 104 
ASN HA   H  N N 105 
ASN HB2  H  N N 106 
ASN HB3  H  N N 107 
ASN HD21 H  N N 108 
ASN HD22 H  N N 109 
ASN HXT  H  N N 110 
ASP N    N  N N 111 
ASP CA   C  N S 112 
ASP C    C  N N 113 
ASP O    O  N N 114 
ASP CB   C  N N 115 
ASP CG   C  N N 116 
ASP OD1  O  N N 117 
ASP OD2  O  N N 118 
ASP OXT  O  N N 119 
ASP H    H  N N 120 
ASP H2   H  N N 121 
ASP HA   H  N N 122 
ASP HB2  H  N N 123 
ASP HB3  H  N N 124 
ASP HD2  H  N N 125 
ASP HXT  H  N N 126 
CYS N    N  N N 127 
CYS CA   C  N R 128 
CYS C    C  N N 129 
CYS O    O  N N 130 
CYS CB   C  N N 131 
CYS SG   S  N N 132 
CYS OXT  O  N N 133 
CYS H    H  N N 134 
CYS H2   H  N N 135 
CYS HA   H  N N 136 
CYS HB2  H  N N 137 
CYS HB3  H  N N 138 
CYS HG   H  N N 139 
CYS HXT  H  N N 140 
GLN N    N  N N 141 
GLN CA   C  N S 142 
GLN C    C  N N 143 
GLN O    O  N N 144 
GLN CB   C  N N 145 
GLN CG   C  N N 146 
GLN CD   C  N N 147 
GLN OE1  O  N N 148 
GLN NE2  N  N N 149 
GLN OXT  O  N N 150 
GLN H    H  N N 151 
GLN H2   H  N N 152 
GLN HA   H  N N 153 
GLN HB2  H  N N 154 
GLN HB3  H  N N 155 
GLN HG2  H  N N 156 
GLN HG3  H  N N 157 
GLN HE21 H  N N 158 
GLN HE22 H  N N 159 
GLN HXT  H  N N 160 
GLU N    N  N N 161 
GLU CA   C  N S 162 
GLU C    C  N N 163 
GLU O    O  N N 164 
GLU CB   C  N N 165 
GLU CG   C  N N 166 
GLU CD   C  N N 167 
GLU OE1  O  N N 168 
GLU OE2  O  N N 169 
GLU OXT  O  N N 170 
GLU H    H  N N 171 
GLU H2   H  N N 172 
GLU HA   H  N N 173 
GLU HB2  H  N N 174 
GLU HB3  H  N N 175 
GLU HG2  H  N N 176 
GLU HG3  H  N N 177 
GLU HE2  H  N N 178 
GLU HXT  H  N N 179 
GLY N    N  N N 180 
GLY CA   C  N N 181 
GLY C    C  N N 182 
GLY O    O  N N 183 
GLY OXT  O  N N 184 
GLY H    H  N N 185 
GLY H2   H  N N 186 
GLY HA2  H  N N 187 
GLY HA3  H  N N 188 
GLY HXT  H  N N 189 
HIS N    N  N N 190 
HIS CA   C  N S 191 
HIS C    C  N N 192 
HIS O    O  N N 193 
HIS CB   C  N N 194 
HIS CG   C  Y N 195 
HIS ND1  N  Y N 196 
HIS CD2  C  Y N 197 
HIS CE1  C  Y N 198 
HIS NE2  N  Y N 199 
HIS OXT  O  N N 200 
HIS H    H  N N 201 
HIS H2   H  N N 202 
HIS HA   H  N N 203 
HIS HB2  H  N N 204 
HIS HB3  H  N N 205 
HIS HD1  H  N N 206 
HIS HD2  H  N N 207 
HIS HE1  H  N N 208 
HIS HE2  H  N N 209 
HIS HXT  H  N N 210 
HOH O    O  N N 211 
HOH H1   H  N N 212 
HOH H2   H  N N 213 
ILE N    N  N N 214 
ILE CA   C  N S 215 
ILE C    C  N N 216 
ILE O    O  N N 217 
ILE CB   C  N S 218 
ILE CG1  C  N N 219 
ILE CG2  C  N N 220 
ILE CD1  C  N N 221 
ILE OXT  O  N N 222 
ILE H    H  N N 223 
ILE H2   H  N N 224 
ILE HA   H  N N 225 
ILE HB   H  N N 226 
ILE HG12 H  N N 227 
ILE HG13 H  N N 228 
ILE HG21 H  N N 229 
ILE HG22 H  N N 230 
ILE HG23 H  N N 231 
ILE HD11 H  N N 232 
ILE HD12 H  N N 233 
ILE HD13 H  N N 234 
ILE HXT  H  N N 235 
LEU N    N  N N 236 
LEU CA   C  N S 237 
LEU C    C  N N 238 
LEU O    O  N N 239 
LEU CB   C  N N 240 
LEU CG   C  N N 241 
LEU CD1  C  N N 242 
LEU CD2  C  N N 243 
LEU OXT  O  N N 244 
LEU H    H  N N 245 
LEU H2   H  N N 246 
LEU HA   H  N N 247 
LEU HB2  H  N N 248 
LEU HB3  H  N N 249 
LEU HG   H  N N 250 
LEU HD11 H  N N 251 
LEU HD12 H  N N 252 
LEU HD13 H  N N 253 
LEU HD21 H  N N 254 
LEU HD22 H  N N 255 
LEU HD23 H  N N 256 
LEU HXT  H  N N 257 
LYS N    N  N N 258 
LYS CA   C  N S 259 
LYS C    C  N N 260 
LYS O    O  N N 261 
LYS CB   C  N N 262 
LYS CG   C  N N 263 
LYS CD   C  N N 264 
LYS CE   C  N N 265 
LYS NZ   N  N N 266 
LYS OXT  O  N N 267 
LYS H    H  N N 268 
LYS H2   H  N N 269 
LYS HA   H  N N 270 
LYS HB2  H  N N 271 
LYS HB3  H  N N 272 
LYS HG2  H  N N 273 
LYS HG3  H  N N 274 
LYS HD2  H  N N 275 
LYS HD3  H  N N 276 
LYS HE2  H  N N 277 
LYS HE3  H  N N 278 
LYS HZ1  H  N N 279 
LYS HZ2  H  N N 280 
LYS HZ3  H  N N 281 
LYS HXT  H  N N 282 
MET N    N  N N 283 
MET CA   C  N S 284 
MET C    C  N N 285 
MET O    O  N N 286 
MET CB   C  N N 287 
MET CG   C  N N 288 
MET SD   S  N N 289 
MET CE   C  N N 290 
MET OXT  O  N N 291 
MET H    H  N N 292 
MET H2   H  N N 293 
MET HA   H  N N 294 
MET HB2  H  N N 295 
MET HB3  H  N N 296 
MET HG2  H  N N 297 
MET HG3  H  N N 298 
MET HE1  H  N N 299 
MET HE2  H  N N 300 
MET HE3  H  N N 301 
MET HXT  H  N N 302 
PHE N    N  N N 303 
PHE CA   C  N S 304 
PHE C    C  N N 305 
PHE O    O  N N 306 
PHE CB   C  N N 307 
PHE CG   C  Y N 308 
PHE CD1  C  Y N 309 
PHE CD2  C  Y N 310 
PHE CE1  C  Y N 311 
PHE CE2  C  Y N 312 
PHE CZ   C  Y N 313 
PHE OXT  O  N N 314 
PHE H    H  N N 315 
PHE H2   H  N N 316 
PHE HA   H  N N 317 
PHE HB2  H  N N 318 
PHE HB3  H  N N 319 
PHE HD1  H  N N 320 
PHE HD2  H  N N 321 
PHE HE1  H  N N 322 
PHE HE2  H  N N 323 
PHE HZ   H  N N 324 
PHE HXT  H  N N 325 
PRO N    N  N N 326 
PRO CA   C  N S 327 
PRO C    C  N N 328 
PRO O    O  N N 329 
PRO CB   C  N N 330 
PRO CG   C  N N 331 
PRO CD   C  N N 332 
PRO OXT  O  N N 333 
PRO H    H  N N 334 
PRO HA   H  N N 335 
PRO HB2  H  N N 336 
PRO HB3  H  N N 337 
PRO HG2  H  N N 338 
PRO HG3  H  N N 339 
PRO HD2  H  N N 340 
PRO HD3  H  N N 341 
PRO HXT  H  N N 342 
SER N    N  N N 343 
SER CA   C  N S 344 
SER C    C  N N 345 
SER O    O  N N 346 
SER CB   C  N N 347 
SER OG   O  N N 348 
SER OXT  O  N N 349 
SER H    H  N N 350 
SER H2   H  N N 351 
SER HA   H  N N 352 
SER HB2  H  N N 353 
SER HB3  H  N N 354 
SER HG   H  N N 355 
SER HXT  H  N N 356 
SO4 S    S  N N 357 
SO4 O1   O  N N 358 
SO4 O2   O  N N 359 
SO4 O3   O  N N 360 
SO4 O4   O  N N 361 
THR N    N  N N 362 
THR CA   C  N S 363 
THR C    C  N N 364 
THR O    O  N N 365 
THR CB   C  N R 366 
THR OG1  O  N N 367 
THR CG2  C  N N 368 
THR OXT  O  N N 369 
THR H    H  N N 370 
THR H2   H  N N 371 
THR HA   H  N N 372 
THR HB   H  N N 373 
THR HG1  H  N N 374 
THR HG21 H  N N 375 
THR HG22 H  N N 376 
THR HG23 H  N N 377 
THR HXT  H  N N 378 
TYR N    N  N N 379 
TYR CA   C  N S 380 
TYR C    C  N N 381 
TYR O    O  N N 382 
TYR CB   C  N N 383 
TYR CG   C  Y N 384 
TYR CD1  C  Y N 385 
TYR CD2  C  Y N 386 
TYR CE1  C  Y N 387 
TYR CE2  C  Y N 388 
TYR CZ   C  Y N 389 
TYR OH   O  N N 390 
TYR OXT  O  N N 391 
TYR H    H  N N 392 
TYR H2   H  N N 393 
TYR HA   H  N N 394 
TYR HB2  H  N N 395 
TYR HB3  H  N N 396 
TYR HD1  H  N N 397 
TYR HD2  H  N N 398 
TYR HE1  H  N N 399 
TYR HE2  H  N N 400 
TYR HH   H  N N 401 
TYR HXT  H  N N 402 
VAL N    N  N N 403 
VAL CA   C  N S 404 
VAL C    C  N N 405 
VAL O    O  N N 406 
VAL CB   C  N N 407 
VAL CG1  C  N N 408 
VAL CG2  C  N N 409 
VAL OXT  O  N N 410 
VAL H    H  N N 411 
VAL H2   H  N N 412 
VAL HA   H  N N 413 
VAL HB   H  N N 414 
VAL HG11 H  N N 415 
VAL HG12 H  N N 416 
VAL HG13 H  N N 417 
VAL HG21 H  N N 418 
VAL HG22 H  N N 419 
VAL HG23 H  N N 420 
VAL HXT  H  N N 421 
# 
loop_
_chem_comp_bond.comp_id 
_chem_comp_bond.atom_id_1 
_chem_comp_bond.atom_id_2 
_chem_comp_bond.value_order 
_chem_comp_bond.pdbx_aromatic_flag 
_chem_comp_bond.pdbx_stereo_config 
_chem_comp_bond.pdbx_ordinal 
6SK CL1 C2   sing N N 1   
6SK C2  C7   doub Y N 2   
6SK C2  C3   sing Y N 3   
6SK C7  C6   sing Y N 4   
6SK N12 C10  sing N N 5   
6SK C3  C4   doub Y N 6   
6SK C6  C8   sing N N 7   
6SK C6  C5   doub Y N 8   
6SK C8  C10  sing N N 9   
6SK C8  C20  sing N N 10  
6SK C4  C5   sing Y N 11  
6SK C22 C23  doub Y N 12  
6SK C22 C21  sing Y N 13  
6SK C23 C24  sing Y N 14  
6SK C10 C13  sing N N 15  
6SK C13 N14  sing N N 16  
6SK C21 C20  sing N N 17  
6SK C21 C27  doub Y N 18  
6SK C19 C16  sing N N 19  
6SK C20 N14  sing N N 20  
6SK C20 C29  sing N N 21  
6SK C24 CL2  sing N N 22  
6SK C24 C26  doub Y N 23  
6SK N14 C15  sing N N 24  
6SK C17 C16  sing N N 25  
6SK C27 C26  sing Y N 26  
6SK C27 N28  sing N N 27  
6SK C16 C15  sing N N 28  
6SK C16 C18  sing N N 29  
6SK C29 N28  sing N N 30  
6SK C29 O30  doub N N 31  
6SK C3  H1   sing N N 32  
6SK C4  H2   sing N N 33  
6SK C5  H3   sing N N 34  
6SK C7  H4   sing N N 35  
6SK C8  H5   sing N N 36  
6SK C15 H6   sing N N 37  
6SK C15 H7   sing N N 38  
6SK C17 H8   sing N N 39  
6SK C17 H9   sing N N 40  
6SK C17 H10  sing N N 41  
6SK C18 H11  sing N N 42  
6SK C18 H12  sing N N 43  
6SK C18 H13  sing N N 44  
6SK C19 H14  sing N N 45  
6SK C19 H15  sing N N 46  
6SK C19 H16  sing N N 47  
6SK C23 H17  sing N N 48  
6SK C10 H18  sing N N 49  
6SK N12 H19  sing N N 50  
6SK N12 H20  sing N N 51  
6SK C13 H22  sing N N 52  
6SK C13 H23  sing N N 53  
6SK C22 H25  sing N N 54  
6SK C26 H26  sing N N 55  
6SK N28 H27  sing N N 56  
ALA N   CA   sing N N 57  
ALA N   H    sing N N 58  
ALA N   H2   sing N N 59  
ALA CA  C    sing N N 60  
ALA CA  CB   sing N N 61  
ALA CA  HA   sing N N 62  
ALA C   O    doub N N 63  
ALA C   OXT  sing N N 64  
ALA CB  HB1  sing N N 65  
ALA CB  HB2  sing N N 66  
ALA CB  HB3  sing N N 67  
ALA OXT HXT  sing N N 68  
ARG N   CA   sing N N 69  
ARG N   H    sing N N 70  
ARG N   H2   sing N N 71  
ARG CA  C    sing N N 72  
ARG CA  CB   sing N N 73  
ARG CA  HA   sing N N 74  
ARG C   O    doub N N 75  
ARG C   OXT  sing N N 76  
ARG CB  CG   sing N N 77  
ARG CB  HB2  sing N N 78  
ARG CB  HB3  sing N N 79  
ARG CG  CD   sing N N 80  
ARG CG  HG2  sing N N 81  
ARG CG  HG3  sing N N 82  
ARG CD  NE   sing N N 83  
ARG CD  HD2  sing N N 84  
ARG CD  HD3  sing N N 85  
ARG NE  CZ   sing N N 86  
ARG NE  HE   sing N N 87  
ARG CZ  NH1  sing N N 88  
ARG CZ  NH2  doub N N 89  
ARG NH1 HH11 sing N N 90  
ARG NH1 HH12 sing N N 91  
ARG NH2 HH21 sing N N 92  
ARG NH2 HH22 sing N N 93  
ARG OXT HXT  sing N N 94  
ASN N   CA   sing N N 95  
ASN N   H    sing N N 96  
ASN N   H2   sing N N 97  
ASN CA  C    sing N N 98  
ASN CA  CB   sing N N 99  
ASN CA  HA   sing N N 100 
ASN C   O    doub N N 101 
ASN C   OXT  sing N N 102 
ASN CB  CG   sing N N 103 
ASN CB  HB2  sing N N 104 
ASN CB  HB3  sing N N 105 
ASN CG  OD1  doub N N 106 
ASN CG  ND2  sing N N 107 
ASN ND2 HD21 sing N N 108 
ASN ND2 HD22 sing N N 109 
ASN OXT HXT  sing N N 110 
ASP N   CA   sing N N 111 
ASP N   H    sing N N 112 
ASP N   H2   sing N N 113 
ASP CA  C    sing N N 114 
ASP CA  CB   sing N N 115 
ASP CA  HA   sing N N 116 
ASP C   O    doub N N 117 
ASP C   OXT  sing N N 118 
ASP CB  CG   sing N N 119 
ASP CB  HB2  sing N N 120 
ASP CB  HB3  sing N N 121 
ASP CG  OD1  doub N N 122 
ASP CG  OD2  sing N N 123 
ASP OD2 HD2  sing N N 124 
ASP OXT HXT  sing N N 125 
CYS N   CA   sing N N 126 
CYS N   H    sing N N 127 
CYS N   H2   sing N N 128 
CYS CA  C    sing N N 129 
CYS CA  CB   sing N N 130 
CYS CA  HA   sing N N 131 
CYS C   O    doub N N 132 
CYS C   OXT  sing N N 133 
CYS CB  SG   sing N N 134 
CYS CB  HB2  sing N N 135 
CYS CB  HB3  sing N N 136 
CYS SG  HG   sing N N 137 
CYS OXT HXT  sing N N 138 
GLN N   CA   sing N N 139 
GLN N   H    sing N N 140 
GLN N   H2   sing N N 141 
GLN CA  C    sing N N 142 
GLN CA  CB   sing N N 143 
GLN CA  HA   sing N N 144 
GLN C   O    doub N N 145 
GLN C   OXT  sing N N 146 
GLN CB  CG   sing N N 147 
GLN CB  HB2  sing N N 148 
GLN CB  HB3  sing N N 149 
GLN CG  CD   sing N N 150 
GLN CG  HG2  sing N N 151 
GLN CG  HG3  sing N N 152 
GLN CD  OE1  doub N N 153 
GLN CD  NE2  sing N N 154 
GLN NE2 HE21 sing N N 155 
GLN NE2 HE22 sing N N 156 
GLN OXT HXT  sing N N 157 
GLU N   CA   sing N N 158 
GLU N   H    sing N N 159 
GLU N   H2   sing N N 160 
GLU CA  C    sing N N 161 
GLU CA  CB   sing N N 162 
GLU CA  HA   sing N N 163 
GLU C   O    doub N N 164 
GLU C   OXT  sing N N 165 
GLU CB  CG   sing N N 166 
GLU CB  HB2  sing N N 167 
GLU CB  HB3  sing N N 168 
GLU CG  CD   sing N N 169 
GLU CG  HG2  sing N N 170 
GLU CG  HG3  sing N N 171 
GLU CD  OE1  doub N N 172 
GLU CD  OE2  sing N N 173 
GLU OE2 HE2  sing N N 174 
GLU OXT HXT  sing N N 175 
GLY N   CA   sing N N 176 
GLY N   H    sing N N 177 
GLY N   H2   sing N N 178 
GLY CA  C    sing N N 179 
GLY CA  HA2  sing N N 180 
GLY CA  HA3  sing N N 181 
GLY C   O    doub N N 182 
GLY C   OXT  sing N N 183 
GLY OXT HXT  sing N N 184 
HIS N   CA   sing N N 185 
HIS N   H    sing N N 186 
HIS N   H2   sing N N 187 
HIS CA  C    sing N N 188 
HIS CA  CB   sing N N 189 
HIS CA  HA   sing N N 190 
HIS C   O    doub N N 191 
HIS C   OXT  sing N N 192 
HIS CB  CG   sing N N 193 
HIS CB  HB2  sing N N 194 
HIS CB  HB3  sing N N 195 
HIS CG  ND1  sing Y N 196 
HIS CG  CD2  doub Y N 197 
HIS ND1 CE1  doub Y N 198 
HIS ND1 HD1  sing N N 199 
HIS CD2 NE2  sing Y N 200 
HIS CD2 HD2  sing N N 201 
HIS CE1 NE2  sing Y N 202 
HIS CE1 HE1  sing N N 203 
HIS NE2 HE2  sing N N 204 
HIS OXT HXT  sing N N 205 
HOH O   H1   sing N N 206 
HOH O   H2   sing N N 207 
ILE N   CA   sing N N 208 
ILE N   H    sing N N 209 
ILE N   H2   sing N N 210 
ILE CA  C    sing N N 211 
ILE CA  CB   sing N N 212 
ILE CA  HA   sing N N 213 
ILE C   O    doub N N 214 
ILE C   OXT  sing N N 215 
ILE CB  CG1  sing N N 216 
ILE CB  CG2  sing N N 217 
ILE CB  HB   sing N N 218 
ILE CG1 CD1  sing N N 219 
ILE CG1 HG12 sing N N 220 
ILE CG1 HG13 sing N N 221 
ILE CG2 HG21 sing N N 222 
ILE CG2 HG22 sing N N 223 
ILE CG2 HG23 sing N N 224 
ILE CD1 HD11 sing N N 225 
ILE CD1 HD12 sing N N 226 
ILE CD1 HD13 sing N N 227 
ILE OXT HXT  sing N N 228 
LEU N   CA   sing N N 229 
LEU N   H    sing N N 230 
LEU N   H2   sing N N 231 
LEU CA  C    sing N N 232 
LEU CA  CB   sing N N 233 
LEU CA  HA   sing N N 234 
LEU C   O    doub N N 235 
LEU C   OXT  sing N N 236 
LEU CB  CG   sing N N 237 
LEU CB  HB2  sing N N 238 
LEU CB  HB3  sing N N 239 
LEU CG  CD1  sing N N 240 
LEU CG  CD2  sing N N 241 
LEU CG  HG   sing N N 242 
LEU CD1 HD11 sing N N 243 
LEU CD1 HD12 sing N N 244 
LEU CD1 HD13 sing N N 245 
LEU CD2 HD21 sing N N 246 
LEU CD2 HD22 sing N N 247 
LEU CD2 HD23 sing N N 248 
LEU OXT HXT  sing N N 249 
LYS N   CA   sing N N 250 
LYS N   H    sing N N 251 
LYS N   H2   sing N N 252 
LYS CA  C    sing N N 253 
LYS CA  CB   sing N N 254 
LYS CA  HA   sing N N 255 
LYS C   O    doub N N 256 
LYS C   OXT  sing N N 257 
LYS CB  CG   sing N N 258 
LYS CB  HB2  sing N N 259 
LYS CB  HB3  sing N N 260 
LYS CG  CD   sing N N 261 
LYS CG  HG2  sing N N 262 
LYS CG  HG3  sing N N 263 
LYS CD  CE   sing N N 264 
LYS CD  HD2  sing N N 265 
LYS CD  HD3  sing N N 266 
LYS CE  NZ   sing N N 267 
LYS CE  HE2  sing N N 268 
LYS CE  HE3  sing N N 269 
LYS NZ  HZ1  sing N N 270 
LYS NZ  HZ2  sing N N 271 
LYS NZ  HZ3  sing N N 272 
LYS OXT HXT  sing N N 273 
MET N   CA   sing N N 274 
MET N   H    sing N N 275 
MET N   H2   sing N N 276 
MET CA  C    sing N N 277 
MET CA  CB   sing N N 278 
MET CA  HA   sing N N 279 
MET C   O    doub N N 280 
MET C   OXT  sing N N 281 
MET CB  CG   sing N N 282 
MET CB  HB2  sing N N 283 
MET CB  HB3  sing N N 284 
MET CG  SD   sing N N 285 
MET CG  HG2  sing N N 286 
MET CG  HG3  sing N N 287 
MET SD  CE   sing N N 288 
MET CE  HE1  sing N N 289 
MET CE  HE2  sing N N 290 
MET CE  HE3  sing N N 291 
MET OXT HXT  sing N N 292 
PHE N   CA   sing N N 293 
PHE N   H    sing N N 294 
PHE N   H2   sing N N 295 
PHE CA  C    sing N N 296 
PHE CA  CB   sing N N 297 
PHE CA  HA   sing N N 298 
PHE C   O    doub N N 299 
PHE C   OXT  sing N N 300 
PHE CB  CG   sing N N 301 
PHE CB  HB2  sing N N 302 
PHE CB  HB3  sing N N 303 
PHE CG  CD1  doub Y N 304 
PHE CG  CD2  sing Y N 305 
PHE CD1 CE1  sing Y N 306 
PHE CD1 HD1  sing N N 307 
PHE CD2 CE2  doub Y N 308 
PHE CD2 HD2  sing N N 309 
PHE CE1 CZ   doub Y N 310 
PHE CE1 HE1  sing N N 311 
PHE CE2 CZ   sing Y N 312 
PHE CE2 HE2  sing N N 313 
PHE CZ  HZ   sing N N 314 
PHE OXT HXT  sing N N 315 
PRO N   CA   sing N N 316 
PRO N   CD   sing N N 317 
PRO N   H    sing N N 318 
PRO CA  C    sing N N 319 
PRO CA  CB   sing N N 320 
PRO CA  HA   sing N N 321 
PRO C   O    doub N N 322 
PRO C   OXT  sing N N 323 
PRO CB  CG   sing N N 324 
PRO CB  HB2  sing N N 325 
PRO CB  HB3  sing N N 326 
PRO CG  CD   sing N N 327 
PRO CG  HG2  sing N N 328 
PRO CG  HG3  sing N N 329 
PRO CD  HD2  sing N N 330 
PRO CD  HD3  sing N N 331 
PRO OXT HXT  sing N N 332 
SER N   CA   sing N N 333 
SER N   H    sing N N 334 
SER N   H2   sing N N 335 
SER CA  C    sing N N 336 
SER CA  CB   sing N N 337 
SER CA  HA   sing N N 338 
SER C   O    doub N N 339 
SER C   OXT  sing N N 340 
SER CB  OG   sing N N 341 
SER CB  HB2  sing N N 342 
SER CB  HB3  sing N N 343 
SER OG  HG   sing N N 344 
SER OXT HXT  sing N N 345 
SO4 S   O1   doub N N 346 
SO4 S   O2   doub N N 347 
SO4 S   O3   sing N N 348 
SO4 S   O4   sing N N 349 
THR N   CA   sing N N 350 
THR N   H    sing N N 351 
THR N   H2   sing N N 352 
THR CA  C    sing N N 353 
THR CA  CB   sing N N 354 
THR CA  HA   sing N N 355 
THR C   O    doub N N 356 
THR C   OXT  sing N N 357 
THR CB  OG1  sing N N 358 
THR CB  CG2  sing N N 359 
THR CB  HB   sing N N 360 
THR OG1 HG1  sing N N 361 
THR CG2 HG21 sing N N 362 
THR CG2 HG22 sing N N 363 
THR CG2 HG23 sing N N 364 
THR OXT HXT  sing N N 365 
TYR N   CA   sing N N 366 
TYR N   H    sing N N 367 
TYR N   H2   sing N N 368 
TYR CA  C    sing N N 369 
TYR CA  CB   sing N N 370 
TYR CA  HA   sing N N 371 
TYR C   O    doub N N 372 
TYR C   OXT  sing N N 373 
TYR CB  CG   sing N N 374 
TYR CB  HB2  sing N N 375 
TYR CB  HB3  sing N N 376 
TYR CG  CD1  doub Y N 377 
TYR CG  CD2  sing Y N 378 
TYR CD1 CE1  sing Y N 379 
TYR CD1 HD1  sing N N 380 
TYR CD2 CE2  doub Y N 381 
TYR CD2 HD2  sing N N 382 
TYR CE1 CZ   doub Y N 383 
TYR CE1 HE1  sing N N 384 
TYR CE2 CZ   sing Y N 385 
TYR CE2 HE2  sing N N 386 
TYR CZ  OH   sing N N 387 
TYR OH  HH   sing N N 388 
TYR OXT HXT  sing N N 389 
VAL N   CA   sing N N 390 
VAL N   H    sing N N 391 
VAL N   H2   sing N N 392 
VAL CA  C    sing N N 393 
VAL CA  CB   sing N N 394 
VAL CA  HA   sing N N 395 
VAL C   O    doub N N 396 
VAL C   OXT  sing N N 397 
VAL CB  CG1  sing N N 398 
VAL CB  CG2  sing N N 399 
VAL CB  HB   sing N N 400 
VAL CG1 HG11 sing N N 401 
VAL CG1 HG12 sing N N 402 
VAL CG1 HG13 sing N N 403 
VAL CG2 HG21 sing N N 404 
VAL CG2 HG22 sing N N 405 
VAL CG2 HG23 sing N N 406 
VAL OXT HXT  sing N N 407 
# 
_atom_sites.entry_id                    5LAV 
_atom_sites.fract_transf_matrix[1][1]   0.00025302 
_atom_sites.fract_transf_matrix[1][2]   -0.00984493 
_atom_sites.fract_transf_matrix[1][3]   0.01784553 
_atom_sites.fract_transf_matrix[2][1]   0.01177880 
_atom_sites.fract_transf_matrix[2][2]   -0.01646234 
_atom_sites.fract_transf_matrix[2][3]   0.00239120 
_atom_sites.fract_transf_matrix[3][1]   0.00721635 
_atom_sites.fract_transf_matrix[3][2]   0.00559693 
_atom_sites.fract_transf_matrix[3][3]   0.00298537 
_atom_sites.fract_transf_vector[1]      0.175250 
_atom_sites.fract_transf_vector[2]      0.358522 
_atom_sites.fract_transf_vector[3]      0.019642 
# 
loop_
_atom_type.symbol 
C  
CL 
N  
O  
S  
# 
loop_
_atom_site.group_PDB 
_atom_site.id 
_atom_site.type_symbol 
_atom_site.label_atom_id 
_atom_site.label_alt_id 
_atom_site.label_comp_id 
_atom_site.label_asym_id 
_atom_site.label_entity_id 
_atom_site.label_seq_id 
_atom_site.pdbx_PDB_ins_code 
_atom_site.Cartn_x 
_atom_site.Cartn_y 
_atom_site.Cartn_z 
_atom_site.occupancy 
_atom_site.B_iso_or_equiv 
_atom_site.pdbx_formal_charge 
_atom_site.auth_seq_id 
_atom_site.auth_comp_id 
_atom_site.auth_asym_id 
_atom_site.auth_atom_id 
_atom_site.pdbx_PDB_model_num 
ATOM   1   N  N   . ILE A 1 1  ? -16.155 2.230   -3.122  1.00 24.80 ? 19  ILE A N   1 
ATOM   2   C  CA  . ILE A 1 1  ? -15.293 2.743   -2.016  1.00 22.96 ? 19  ILE A CA  1 
ATOM   3   C  C   . ILE A 1 1  ? -15.729 4.174   -1.670  1.00 22.75 ? 19  ILE A C   1 
ATOM   4   O  O   . ILE A 1 1  ? -15.658 5.056   -2.529  1.00 24.89 ? 19  ILE A O   1 
ATOM   5   C  CB  . ILE A 1 1  ? -13.789 2.791   -2.402  1.00 23.59 ? 19  ILE A CB  1 
ATOM   6   C  CG1 . ILE A 1 1  ? -13.280 1.449   -2.966  1.00 25.93 ? 19  ILE A CG1 1 
ATOM   7   C  CG2 . ILE A 1 1  ? -12.959 3.223   -1.197  1.00 22.92 ? 19  ILE A CG2 1 
ATOM   8   C  CD1 . ILE A 1 1  ? -12.861 0.424   -1.931  1.00 25.17 ? 19  ILE A CD1 1 
ATOM   9   N  N   . PRO A 1 2  ? -16.178 4.417   -0.419  1.00 19.90 ? 20  PRO A N   1 
ATOM   10  C  CA  . PRO A 1 2  ? -16.567 5.775   -0.061  1.00 16.97 ? 20  PRO A CA  1 
ATOM   11  C  C   . PRO A 1 2  ? -15.354 6.680   0.151   1.00 15.04 ? 20  PRO A C   1 
ATOM   12  O  O   . PRO A 1 2  ? -14.315 6.209   0.574   1.00 12.41 ? 20  PRO A O   1 
ATOM   13  C  CB  . PRO A 1 2  ? -17.325 5.582   1.252   1.00 15.64 ? 20  PRO A CB  1 
ATOM   14  C  CG  . PRO A 1 2  ? -16.686 4.426   1.872   1.00 18.28 ? 20  PRO A CG  1 
ATOM   15  C  CD  . PRO A 1 2  ? -16.281 3.514   0.741   1.00 19.74 ? 20  PRO A CD  1 
ATOM   16  N  N   . ALA A 1 3  ? -15.529 7.972   -0.122  1.00 18.84 ? 21  ALA A N   1 
ATOM   17  C  CA  . ALA A 1 3  ? -14.481 8.993   0.010   1.00 14.60 ? 21  ALA A CA  1 
ATOM   18  C  C   . ALA A 1 3  ? -13.898 9.063   1.413   1.00 13.83 ? 21  ALA A C   1 
ATOM   19  O  O   . ALA A 1 3  ? -12.710 9.321   1.584   1.00 14.49 ? 21  ALA A O   1 
ATOM   20  C  CB  . ALA A 1 3  ? -15.042 10.366  -0.370  1.00 13.00 ? 21  ALA A CB  1 
ATOM   21  N  N   . SER A 1 4  ? -14.750 8.833   2.412   1.00 12.52 ? 22  SER A N   1 
ATOM   22  C  CA  . SER A 1 4  ? -14.346 8.881   3.821   1.00 12.84 ? 22  SER A CA  1 
ATOM   23  C  C   . SER A 1 4  ? -13.237 7.914   4.207   1.00 12.03 ? 22  SER A C   1 
ATOM   24  O  O   . SER A 1 4  ? -12.492 8.189   5.149   1.00 12.42 ? 22  SER A O   1 
ATOM   25  C  CB  . SER A 1 4  ? -15.554 8.592   4.704   1.00 13.62 ? 22  SER A CB  1 
ATOM   26  O  OG  . SER A 1 4  ? -16.014 7.264   4.437   1.00 12.26 ? 22  SER A OG  1 
ATOM   27  N  N   . GLU A 1 5  ? -13.138 6.787   3.503   1.00 12.27 ? 23  GLU A N   1 
ATOM   28  C  CA  . GLU A 1 5  ? -12.059 5.819   3.776   1.00 12.09 ? 23  GLU A CA  1 
ATOM   29  C  C   . GLU A 1 5  ? -10.674 6.480   3.752   1.00 14.53 ? 23  GLU A C   1 
ATOM   30  O  O   . GLU A 1 5  ? -9.811  6.140   4.569   1.00 15.67 ? 23  GLU A O   1 
ATOM   31  C  CB  . GLU A 1 5  ? -12.125 4.625   2.816   1.00 15.89 ? 23  GLU A CB  1 
ATOM   32  C  CG  . GLU A 1 5  ? -10.944 3.631   2.887   1.00 14.54 ? 23  GLU A CG  1 
ATOM   33  C  CD  . GLU A 1 5  ? -10.692 3.032   4.264   1.00 18.84 ? 23  GLU A CD  1 
ATOM   34  O  OE1 . GLU A 1 5  ? -11.615 2.977   5.096   1.00 22.85 ? 23  GLU A OE1 1 
ATOM   35  O  OE2 . GLU A 1 5  ? -9.540  2.615   4.532   1.00 21.99 ? 23  GLU A OE2 1 
ATOM   36  N  N   . GLN A 1 6  ? -10.465 7.420   2.830   1.00 16.72 ? 24  GLN A N   1 
ATOM   37  C  CA  . GLN A 1 6  ? -9.188  8.164   2.733   1.00 19.27 ? 24  GLN A CA  1 
ATOM   38  C  C   . GLN A 1 6  ? -8.782  8.905   4.014   1.00 19.31 ? 24  GLN A C   1 
ATOM   39  O  O   . GLN A 1 6  ? -7.602  9.095   4.257   1.00 20.78 ? 24  GLN A O   1 
ATOM   40  C  CB  . GLN A 1 6  ? -9.233  9.186   1.585   1.00 23.03 ? 24  GLN A CB  1 
ATOM   41  C  CG  . GLN A 1 6  ? -9.378  8.593   0.191   1.00 31.47 ? 24  GLN A CG  1 
ATOM   42  C  CD  . GLN A 1 6  ? -8.127  7.916   -0.287  1.00 36.27 ? 24  GLN A CD  1 
ATOM   43  O  OE1 . GLN A 1 6  ? -7.787  6.828   0.176   1.00 48.72 ? 24  GLN A OE1 1 
ATOM   44  N  NE2 . GLN A 1 6  ? -7.428  8.549   -1.223  1.00 41.25 ? 24  GLN A NE2 1 
ATOM   45  N  N   . GLU A 1 7  ? -9.753  9.318   4.825   1.00 16.22 ? 25  GLU A N   1 
ATOM   46  C  CA  . GLU A 1 7  ? -9.478  10.067  6.062   1.00 17.30 ? 25  GLU A CA  1 
ATOM   47  C  C   . GLU A 1 7  ? -9.201  9.176   7.271   1.00 17.80 ? 25  GLU A C   1 
ATOM   48  O  O   . GLU A 1 7  ? -8.900  9.693   8.345   1.00 17.43 ? 25  GLU A O   1 
ATOM   49  C  CB  . GLU A 1 7  ? -10.656 10.982  6.400   1.00 17.35 ? 25  GLU A CB  1 
ATOM   50  C  CG  . GLU A 1 7  ? -10.839 12.109  5.423   1.00 18.69 ? 25  GLU A CG  1 
ATOM   51  C  CD  . GLU A 1 7  ? -12.285 12.340  5.090   1.00 17.16 ? 25  GLU A CD  1 
ATOM   52  O  OE1 . GLU A 1 7  ? -13.104 12.553  6.016   1.00 25.89 ? 25  GLU A OE1 1 
ATOM   53  O  OE2 . GLU A 1 7  ? -12.585 12.317  3.884   1.00 27.80 ? 25  GLU A OE2 1 
ATOM   54  N  N   . THR A 1 8  ? -9.357  7.862   7.106   1.00 18.18 ? 26  THR A N   1 
ATOM   55  C  CA  . THR A 1 8  ? -9.120  6.885   8.170   1.00 18.46 ? 26  THR A CA  1 
ATOM   56  C  C   . THR A 1 8  ? -7.698  7.018   8.710   1.00 17.81 ? 26  THR A C   1 
ATOM   57  O  O   . THR A 1 8  ? -6.747  7.035   7.930   1.00 18.10 ? 26  THR A O   1 
ATOM   58  C  CB  . THR A 1 8  ? -9.349  5.450   7.639   1.00 18.18 ? 26  THR A CB  1 
ATOM   59  O  OG1 . THR A 1 8  ? -10.726 5.304   7.283   1.00 23.97 ? 26  THR A OG1 1 
ATOM   60  C  CG2 . THR A 1 8  ? -8.982  4.408   8.669   1.00 20.64 ? 26  THR A CG2 1 
ATOM   61  N  N   . LEU A 1 9  ? -7.573  7.145   10.037  1.00 16.12 ? 27  LEU A N   1 
ATOM   62  C  CA  . LEU A 1 9  ? -6.279  7.286   10.694  1.00 16.25 ? 27  LEU A CA  1 
ATOM   63  C  C   . LEU A 1 9  ? -5.750  5.907   11.079  1.00 14.99 ? 27  LEU A C   1 
ATOM   64  O  O   . LEU A 1 9  ? -6.484  5.073   11.604  1.00 16.00 ? 27  LEU A O   1 
ATOM   65  C  CB  . LEU A 1 9  ? -6.365  8.234   11.893  1.00 14.94 ? 27  LEU A CB  1 
ATOM   66  C  CG  . LEU A 1 9  ? -6.812  9.674   11.589  1.00 18.48 ? 27  LEU A CG  1 
ATOM   67  C  CD1 . LEU A 1 9  ? -7.087  10.456  12.865  1.00 18.98 ? 27  LEU A CD1 1 
ATOM   68  C  CD2 . LEU A 1 9  ? -5.790  10.400  10.724  1.00 16.37 ? 27  LEU A CD2 1 
ATOM   69  N  N   . VAL A 1 10 ? -4.473  5.659   10.786  1.00 15.77 ? 28  VAL A N   1 
ATOM   70  C  CA  . VAL A 1 10 ? -3.893  4.327   10.920  1.00 17.28 ? 28  VAL A CA  1 
ATOM   71  C  C   . VAL A 1 10 ? -2.485  4.354   11.510  1.00 18.59 ? 28  VAL A C   1 
ATOM   72  O  O   . VAL A 1 10 ? -1.735  5.314   11.304  1.00 17.69 ? 28  VAL A O   1 
ATOM   73  C  CB  . VAL A 1 10 ? -3.861  3.573   9.572   1.00 18.54 ? 28  VAL A CB  1 
ATOM   74  C  CG1 . VAL A 1 10 ? -5.277  3.393   9.016   1.00 21.62 ? 28  VAL A CG1 1 
ATOM   75  C  CG2 . VAL A 1 10 ? -2.924  4.270   8.540   1.00 19.64 ? 28  VAL A CG2 1 
ATOM   76  N  N   . ARG A 1 11 ? -2.142  3.287   12.233  1.00 15.67 ? 29  ARG A N   1 
ATOM   77  C  CA  . ARG A 1 11 ? -0.789  3.061   12.758  1.00 17.35 ? 29  ARG A CA  1 
ATOM   78  C  C   . ARG A 1 11 ? -0.215  1.831   12.067  1.00 16.07 ? 29  ARG A C   1 
ATOM   79  O  O   . ARG A 1 11 ? -0.587  0.697   12.402  1.00 16.73 ? 29  ARG A O   1 
ATOM   80  C  CB  . ARG A 1 11 ? -0.798  2.860   14.291  1.00 16.65 ? 29  ARG A CB  1 
ATOM   81  C  CG  . ARG A 1 11 ? -0.869  4.148   15.095  1.00 25.38 ? 29  ARG A CG  1 
ATOM   82  C  CD  . ARG A 1 11 ? -0.606  3.915   16.598  1.00 30.87 ? 29  ARG A CD  1 
ATOM   83  N  NE  . ARG A 1 11 ? -0.996  5.088   17.395  1.00 35.40 ? 29  ARG A NE  1 
ATOM   84  C  CZ  . ARG A 1 11 ? -2.228  5.351   17.846  1.00 41.12 ? 29  ARG A CZ  1 
ATOM   85  N  NH1 . ARG A 1 11 ? -3.254  4.529   17.611  1.00 49.81 ? 29  ARG A NH1 1 
ATOM   86  N  NH2 . ARG A 1 11 ? -2.450  6.458   18.550  1.00 42.59 ? 29  ARG A NH2 1 
ATOM   87  N  N   . PRO A 1 12 ? 0.694   2.025   11.089  1.00 17.34 ? 30  PRO A N   1 
ATOM   88  C  CA  . PRO A 1 12 ? 1.237   0.859   10.403  1.00 18.02 ? 30  PRO A CA  1 
ATOM   89  C  C   . PRO A 1 12 ? 2.043   -0.079  11.307  1.00 15.93 ? 30  PRO A C   1 
ATOM   90  O  O   . PRO A 1 12 ? 2.675   0.369   12.268  1.00 18.55 ? 30  PRO A O   1 
ATOM   91  C  CB  . PRO A 1 12 ? 2.135   1.480   9.319   1.00 17.60 ? 30  PRO A CB  1 
ATOM   92  C  CG  . PRO A 1 12 ? 1.498   2.772   9.043   1.00 19.31 ? 30  PRO A CG  1 
ATOM   93  C  CD  . PRO A 1 12 ? 1.103   3.267   10.412  1.00 18.22 ? 30  PRO A CD  1 
ATOM   94  N  N   . LYS A 1 13 ? 1.995   -1.375  10.998  1.00 16.36 ? 31  LYS A N   1 
ATOM   95  C  CA  . LYS A 1 13 ? 2.838   -2.368  11.662  1.00 16.96 ? 31  LYS A CA  1 
ATOM   96  C  C   . LYS A 1 13 ? 4.280   -2.228  11.143  1.00 19.08 ? 31  LYS A C   1 
ATOM   97  O  O   . LYS A 1 13 ? 4.492   -1.527  10.147  1.00 19.73 ? 31  LYS A O   1 
ATOM   98  C  CB  . LYS A 1 13 ? 2.273   -3.775  11.435  1.00 19.05 ? 31  LYS A CB  1 
ATOM   99  C  CG  . LYS A 1 13 ? 0.944   -3.988  12.145  1.00 18.95 ? 31  LYS A CG  1 
ATOM   100 C  CD  . LYS A 1 13 ? 0.363   -5.348  11.828  1.00 16.53 ? 31  LYS A CD  1 
ATOM   101 C  CE  . LYS A 1 13 ? -1.072  -5.442  12.300  1.00 17.64 ? 31  LYS A CE  1 
ATOM   102 N  NZ  . LYS A 1 13 ? -1.619  -6.799  12.025  1.00 14.70 ? 31  LYS A NZ  1 
ATOM   103 N  N   . PRO A 1 14 ? 5.268   -2.851  11.820  1.00 17.82 ? 32  PRO A N   1 
ATOM   104 C  CA  . PRO A 1 14 ? 6.695   -2.668  11.478  1.00 19.68 ? 32  PRO A CA  1 
ATOM   105 C  C   . PRO A 1 14 ? 7.105   -2.876  10.017  1.00 19.70 ? 32  PRO A C   1 
ATOM   106 O  O   . PRO A 1 14 ? 7.872   -2.065  9.492   1.00 21.49 ? 32  PRO A O   1 
ATOM   107 C  CB  . PRO A 1 14 ? 7.392   -3.696  12.371  1.00 21.19 ? 32  PRO A CB  1 
ATOM   108 C  CG  . PRO A 1 14 ? 6.547   -3.748  13.562  1.00 20.69 ? 32  PRO A CG  1 
ATOM   109 C  CD  . PRO A 1 14 ? 5.140   -3.668  13.047  1.00 18.54 ? 32  PRO A CD  1 
ATOM   110 N  N   . LEU A 1 15 ? 6.592   -3.923  9.371   1.00 18.73 ? 33  LEU A N   1 
ATOM   111 C  CA  . LEU A 1 15 ? 6.939   -4.213  7.966   1.00 20.13 ? 33  LEU A CA  1 
ATOM   112 C  C   . LEU A 1 15 ? 6.449   -3.107  7.035   1.00 19.70 ? 33  LEU A C   1 
ATOM   113 O  O   . LEU A 1 15 ? 7.204   -2.627  6.188   1.00 22.69 ? 33  LEU A O   1 
ATOM   114 C  CB  . LEU A 1 15 ? 6.385   -5.572  7.511   1.00 22.03 ? 33  LEU A CB  1 
ATOM   115 C  CG  . LEU A 1 15 ? 6.991   -6.185  6.246   1.00 22.73 ? 33  LEU A CG  1 
ATOM   116 C  CD1 . LEU A 1 15 ? 8.464   -6.467  6.442   1.00 28.17 ? 33  LEU A CD1 1 
ATOM   117 C  CD2 . LEU A 1 15 ? 6.262   -7.463  5.861   1.00 25.73 ? 33  LEU A CD2 1 
ATOM   118 N  N   . LEU A 1 16 ? 5.191   -2.708  7.197   1.00 18.75 ? 34  LEU A N   1 
ATOM   119 C  CA  . LEU A 1 16 ? 4.625   -1.597  6.424   1.00 18.70 ? 34  LEU A CA  1 
ATOM   120 C  C   . LEU A 1 16 ? 5.312   -0.276  6.748   1.00 19.22 ? 34  LEU A C   1 
ATOM   121 O  O   . LEU A 1 16 ? 5.551   0.527   5.836   1.00 19.36 ? 34  LEU A O   1 
ATOM   122 C  CB  . LEU A 1 16 ? 3.110   -1.469  6.639   1.00 19.30 ? 34  LEU A CB  1 
ATOM   123 C  CG  . LEU A 1 16 ? 2.428   -0.268  5.971   1.00 20.85 ? 34  LEU A CG  1 
ATOM   124 C  CD1 . LEU A 1 16 ? 2.712   -0.267  4.458   1.00 23.10 ? 34  LEU A CD1 1 
ATOM   125 C  CD2 . LEU A 1 16 ? 0.936   -0.245  6.248   1.00 20.62 ? 34  LEU A CD2 1 
ATOM   126 N  N   . LEU A 1 17 ? 5.629   -0.043  8.023   1.00 17.78 ? 35  LEU A N   1 
ATOM   127 C  CA  . LEU A 1 17 ? 6.338   1.190   8.409   1.00 19.17 ? 35  LEU A CA  1 
ATOM   128 C  C   . LEU A 1 17 ? 7.705   1.258   7.722   1.00 19.48 ? 35  LEU A C   1 
ATOM   129 O  O   . LEU A 1 17 ? 8.106   2.319   7.242   1.00 18.94 ? 35  LEU A O   1 
ATOM   130 C  CB  . LEU A 1 17 ? 6.476   1.304   9.935   1.00 21.01 ? 35  LEU A CB  1 
ATOM   131 C  CG  . LEU A 1 17 ? 6.779   2.703   10.481  1.00 23.04 ? 35  LEU A CG  1 
ATOM   132 C  CD1 . LEU A 1 17 ? 5.585   3.647   10.278  1.00 27.03 ? 35  LEU A CD1 1 
ATOM   133 C  CD2 . LEU A 1 17 ? 7.163   2.617   11.963  1.00 26.75 ? 35  LEU A CD2 1 
ATOM   134 N  N   . LYS A 1 18 ? 8.395   0.113   7.656   1.00 18.50 ? 36  LYS A N   1 
ATOM   135 C  CA  . LYS A 1 18 ? 9.679   -0.011  6.951   1.00 20.71 ? 36  LYS A CA  1 
ATOM   136 C  C   . LYS A 1 18 ? 9.551   0.429   5.485   1.00 19.65 ? 36  LYS A C   1 
ATOM   137 O  O   . LYS A 1 18 ? 10.369  1.226   5.000   1.00 20.27 ? 36  LYS A O   1 
ATOM   138 C  CB  . LYS A 1 18 ? 10.196  -1.458  7.025   1.00 20.54 ? 36  LYS A CB  1 
ATOM   139 C  CG  . LYS A 1 18 ? 11.651  -1.666  6.609   1.00 25.06 ? 36  LYS A CG  1 
ATOM   140 C  CD  . LYS A 1 18 ? 11.975  -3.156  6.518   1.00 29.19 ? 36  LYS A CD  1 
ATOM   141 C  CE  . LYS A 1 18 ? 13.454  -3.411  6.307   1.00 31.70 ? 36  LYS A CE  1 
ATOM   142 N  NZ  . LYS A 1 18 ? 14.254  -3.094  7.526   1.00 32.46 ? 36  LYS A NZ  1 
ATOM   143 N  N   . LEU A 1 19 ? 8.519   -0.079  4.808   1.00 19.52 ? 37  LEU A N   1 
ATOM   144 C  CA  . LEU A 1 19 ? 8.225   0.291   3.410   1.00 18.80 ? 37  LEU A CA  1 
ATOM   145 C  C   . LEU A 1 19 ? 7.966   1.797   3.270   1.00 16.77 ? 37  LEU A C   1 
ATOM   146 O  O   . LEU A 1 19 ? 8.537   2.441   2.395   1.00 16.21 ? 37  LEU A O   1 
ATOM   147 C  CB  . LEU A 1 19 ? 7.032   -0.497  2.850   1.00 20.47 ? 37  LEU A CB  1 
ATOM   148 C  CG  . LEU A 1 19 ? 6.798   -0.357  1.334   1.00 24.66 ? 37  LEU A CG  1 
ATOM   149 C  CD1 . LEU A 1 19 ? 6.040   -1.561  0.754   1.00 29.16 ? 37  LEU A CD1 1 
ATOM   150 C  CD2 . LEU A 1 19 ? 6.085   0.939   0.973   1.00 25.82 ? 37  LEU A CD2 1 
ATOM   151 N  N   . LEU A 1 20 ? 7.125   2.348   4.144   1.00 16.59 ? 38  LEU A N   1 
ATOM   152 C  CA  . LEU A 1 20 ? 6.769   3.775   4.073   1.00 16.36 ? 38  LEU A CA  1 
ATOM   153 C  C   . LEU A 1 20 ? 7.984   4.681   4.313   1.00 16.19 ? 38  LEU A C   1 
ATOM   154 O  O   . LEU A 1 20 ? 8.152   5.701   3.627   1.00 14.04 ? 38  LEU A O   1 
ATOM   155 C  CB  . LEU A 1 20 ? 5.646   4.117   5.057   1.00 14.94 ? 38  LEU A CB  1 
ATOM   156 C  CG  . LEU A 1 20 ? 4.288   3.438   4.860   1.00 14.59 ? 38  LEU A CG  1 
ATOM   157 C  CD1 . LEU A 1 20 ? 3.382   3.813   6.018   1.00 19.95 ? 38  LEU A CD1 1 
ATOM   158 C  CD2 . LEU A 1 20 ? 3.654   3.829   3.527   1.00 21.57 ? 38  LEU A CD2 1 
ATOM   159 N  N   . LYS A 1 21 ? 8.853   4.303   5.258   1.00 16.03 ? 39  LYS A N   1 
ATOM   160 C  CA  . LYS A 1 21 ? 10.044  5.106   5.570   1.00 17.17 ? 39  LYS A CA  1 
ATOM   161 C  C   . LYS A 1 21 ? 11.065  5.166   4.412   1.00 15.15 ? 39  LYS A C   1 
ATOM   162 O  O   . LYS A 1 21 ? 11.905  6.061   4.390   1.00 14.33 ? 39  LYS A O   1 
ATOM   163 C  CB  . LYS A 1 21 ? 10.698  4.662   6.899   1.00 16.91 ? 39  LYS A CB  1 
ATOM   164 C  CG  . LYS A 1 21 ? 9.794   4.891   8.137   1.00 24.83 ? 39  LYS A CG  1 
ATOM   165 C  CD  . LYS A 1 21 ? 10.548  5.300   9.412   1.00 32.89 ? 39  LYS A CD  1 
ATOM   166 C  CE  . LYS A 1 21 ? 9.563   5.526   10.575  1.00 35.39 ? 39  LYS A CE  1 
ATOM   167 N  NZ  . LYS A 1 21 ? 10.196  6.029   11.830  1.00 36.31 ? 39  LYS A NZ  1 
ATOM   168 N  N   . SER A 1 22 ? 10.966  4.239   3.450   1.00 17.90 ? 40  SER A N   1 
ATOM   169 C  CA  . SER A 1 22 ? 11.822  4.245   2.247   1.00 17.91 ? 40  SER A CA  1 
ATOM   170 C  C   . SER A 1 22 ? 11.447  5.302   1.194   1.00 17.58 ? 40  SER A C   1 
ATOM   171 O  O   . SER A 1 22 ? 12.284  5.670   0.363   1.00 18.29 ? 40  SER A O   1 
ATOM   172 C  CB  . SER A 1 22 ? 11.832  2.858   1.586   1.00 20.47 ? 40  SER A CB  1 
ATOM   173 O  OG  . SER A 1 22 ? 10.658  2.619   0.830   1.00 20.22 ? 40  SER A OG  1 
ATOM   174 N  N   . VAL A 1 23 ? 10.199  5.761   1.210   1.00 19.94 ? 41  VAL A N   1 
ATOM   175 C  CA  . VAL A 1 23 ? 9.717   6.772   0.255   1.00 22.28 ? 41  VAL A CA  1 
ATOM   176 C  C   . VAL A 1 23 ? 9.402   8.102   0.947   1.00 26.42 ? 41  VAL A C   1 
ATOM   177 O  O   . VAL A 1 23 ? 8.559   8.879   0.476   1.00 29.12 ? 41  VAL A O   1 
ATOM   178 C  CB  . VAL A 1 23 ? 8.516   6.255   -0.593  1.00 21.18 ? 41  VAL A CB  1 
ATOM   179 C  CG1 . VAL A 1 23 ? 8.999   5.189   -1.580  1.00 20.96 ? 41  VAL A CG1 1 
ATOM   180 C  CG2 . VAL A 1 23 ? 7.383   5.718   0.287   1.00 16.88 ? 41  VAL A CG2 1 
ATOM   181 N  N   . GLY A 1 24 ? 10.103  8.366   2.055   1.00 29.25 ? 42  GLY A N   1 
ATOM   182 C  CA  . GLY A 1 24 ? 10.001  9.647   2.763   1.00 29.60 ? 42  GLY A CA  1 
ATOM   183 C  C   . GLY A 1 24 ? 9.294   9.660   4.097   1.00 28.51 ? 42  GLY A C   1 
ATOM   184 O  O   . GLY A 1 24 ? 9.465   10.609  4.865   1.00 28.67 ? 42  GLY A O   1 
ATOM   185 N  N   . ALA A 1 25 ? 8.508   8.628   4.380   1.00 27.29 ? 43  ALA A N   1 
ATOM   186 C  CA  . ALA A 1 25 ? 7.576   8.679   5.513   1.00 27.83 ? 43  ALA A CA  1 
ATOM   187 C  C   . ALA A 1 25 ? 8.335   8.841   6.827   1.00 27.18 ? 43  ALA A C   1 
ATOM   188 O  O   . ALA A 1 25 ? 9.369   8.214   7.047   1.00 27.82 ? 43  ALA A O   1 
ATOM   189 C  CB  . ALA A 1 25 ? 6.673   7.460   5.552   1.00 26.10 ? 43  ALA A CB  1 
ATOM   190 N  N   . GLN A 1 26 ? 7.817   9.724   7.665   1.00 22.91 ? 44  GLN A N   1 
ATOM   191 C  CA  . GLN A 1 26 ? 8.494   10.182  8.873   1.00 22.83 ? 44  GLN A CA  1 
ATOM   192 C  C   . GLN A 1 26 ? 7.759   9.805   10.162  1.00 18.55 ? 44  GLN A C   1 
ATOM   193 O  O   . GLN A 1 26 ? 8.309   9.984   11.248  1.00 14.09 ? 44  GLN A O   1 
ATOM   194 C  CB  . GLN A 1 26 ? 8.599   11.715  8.816   1.00 23.59 ? 44  GLN A CB  1 
ATOM   195 C  CG  . GLN A 1 26 ? 9.761   12.228  8.013   1.00 26.75 ? 44  GLN A CG  1 
ATOM   196 C  CD  . GLN A 1 26 ? 10.941  12.607  8.894   1.00 30.24 ? 44  GLN A CD  1 
ATOM   197 O  OE1 . GLN A 1 26 ? 11.340  11.854  9.787   1.00 35.91 ? 44  GLN A OE1 1 
ATOM   198 N  NE2 . GLN A 1 26 ? 11.493  13.779  8.653   1.00 27.36 ? 44  GLN A NE2 1 
ATOM   199 N  N   . LYS A 1 27 ? 6.539   9.285   10.032  1.00 18.47 ? 45  LYS A N   1 
ATOM   200 C  CA  . LYS A 1 27 ? 5.559   9.305   11.111  1.00 17.75 ? 45  LYS A CA  1 
ATOM   201 C  C   . LYS A 1 27 ? 5.180   7.916   11.580  1.00 19.67 ? 45  LYS A C   1 
ATOM   202 O  O   . LYS A 1 27 ? 5.510   6.911   10.947  1.00 24.88 ? 45  LYS A O   1 
ATOM   203 C  CB  . LYS A 1 27 ? 4.279   9.993   10.652  1.00 16.28 ? 45  LYS A CB  1 
ATOM   204 C  CG  . LYS A 1 27 ? 4.434   11.365  10.057  1.00 24.69 ? 45  LYS A CG  1 
ATOM   205 C  CD  . LYS A 1 27 ? 3.051   11.971  9.876   1.00 26.67 ? 45  LYS A CD  1 
ATOM   206 C  CE  . LYS A 1 27 ? 2.975   12.977  8.767   1.00 30.26 ? 45  LYS A CE  1 
ATOM   207 N  NZ  . LYS A 1 27 ? 1.554   13.342  8.570   1.00 21.23 ? 45  LYS A NZ  1 
ATOM   208 N  N   . ASP A 1 28 ? 4.469   7.885   12.699  1.00 19.12 ? 46  ASP A N   1 
ATOM   209 C  CA  . ASP A 1 28 ? 3.907   6.645   13.230  1.00 20.98 ? 46  ASP A CA  1 
ATOM   210 C  C   . ASP A 1 28 ? 2.393   6.551   13.055  1.00 18.36 ? 46  ASP A C   1 
ATOM   211 O  O   . ASP A 1 28 ? 1.868   5.444   13.088  1.00 17.09 ? 46  ASP A O   1 
ATOM   212 C  CB  . ASP A 1 28 ? 4.276   6.502   14.698  1.00 21.67 ? 46  ASP A CB  1 
ATOM   213 C  CG  . ASP A 1 28 ? 5.777   6.403   14.912  1.00 25.52 ? 46  ASP A CG  1 
ATOM   214 O  OD1 . ASP A 1 28 ? 6.460   5.643   14.178  1.00 23.43 ? 46  ASP A OD1 1 
ATOM   215 O  OD2 . ASP A 1 28 ? 6.272   7.089   15.825  1.00 28.58 ? 46  ASP A OD2 1 
ATOM   216 N  N   . THR A 1 29 ? 1.701   7.689   12.913  1.00 18.01 ? 47  THR A N   1 
ATOM   217 C  CA  . THR A 1 29 ? 0.275   7.694   12.554  1.00 18.08 ? 47  THR A CA  1 
ATOM   218 C  C   . THR A 1 29 ? 0.109   8.429   11.224  1.00 17.97 ? 47  THR A C   1 
ATOM   219 O  O   . THR A 1 29 ? 0.655   9.525   11.041  1.00 20.52 ? 47  THR A O   1 
ATOM   220 C  CB  . THR A 1 29 ? -0.625  8.320   13.667  1.00 18.43 ? 47  THR A CB  1 
ATOM   221 O  OG1 . THR A 1 29 ? -0.432  7.627   14.908  1.00 23.66 ? 47  THR A OG1 1 
ATOM   222 C  CG2 . THR A 1 29 ? -2.102  8.231   13.294  1.00 24.43 ? 47  THR A CG2 1 
ATOM   223 N  N   . TYR A 1 30 ? -0.623  7.806   10.302  1.00 16.32 ? 48  TYR A N   1 
ATOM   224 C  CA  . TYR A 1 30 ? -0.919  8.364   8.983   1.00 19.52 ? 48  TYR A CA  1 
ATOM   225 C  C   . TYR A 1 30 ? -2.415  8.401   8.704   1.00 20.64 ? 48  TYR A C   1 
ATOM   226 O  O   . TYR A 1 30 ? -3.189  7.744   9.391   1.00 21.70 ? 48  TYR A O   1 
ATOM   227 C  CB  . TYR A 1 30 ? -0.269  7.507   7.903   1.00 19.54 ? 48  TYR A CB  1 
ATOM   228 C  CG  . TYR A 1 30 ? 1.232   7.419   7.985   1.00 19.90 ? 48  TYR A CG  1 
ATOM   229 C  CD1 . TYR A 1 30 ? 1.845   6.466   8.796   1.00 19.98 ? 48  TYR A CD1 1 
ATOM   230 C  CD2 . TYR A 1 30 ? 2.042   8.261   7.224   1.00 21.69 ? 48  TYR A CD2 1 
ATOM   231 C  CE1 . TYR A 1 30 ? 3.219   6.360   8.870   1.00 17.34 ? 48  TYR A CE1 1 
ATOM   232 C  CE2 . TYR A 1 30 ? 3.442   8.175   7.293   1.00 22.38 ? 48  TYR A CE2 1 
ATOM   233 C  CZ  . TYR A 1 30 ? 4.018   7.226   8.114   1.00 18.69 ? 48  TYR A CZ  1 
ATOM   234 O  OH  . TYR A 1 30 ? 5.375   7.107   8.202   1.00 20.60 ? 48  TYR A OH  1 
ATOM   235 N  N   . THR A 1 31 ? -2.807  9.163   7.681   1.00 18.92 ? 49  THR A N   1 
ATOM   236 C  CA  . THR A 1 31 ? -4.116  9.001   7.054   1.00 17.88 ? 49  THR A CA  1 
ATOM   237 C  C   . THR A 1 31 ? -3.987  7.891   6.007   1.00 17.30 ? 49  THR A C   1 
ATOM   238 O  O   . THR A 1 31 ? -2.875  7.596   5.535   1.00 15.61 ? 49  THR A O   1 
ATOM   239 C  CB  . THR A 1 31 ? -4.617  10.295  6.364   1.00 19.03 ? 49  THR A CB  1 
ATOM   240 O  OG1 . THR A 1 31 ? -3.750  10.632  5.271   1.00 16.27 ? 49  THR A OG1 1 
ATOM   241 C  CG2 . THR A 1 31 ? -4.683  11.464  7.349   1.00 19.51 ? 49  THR A CG2 1 
ATOM   242 N  N   . MET A 1 32 ? -5.100  7.257   5.653   1.00 17.05 ? 50  MET A N   1 
ATOM   243 C  CA  . MET A 1 32 ? -5.083  6.257   4.568   1.00 18.16 ? 50  MET A CA  1 
ATOM   244 C  C   . MET A 1 32 ? -4.690  6.886   3.216   1.00 16.73 ? 50  MET A C   1 
ATOM   245 O  O   . MET A 1 32 ? -3.997  6.247   2.414   1.00 17.25 ? 50  MET A O   1 
ATOM   246 C  CB  . MET A 1 32 ? -6.413  5.497   4.471   1.00 20.65 ? 50  MET A CB  1 
ATOM   247 C  CG  . MET A 1 32 ? -6.509  4.303   5.422   1.00 25.37 ? 50  MET A CG  1 
ATOM   248 S  SD  . MET A 1 32 ? -5.222  3.041   5.171   1.00 27.66 ? 50  MET A SD  1 
ATOM   249 C  CE  . MET A 1 32 ? -5.479  2.647   3.468   1.00 18.46 ? 50  MET A CE  1 
ATOM   250 N  N   . LYS A 1 33 ? -5.088  8.140   2.998   1.00 18.12 ? 51  LYS A N   1 
ATOM   251 C  CA  . LYS A 1 33 ? -4.603  8.905   1.856   1.00 16.96 ? 51  LYS A CA  1 
ATOM   252 C  C   . LYS A 1 33 ? -3.075  8.910   1.786   1.00 15.31 ? 51  LYS A C   1 
ATOM   253 O  O   . LYS A 1 33 ? -2.514  8.665   0.718   1.00 16.77 ? 51  LYS A O   1 
ATOM   254 C  CB  . LYS A 1 33 ? -5.105  10.349  1.895   1.00 18.32 ? 51  LYS A CB  1 
ATOM   255 C  CG  . LYS A 1 33 ? -4.753  11.169  0.646   1.00 16.77 ? 51  LYS A CG  1 
ATOM   256 C  CD  . LYS A 1 33 ? -5.200  12.616  0.768   1.00 20.06 ? 51  LYS A CD  1 
ATOM   257 C  CE  . LYS A 1 33 ? -4.832  13.404  -0.487  1.00 21.22 ? 51  LYS A CE  1 
ATOM   258 N  NZ  . LYS A 1 33 ? -5.236  14.828  -0.404  1.00 19.52 ? 51  LYS A NZ  1 
ATOM   259 N  N   . GLU A 1 34 ? -2.412  9.208   2.907   1.00 15.66 ? 52  GLU A N   1 
ATOM   260 C  CA  . GLU A 1 34 ? -0.929  9.196   2.969   1.00 14.63 ? 52  GLU A CA  1 
ATOM   261 C  C   . GLU A 1 34 ? -0.363  7.803   2.671   1.00 15.98 ? 52  GLU A C   1 
ATOM   262 O  O   . GLU A 1 34 ? 0.535   7.655   1.846   1.00 17.76 ? 52  GLU A O   1 
ATOM   263 C  CB  . GLU A 1 34 ? -0.407  9.666   4.328   1.00 13.78 ? 52  GLU A CB  1 
ATOM   264 C  CG  . GLU A 1 34 ? -0.501  11.150  4.585   1.00 17.62 ? 52  GLU A CG  1 
ATOM   265 C  CD  . GLU A 1 34 ? -0.114  11.530  6.009   1.00 21.40 ? 52  GLU A CD  1 
ATOM   266 O  OE1 . GLU A 1 34 ? -0.588  10.876  6.957   1.00 18.51 ? 52  GLU A OE1 1 
ATOM   267 O  OE2 . GLU A 1 34 ? 0.660   12.492  6.188   1.00 25.14 ? 52  GLU A OE2 1 
ATOM   268 N  N   . VAL A 1 35 ? -0.896  6.786   3.345   1.00 15.89 ? 53  VAL A N   1 
ATOM   269 C  CA  . VAL A 1 35 ? -0.485  5.406   3.123   1.00 16.58 ? 53  VAL A CA  1 
ATOM   270 C  C   . VAL A 1 35 ? -0.621  4.972   1.649   1.00 14.53 ? 53  VAL A C   1 
ATOM   271 O  O   . VAL A 1 35 ? 0.305   4.382   1.087   1.00 17.74 ? 53  VAL A O   1 
ATOM   272 C  CB  . VAL A 1 35 ? -1.251  4.437   4.052   1.00 16.11 ? 53  VAL A CB  1 
ATOM   273 C  CG1 . VAL A 1 35 ? -0.949  2.979   3.709   1.00 18.89 ? 53  VAL A CG1 1 
ATOM   274 C  CG2 . VAL A 1 35 ? -0.875  4.720   5.505   1.00 13.81 ? 53  VAL A CG2 1 
ATOM   275 N  N   . LEU A 1 36 ? -1.749  5.298   1.030   1.00 16.87 ? 54  LEU A N   1 
ATOM   276 C  CA  . LEU A 1 36 ? -1.972  4.974   -0.379  1.00 15.43 ? 54  LEU A CA  1 
ATOM   277 C  C   . LEU A 1 36 ? -1.036  5.750   -1.306  1.00 16.75 ? 54  LEU A C   1 
ATOM   278 O  O   . LEU A 1 36 ? -0.520  5.186   -2.286  1.00 17.84 ? 54  LEU A O   1 
ATOM   279 C  CB  . LEU A 1 36 ? -3.438  5.200   -0.767  1.00 16.44 ? 54  LEU A CB  1 
ATOM   280 C  CG  . LEU A 1 36 ? -4.341  4.059   -0.285  1.00 17.45 ? 54  LEU A CG  1 
ATOM   281 C  CD1 . LEU A 1 36 ? -5.795  4.523   -0.177  1.00 20.59 ? 54  LEU A CD1 1 
ATOM   282 C  CD2 . LEU A 1 36 ? -4.192  2.846   -1.213  1.00 22.92 ? 54  LEU A CD2 1 
ATOM   283 N  N   . PHE A 1 37 ? -0.793  7.024   -1.003  1.00 18.19 ? 55  PHE A N   1 
ATOM   284 C  CA  . PHE A 1 37 ? 0.181   7.805   -1.766  1.00 16.63 ? 55  PHE A CA  1 
ATOM   285 C  C   . PHE A 1 37 ? 1.603   7.259   -1.690  1.00 15.98 ? 55  PHE A C   1 
ATOM   286 O  O   . PHE A 1 37 ? 2.297   7.175   -2.727  1.00 15.85 ? 55  PHE A O   1 
ATOM   287 C  CB  . PHE A 1 37 ? 0.224   9.271   -1.340  1.00 18.58 ? 55  PHE A CB  1 
ATOM   288 C  CG  . PHE A 1 37 ? 1.390   10.009  -1.931  1.00 16.13 ? 55  PHE A CG  1 
ATOM   289 C  CD1 . PHE A 1 37 ? 1.346   10.449  -3.247  1.00 15.36 ? 55  PHE A CD1 1 
ATOM   290 C  CD2 . PHE A 1 37 ? 2.560   10.201  -1.196  1.00 14.39 ? 55  PHE A CD2 1 
ATOM   291 C  CE1 . PHE A 1 37 ? 2.435   11.116  -3.817  1.00 14.77 ? 55  PHE A CE1 1 
ATOM   292 C  CE2 . PHE A 1 37 ? 3.658   10.848  -1.758  1.00 11.77 ? 55  PHE A CE2 1 
ATOM   293 C  CZ  . PHE A 1 37 ? 3.593   11.313  -3.075  1.00 15.36 ? 55  PHE A CZ  1 
ATOM   294 N  N   . TYR A 1 38 ? 2.065   6.962   -0.474  1.00 13.66 ? 56  TYR A N   1 
ATOM   295 C  CA  . TYR A 1 38 ? 3.426   6.471   -0.286  1.00 15.44 ? 56  TYR A CA  1 
ATOM   296 C  C   . TYR A 1 38 ? 3.604   5.067   -0.880  1.00 14.57 ? 56  TYR A C   1 
ATOM   297 O  O   . TYR A 1 38 ? 4.666   4.779   -1.448  1.00 16.45 ? 56  TYR A O   1 
ATOM   298 C  CB  . TYR A 1 38 ? 3.857   6.508   1.187   1.00 15.36 ? 56  TYR A CB  1 
ATOM   299 C  CG  . TYR A 1 38 ? 4.069   7.910   1.734   1.00 16.16 ? 56  TYR A CG  1 
ATOM   300 C  CD1 . TYR A 1 38 ? 4.980   8.789   1.145   1.00 15.67 ? 56  TYR A CD1 1 
ATOM   301 C  CD2 . TYR A 1 38 ? 3.366   8.353   2.848   1.00 15.42 ? 56  TYR A CD2 1 
ATOM   302 C  CE1 . TYR A 1 38 ? 5.168   10.075  1.650   1.00 17.49 ? 56  TYR A CE1 1 
ATOM   303 C  CE2 . TYR A 1 38 ? 3.547   9.619   3.352   1.00 13.96 ? 56  TYR A CE2 1 
ATOM   304 C  CZ  . TYR A 1 38 ? 4.447   10.478  2.760   1.00 19.03 ? 56  TYR A CZ  1 
ATOM   305 O  OH  . TYR A 1 38 ? 4.603   11.732  3.280   1.00 23.40 ? 56  TYR A OH  1 
ATOM   306 N  N   . LEU A 1 39 ? 2.584   4.209   -0.767  1.00 17.03 ? 57  LEU A N   1 
ATOM   307 C  CA  . LEU A 1 39 ? 2.603   2.907   -1.472  1.00 17.20 ? 57  LEU A CA  1 
ATOM   308 C  C   . LEU A 1 39 ? 2.692   3.067   -3.002  1.00 18.18 ? 57  LEU A C   1 
ATOM   309 O  O   . LEU A 1 39 ? 3.491   2.384   -3.667  1.00 16.32 ? 57  LEU A O   1 
ATOM   310 C  CB  . LEU A 1 39 ? 1.392   2.053   -1.109  1.00 17.51 ? 57  LEU A CB  1 
ATOM   311 C  CG  . LEU A 1 39 ? 1.485   1.392   0.272   1.00 18.93 ? 57  LEU A CG  1 
ATOM   312 C  CD1 . LEU A 1 39 ? 0.108   0.867   0.667   1.00 25.04 ? 57  LEU A CD1 1 
ATOM   313 C  CD2 . LEU A 1 39 ? 2.520   0.276   0.312   1.00 24.55 ? 57  LEU A CD2 1 
ATOM   314 N  N   . GLY A 1 40 ? 1.875   3.968   -3.543  1.00 16.60 ? 58  GLY A N   1 
ATOM   315 C  CA  . GLY A 1 40 ? 1.913   4.305   -4.977  1.00 17.11 ? 58  GLY A CA  1 
ATOM   316 C  C   . GLY A 1 40 ? 3.275   4.796   -5.438  1.00 16.65 ? 58  GLY A C   1 
ATOM   317 O  O   . GLY A 1 40 ? 3.769   4.377   -6.501  1.00 16.77 ? 58  GLY A O   1 
ATOM   318 N  N   . GLN A 1 41 ? 3.884   5.672   -4.635  1.00 19.12 ? 59  GLN A N   1 
ATOM   319 C  CA  . GLN A 1 41 ? 5.254   6.148   -4.878  1.00 18.37 ? 59  GLN A CA  1 
ATOM   320 C  C   . GLN A 1 41 ? 6.282   5.021   -4.846  1.00 18.78 ? 59  GLN A C   1 
ATOM   321 O  O   . GLN A 1 41 ? 7.167   4.984   -5.695  1.00 16.57 ? 59  GLN A O   1 
ATOM   322 C  CB  . GLN A 1 41 ? 5.667   7.235   -3.868  1.00 21.79 ? 59  GLN A CB  1 
ATOM   323 C  CG  . GLN A 1 41 ? 5.288   8.643   -4.266  1.00 25.59 ? 59  GLN A CG  1 
ATOM   324 C  CD  . GLN A 1 41 ? 6.158   9.194   -5.385  1.00 25.81 ? 59  GLN A CD  1 
ATOM   325 O  OE1 . GLN A 1 41 ? 5.732   9.260   -6.533  1.00 23.50 ? 59  GLN A OE1 1 
ATOM   326 N  NE2 . GLN A 1 41 ? 7.388   9.581   -5.052  1.00 32.78 ? 59  GLN A NE2 1 
ATOM   327 N  N   . TYR A 1 42 ? 6.146   4.113   -3.874  1.00 17.81 ? 60  TYR A N   1 
ATOM   328 C  CA  . TYR A 1 42 ? 7.009   2.932   -3.741  1.00 17.55 ? 60  TYR A CA  1 
ATOM   329 C  C   . TYR A 1 42 ? 6.910   2.035   -4.988  1.00 16.43 ? 60  TYR A C   1 
ATOM   330 O  O   . TYR A 1 42 ? 7.933   1.662   -5.580  1.00 15.85 ? 60  TYR A O   1 
ATOM   331 C  CB  . TYR A 1 42 ? 6.640   2.145   -2.464  1.00 17.52 ? 60  TYR A CB  1 
ATOM   332 C  CG  . TYR A 1 42 ? 7.472   0.912   -2.216  1.00 20.43 ? 60  TYR A CG  1 
ATOM   333 C  CD1 . TYR A 1 42 ? 8.680   0.986   -1.523  1.00 22.57 ? 60  TYR A CD1 1 
ATOM   334 C  CD2 . TYR A 1 42 ? 7.057   -0.336  -2.683  1.00 22.33 ? 60  TYR A CD2 1 
ATOM   335 C  CE1 . TYR A 1 42 ? 9.444   -0.148  -1.294  1.00 24.85 ? 60  TYR A CE1 1 
ATOM   336 C  CE2 . TYR A 1 42 ? 7.810   -1.471  -2.463  1.00 25.09 ? 60  TYR A CE2 1 
ATOM   337 C  CZ  . TYR A 1 42 ? 9.004   -1.379  -1.764  1.00 25.85 ? 60  TYR A CZ  1 
ATOM   338 O  OH  . TYR A 1 42 ? 9.766   -2.511  -1.553  1.00 30.57 ? 60  TYR A OH  1 
ATOM   339 N  N   . ILE A 1 43 ? 5.678   1.726   -5.396  1.00 14.85 ? 61  ILE A N   1 
ATOM   340 C  CA  . ILE A 1 43 ? 5.405   0.990   -6.642  1.00 16.07 ? 61  ILE A CA  1 
ATOM   341 C  C   . ILE A 1 43 ? 6.012   1.616   -7.921  1.00 16.29 ? 61  ILE A C   1 
ATOM   342 O  O   . ILE A 1 43 ? 6.678   0.918   -8.689  1.00 15.81 ? 61  ILE A O   1 
ATOM   343 C  CB  . ILE A 1 43 ? 3.883   0.781   -6.838  1.00 16.74 ? 61  ILE A CB  1 
ATOM   344 C  CG1 . ILE A 1 43 ? 3.375   -0.222  -5.799  1.00 16.43 ? 61  ILE A CG1 1 
ATOM   345 C  CG2 . ILE A 1 43 ? 3.573   0.300   -8.273  1.00 15.47 ? 61  ILE A CG2 1 
ATOM   346 C  CD1 . ILE A 1 43 ? 1.885   -0.217  -5.590  1.00 14.46 ? 61  ILE A CD1 1 
ATOM   347 N  N   . MET A 1 44 ? 5.761   2.903   -8.156  1.00 13.81 ? 62  MET A N   1 
ATOM   348 C  CA  . MET A 1 44 ? 6.284   3.573   -9.366  1.00 16.52 ? 62  MET A CA  1 
ATOM   349 C  C   . MET A 1 44 ? 7.788   3.774   -9.316  1.00 17.20 ? 62  MET A C   1 
ATOM   350 O  O   . MET A 1 44 ? 8.436   3.761   -10.362 1.00 16.03 ? 62  MET A O   1 
ATOM   351 C  CB  . MET A 1 44 ? 5.604   4.925   -9.607  1.00 16.33 ? 62  MET A CB  1 
ATOM   352 C  CG  . MET A 1 44 ? 4.130   4.817   -9.936  1.00 22.14 ? 62  MET A CG  1 
ATOM   353 S  SD  . MET A 1 44 ? 3.815   3.833   -11.422 1.00 30.12 ? 62  MET A SD  1 
ATOM   354 C  CE  . MET A 1 44 ? 4.396   4.945   -12.697 1.00 25.32 ? 62  MET A CE  1 
ATOM   355 N  N   . THR A 1 45 ? 8.334   3.957   -8.116  1.00 19.52 ? 63  THR A N   1 
ATOM   356 C  CA  . THR A 1 45 ? 9.787   4.083   -7.925  1.00 22.14 ? 63  THR A CA  1 
ATOM   357 C  C   . THR A 1 45 ? 10.524  2.790   -8.278  1.00 20.55 ? 63  THR A C   1 
ATOM   358 O  O   . THR A 1 45 ? 11.580  2.823   -8.917  1.00 18.33 ? 63  THR A O   1 
ATOM   359 C  CB  . THR A 1 45 ? 10.125  4.557   -6.476  1.00 24.09 ? 63  THR A CB  1 
ATOM   360 O  OG1 . THR A 1 45 ? 9.886   5.970   -6.380  1.00 26.94 ? 63  THR A OG1 1 
ATOM   361 C  CG2 . THR A 1 45 ? 11.576  4.271   -6.099  1.00 32.04 ? 63  THR A CG2 1 
ATOM   362 N  N   . LYS A 1 46 ? 9.948   1.661   -7.891  1.00 18.95 ? 64  LYS A N   1 
ATOM   363 C  CA  . LYS A 1 46 ? 10.540  0.342   -8.138  1.00 20.29 ? 64  LYS A CA  1 
ATOM   364 C  C   . LYS A 1 46 ? 10.085  -0.301  -9.464  1.00 20.14 ? 64  LYS A C   1 
ATOM   365 O  O   . LYS A 1 46 ? 10.420  -1.453  -9.743  1.00 20.04 ? 64  LYS A O   1 
ATOM   366 C  CB  . LYS A 1 46 ? 10.247  -0.553  -6.927  1.00 24.35 ? 64  LYS A CB  1 
ATOM   367 C  CG  . LYS A 1 46 ? 10.842  0.007   -5.643  1.00 25.90 ? 64  LYS A CG  1 
ATOM   368 C  CD  . LYS A 1 46 ? 10.952  -1.031  -4.532  1.00 29.77 ? 64  LYS A CD  1 
ATOM   369 C  CE  . LYS A 1 46 ? 12.275  -1.789  -4.564  1.00 33.45 ? 64  LYS A CE  1 
ATOM   370 N  NZ  . LYS A 1 46 ? 12.522  -2.545  -3.299  1.00 36.32 ? 64  LYS A NZ  1 
ATOM   371 N  N   . ARG A 1 47 ? 9.362   0.460   -10.297 1.00 21.28 ? 65  ARG A N   1 
ATOM   372 C  CA  . ARG A 1 47 ? 8.791   -0.027  -11.567 1.00 21.89 ? 65  ARG A CA  1 
ATOM   373 C  C   . ARG A 1 47 ? 8.129   -1.408  -11.431 1.00 20.62 ? 65  ARG A C   1 
ATOM   374 O  O   . ARG A 1 47 ? 8.375   -2.320  -12.233 1.00 20.30 ? 65  ARG A O   1 
ATOM   375 C  CB  . ARG A 1 47 ? 9.832   0.007   -12.697 1.00 23.10 ? 65  ARG A CB  1 
ATOM   376 C  CG  . ARG A 1 47 ? 10.283  1.419   -13.082 1.00 27.22 ? 65  ARG A CG  1 
ATOM   377 C  CD  . ARG A 1 47 ? 10.752  1.489   -14.534 1.00 34.25 ? 65  ARG A CD  1 
ATOM   378 N  NE  . ARG A 1 47 ? 11.296  2.803   -14.890 1.00 37.60 ? 65  ARG A NE  1 
ATOM   379 C  CZ  . ARG A 1 47 ? 11.651  3.185   -16.122 1.00 41.53 ? 65  ARG A CZ  1 
ATOM   380 N  NH1 . ARG A 1 47 ? 11.529  2.363   -17.169 1.00 43.83 ? 65  ARG A NH1 1 
ATOM   381 N  NH2 . ARG A 1 47 ? 12.136  4.409   -16.316 1.00 42.92 ? 65  ARG A NH2 1 
ATOM   382 N  N   . LEU A 1 48 ? 7.308   -1.543  -10.389 1.00 17.89 ? 66  LEU A N   1 
ATOM   383 C  CA  . LEU A 1 48 ? 6.476   -2.731  -10.182 1.00 18.76 ? 66  LEU A CA  1 
ATOM   384 C  C   . LEU A 1 48 ? 5.191   -2.670  -11.013 1.00 19.86 ? 66  LEU A C   1 
ATOM   385 O  O   . LEU A 1 48 ? 4.486   -3.672  -11.106 1.00 18.92 ? 66  LEU A O   1 
ATOM   386 C  CB  . LEU A 1 48 ? 6.132   -2.906  -8.695  1.00 19.15 ? 66  LEU A CB  1 
ATOM   387 C  CG  . LEU A 1 48 ? 7.292   -2.914  -7.692  1.00 18.30 ? 66  LEU A CG  1 
ATOM   388 C  CD1 . LEU A 1 48 ? 6.810   -3.270  -6.286  1.00 20.07 ? 66  LEU A CD1 1 
ATOM   389 C  CD2 . LEU A 1 48 ? 8.408   -3.857  -8.133  1.00 19.36 ? 66  LEU A CD2 1 
ATOM   390 N  N   . TYR A 1 49 ? 4.907   -1.508  -11.614 1.00 19.46 ? 67  TYR A N   1 
ATOM   391 C  CA  . TYR A 1 49 ? 3.706   -1.271  -12.412 1.00 20.96 ? 67  TYR A CA  1 
ATOM   392 C  C   . TYR A 1 49 ? 4.043   -0.571  -13.736 1.00 23.21 ? 67  TYR A C   1 
ATOM   393 O  O   . TYR A 1 49 ? 4.985   0.217   -13.806 1.00 21.97 ? 67  TYR A O   1 
ATOM   394 C  CB  . TYR A 1 49 ? 2.740   -0.387  -11.619 1.00 20.17 ? 67  TYR A CB  1 
ATOM   395 C  CG  . TYR A 1 49 ? 1.463   -0.027  -12.355 1.00 19.73 ? 67  TYR A CG  1 
ATOM   396 C  CD1 . TYR A 1 49 ? 0.388   -0.914  -12.398 1.00 24.59 ? 67  TYR A CD1 1 
ATOM   397 C  CD2 . TYR A 1 49 ? 1.333   1.200   -13.010 1.00 20.59 ? 67  TYR A CD2 1 
ATOM   398 C  CE1 . TYR A 1 49 ? -0.791  -0.589  -13.076 1.00 28.03 ? 67  TYR A CE1 1 
ATOM   399 C  CE2 . TYR A 1 49 ? 0.159   1.534   -13.696 1.00 27.64 ? 67  TYR A CE2 1 
ATOM   400 C  CZ  . TYR A 1 49 ? -0.900  0.636   -13.723 1.00 29.56 ? 67  TYR A CZ  1 
ATOM   401 O  OH  . TYR A 1 49 ? -2.056  0.963   -14.394 1.00 32.90 ? 67  TYR A OH  1 
ATOM   402 N  N   . ASP A 1 50 ? 3.245   -0.859  -14.763 1.00 26.36 ? 68  ASP A N   1 
ATOM   403 C  CA  . ASP A 1 50 ? 3.275   -0.140  -16.043 1.00 28.16 ? 68  ASP A CA  1 
ATOM   404 C  C   . ASP A 1 50 ? 1.944   -0.378  -16.773 1.00 30.46 ? 68  ASP A C   1 
ATOM   405 O  O   . ASP A 1 50 ? 1.288   -1.403  -16.563 1.00 29.63 ? 68  ASP A O   1 
ATOM   406 C  CB  . ASP A 1 50 ? 4.467   -0.592  -16.905 1.00 29.04 ? 68  ASP A CB  1 
ATOM   407 C  CG  . ASP A 1 50 ? 4.880   0.445   -17.951 1.00 29.70 ? 68  ASP A CG  1 
ATOM   408 O  OD1 . ASP A 1 50 ? 4.016   1.191   -18.461 1.00 29.58 ? 68  ASP A OD1 1 
ATOM   409 O  OD2 . ASP A 1 50 ? 6.087   0.499   -18.272 1.00 29.86 ? 68  ASP A OD2 1 
ATOM   410 N  N   . GLU A 1 51 ? 1.560   0.572   -17.627 1.00 34.52 ? 69  GLU A N   1 
ATOM   411 C  CA  . GLU A 1 51 ? 0.269   0.525   -18.341 1.00 36.95 ? 69  GLU A CA  1 
ATOM   412 C  C   . GLU A 1 51 ? 0.205   -0.492  -19.502 1.00 38.06 ? 69  GLU A C   1 
ATOM   413 O  O   . GLU A 1 51 ? -0.885  -0.766  -20.020 1.00 38.78 ? 69  GLU A O   1 
ATOM   414 C  CB  . GLU A 1 51 ? -0.116  1.924   -18.847 1.00 37.08 ? 69  GLU A CB  1 
ATOM   415 C  CG  . GLU A 1 51 ? -0.342  2.969   -17.744 1.00 41.29 ? 69  GLU A CG  1 
ATOM   416 C  CD  . GLU A 1 51 ? -1.735  2.914   -17.121 1.00 43.89 ? 69  GLU A CD  1 
ATOM   417 O  OE1 . GLU A 1 51 ? -2.298  1.808   -16.959 1.00 45.89 ? 69  GLU A OE1 1 
ATOM   418 O  OE2 . GLU A 1 51 ? -2.267  3.991   -16.782 1.00 46.85 ? 69  GLU A OE2 1 
ATOM   419 N  N   . LYS A 1 52 ? 1.357   -1.033  -19.910 1.00 38.05 ? 70  LYS A N   1 
ATOM   420 C  CA  . LYS A 1 52 ? 1.414   -2.128  -20.889 1.00 37.84 ? 70  LYS A CA  1 
ATOM   421 C  C   . LYS A 1 52 ? 1.263   -3.536  -20.271 1.00 37.72 ? 70  LYS A C   1 
ATOM   422 O  O   . LYS A 1 52 ? 1.247   -4.526  -21.006 1.00 38.58 ? 70  LYS A O   1 
ATOM   423 C  CB  . LYS A 1 52 ? 2.727   -2.049  -21.678 1.00 38.09 ? 70  LYS A CB  1 
ATOM   424 C  CG  . LYS A 1 52 ? 2.898   -0.738  -22.442 0.00 40.52 ? 70  LYS A CG  1 
ATOM   425 C  CD  . LYS A 1 52 ? 4.112   -0.757  -23.365 0.00 40.66 ? 70  LYS A CD  1 
ATOM   426 C  CE  . LYS A 1 52 ? 5.421   -0.671  -22.593 0.00 40.70 ? 70  LYS A CE  1 
ATOM   427 N  NZ  . LYS A 1 52 ? 5.911   -2.000  -22.133 0.00 40.70 ? 70  LYS A NZ  1 
ATOM   428 N  N   . GLN A 1 53 ? 1.133   -3.624  -18.942 1.00 37.18 ? 71  GLN A N   1 
ATOM   429 C  CA  . GLN A 1 53 ? 1.116   -4.908  -18.219 1.00 36.91 ? 71  GLN A CA  1 
ATOM   430 C  C   . GLN A 1 53 ? -0.290  -5.375  -17.771 1.00 35.23 ? 71  GLN A C   1 
ATOM   431 O  O   . GLN A 1 53 ? -0.398  -6.165  -16.826 1.00 35.15 ? 71  GLN A O   1 
ATOM   432 C  CB  . GLN A 1 53 ? 2.025   -4.813  -16.982 1.00 38.16 ? 71  GLN A CB  1 
ATOM   433 C  CG  . GLN A 1 53 ? 3.473   -4.355  -17.244 1.00 39.50 ? 71  GLN A CG  1 
ATOM   434 C  CD  . GLN A 1 53 ? 4.304   -4.161  -15.960 1.00 39.08 ? 71  GLN A CD  1 
ATOM   435 O  OE1 . GLN A 1 53 ? 5.531   -4.258  -15.990 1.00 41.51 ? 71  GLN A OE1 1 
ATOM   436 N  NE2 . GLN A 1 53 ? 3.637   -3.894  -14.838 1.00 40.25 ? 71  GLN A NE2 1 
ATOM   437 N  N   . GLN A 1 54 ? -1.346  -4.908  -18.446 1.00 33.21 ? 72  GLN A N   1 
ATOM   438 C  CA  . GLN A 1 54 ? -2.750  -5.230  -18.095 1.00 31.75 ? 72  GLN A CA  1 
ATOM   439 C  C   . GLN A 1 54 ? -3.163  -4.799  -16.666 1.00 31.11 ? 72  GLN A C   1 
ATOM   440 O  O   . GLN A 1 54 ? -3.950  -5.484  -16.005 1.00 31.40 ? 72  GLN A O   1 
ATOM   441 C  CB  . GLN A 1 54 ? -3.053  -6.725  -18.322 1.00 32.02 ? 72  GLN A CB  1 
ATOM   442 C  CG  . GLN A 1 54 ? -2.670  -7.246  -19.700 1.00 32.29 ? 72  GLN A CG  1 
ATOM   443 C  CD  . GLN A 1 54 ? -3.134  -8.683  -19.939 0.00 34.42 ? 72  GLN A CD  1 
ATOM   444 O  OE1 . GLN A 1 54 ? -3.294  -9.469  -19.004 0.00 34.40 ? 72  GLN A OE1 1 
ATOM   445 N  NE2 . GLN A 1 54 ? -3.343  -9.028  -21.204 0.00 34.38 ? 72  GLN A NE2 1 
ATOM   446 N  N   . HIS A 1 55 ? -2.625  -3.661  -16.218 1.00 28.31 ? 73  HIS A N   1 
ATOM   447 C  CA  . HIS A 1 55 ? -2.956  -3.035  -14.925 1.00 26.74 ? 73  HIS A CA  1 
ATOM   448 C  C   . HIS A 1 55 ? -2.520  -3.865  -13.701 1.00 22.72 ? 73  HIS A C   1 
ATOM   449 O  O   . HIS A 1 55 ? -3.201  -3.870  -12.674 1.00 20.39 ? 73  HIS A O   1 
ATOM   450 C  CB  . HIS A 1 55 ? -4.460  -2.689  -14.840 1.00 28.85 ? 73  HIS A CB  1 
ATOM   451 C  CG  . HIS A 1 55 ? -4.981  -1.935  -16.025 1.00 32.35 ? 73  HIS A CG  1 
ATOM   452 N  ND1 . HIS A 1 55 ? -4.974  -0.558  -16.091 1.00 36.82 ? 73  HIS A ND1 1 
ATOM   453 C  CD2 . HIS A 1 55 ? -5.526  -2.366  -17.188 1.00 34.32 ? 73  HIS A CD2 1 
ATOM   454 C  CE1 . HIS A 1 55 ? -5.491  -0.173  -17.244 1.00 37.25 ? 73  HIS A CE1 1 
ATOM   455 N  NE2 . HIS A 1 55 ? -5.834  -1.251  -17.928 1.00 38.51 ? 73  HIS A NE2 1 
ATOM   456 N  N   . ILE A 1 56 ? -1.368  -4.529  -13.807 1.00 19.92 ? 74  ILE A N   1 
ATOM   457 C  CA  . ILE A 1 56 ? -0.888  -5.459  -12.776 1.00 19.18 ? 74  ILE A CA  1 
ATOM   458 C  C   . ILE A 1 56 ? 0.353   -4.900  -12.073 1.00 17.89 ? 74  ILE A C   1 
ATOM   459 O  O   . ILE A 1 56 ? 1.250   -4.356  -12.722 1.00 17.49 ? 74  ILE A O   1 
ATOM   460 C  CB  . ILE A 1 56 ? -0.577  -6.854  -13.383 1.00 18.87 ? 74  ILE A CB  1 
ATOM   461 C  CG1 . ILE A 1 56 ? -1.866  -7.529  -13.855 1.00 19.01 ? 74  ILE A CG1 1 
ATOM   462 C  CG2 . ILE A 1 56 ? 0.125   -7.755  -12.370 1.00 19.78 ? 74  ILE A CG2 1 
ATOM   463 C  CD1 . ILE A 1 56 ? -1.640  -8.750  -14.709 1.00 19.65 ? 74  ILE A CD1 1 
ATOM   464 N  N   . VAL A 1 57 ? 0.375   -5.022  -10.742 1.00 18.12 ? 75  VAL A N   1 
ATOM   465 C  CA  . VAL A 1 57 ? 1.569   -4.757  -9.937  1.00 16.34 ? 75  VAL A CA  1 
ATOM   466 C  C   . VAL A 1 57 ? 2.286   -6.088  -9.658  1.00 17.45 ? 75  VAL A C   1 
ATOM   467 O  O   . VAL A 1 57 ? 1.670   -7.017  -9.150  1.00 16.32 ? 75  VAL A O   1 
ATOM   468 C  CB  . VAL A 1 57 ? 1.226   -4.052  -8.628  1.00 18.70 ? 75  VAL A CB  1 
ATOM   469 C  CG1 . VAL A 1 57 ? 2.431   -3.985  -7.721  1.00 13.69 ? 75  VAL A CG1 1 
ATOM   470 C  CG2 . VAL A 1 57 ? 0.682   -2.655  -8.912  1.00 17.30 ? 75  VAL A CG2 1 
ATOM   471 N  N   . TYR A 1 58 ? 3.571   -6.168  -10.007 1.00 16.01 ? 76  TYR A N   1 
ATOM   472 C  CA  . TYR A 1 58 ? 4.380   -7.382  -9.808  1.00 16.80 ? 76  TYR A CA  1 
ATOM   473 C  C   . TYR A 1 58 ? 5.290   -7.188  -8.606  1.00 18.83 ? 76  TYR A C   1 
ATOM   474 O  O   . TYR A 1 58 ? 6.227   -6.387  -8.666  1.00 21.13 ? 76  TYR A O   1 
ATOM   475 C  CB  . TYR A 1 58 ? 5.217   -7.677  -11.054 1.00 16.05 ? 76  TYR A CB  1 
ATOM   476 C  CG  . TYR A 1 58 ? 4.360   -7.931  -12.270 1.00 15.03 ? 76  TYR A CG  1 
ATOM   477 C  CD1 . TYR A 1 58 ? 3.887   -9.214  -12.562 1.00 12.06 ? 76  TYR A CD1 1 
ATOM   478 C  CD2 . TYR A 1 58 ? 3.998   -6.885  -13.116 1.00 14.33 ? 76  TYR A CD2 1 
ATOM   479 C  CE1 . TYR A 1 58 ? 3.079   -9.443  -13.676 1.00 9.06  ? 76  TYR A CE1 1 
ATOM   480 C  CE2 . TYR A 1 58 ? 3.200   -7.106  -14.225 1.00 12.36 ? 76  TYR A CE2 1 
ATOM   481 C  CZ  . TYR A 1 58 ? 2.742   -8.381  -14.504 1.00 12.11 ? 76  TYR A CZ  1 
ATOM   482 O  OH  . TYR A 1 58 ? 1.958   -8.575  -15.611 1.00 15.76 ? 76  TYR A OH  1 
ATOM   483 N  N   . CYS A 1 59 ? 5.009   -7.917  -7.523  1.00 18.85 ? 77  CYS A N   1 
ATOM   484 C  CA  . CYS A 1 59 ? 5.732   -7.761  -6.256  1.00 19.01 ? 77  CYS A CA  1 
ATOM   485 C  C   . CYS A 1 59 ? 6.334   -9.066  -5.688  1.00 20.05 ? 77  CYS A C   1 
ATOM   486 O  O   . CYS A 1 59 ? 6.584   -9.160  -4.487  1.00 19.78 ? 77  CYS A O   1 
ATOM   487 C  CB  . CYS A 1 59 ? 4.787   -7.104  -5.251  1.00 18.69 ? 77  CYS A CB  1 
ATOM   488 S  SG  . CYS A 1 59 ? 3.160   -7.907  -5.139  1.00 17.87 ? 77  CYS A SG  1 
ATOM   489 N  N   . SER A 1 60 ? 6.625   -10.036 -6.556  1.00 21.39 ? 78  SER A N   1 
ATOM   490 C  CA  . SER A 1 60 ? 7.075   -11.381 -6.139  1.00 22.68 ? 78  SER A CA  1 
ATOM   491 C  C   . SER A 1 60 ? 8.434   -11.437 -5.416  1.00 23.36 ? 78  SER A C   1 
ATOM   492 O  O   . SER A 1 60 ? 8.626   -12.274 -4.529  1.00 24.52 ? 78  SER A O   1 
ATOM   493 C  CB  . SER A 1 60 ? 7.111   -12.321 -7.351  1.00 23.13 ? 78  SER A CB  1 
ATOM   494 O  OG  . SER A 1 60 ? 7.946   -11.793 -8.361  1.00 29.64 ? 78  SER A OG  1 
ATOM   495 N  N   . ASN A 1 61 ? 9.370   -10.572 -5.804  1.00 21.95 ? 79  ASN A N   1 
ATOM   496 C  CA  . ASN A 1 61 ? 10.704  -10.525 -5.184  1.00 22.78 ? 79  ASN A CA  1 
ATOM   497 C  C   . ASN A 1 61 ? 10.912  -9.173  -4.521  1.00 22.66 ? 79  ASN A C   1 
ATOM   498 O  O   . ASN A 1 61 ? 11.897  -8.469  -4.766  1.00 23.56 ? 79  ASN A O   1 
ATOM   499 C  CB  . ASN A 1 61 ? 11.790  -10.803 -6.229  1.00 22.22 ? 79  ASN A CB  1 
ATOM   500 C  CG  . ASN A 1 61 ? 11.702  -12.205 -6.810  1.00 23.68 ? 79  ASN A CG  1 
ATOM   501 O  OD1 . ASN A 1 61 ? 11.725  -12.383 -8.027  1.00 20.95 ? 79  ASN A OD1 1 
ATOM   502 N  ND2 . ASN A 1 61 ? 11.619  -13.208 -5.938  1.00 21.37 ? 79  ASN A ND2 1 
ATOM   503 N  N   . ASP A 1 62 ? 9.957   -8.819  -3.665  1.00 23.20 ? 80  ASP A N   1 
ATOM   504 C  CA  . ASP A 1 62 ? 9.925   -7.498  -3.074  1.00 22.47 ? 80  ASP A CA  1 
ATOM   505 C  C   . ASP A 1 62 ? 9.215   -7.524  -1.731  1.00 21.78 ? 80  ASP A C   1 
ATOM   506 O  O   . ASP A 1 62 ? 8.339   -8.359  -1.495  1.00 21.61 ? 80  ASP A O   1 
ATOM   507 C  CB  . ASP A 1 62 ? 9.225   -6.525  -4.033  1.00 23.20 ? 80  ASP A CB  1 
ATOM   508 C  CG  . ASP A 1 62 ? 9.454   -5.075  -3.669  1.00 25.31 ? 80  ASP A CG  1 
ATOM   509 O  OD1 . ASP A 1 62 ? 10.403  -4.468  -4.208  1.00 26.55 ? 80  ASP A OD1 1 
ATOM   510 O  OD2 . ASP A 1 62 ? 8.688   -4.543  -2.831  1.00 26.97 ? 80  ASP A OD2 1 
ATOM   511 N  N   . LEU A 1 63 ? 9.628   -6.600  -0.865  1.00 21.80 ? 81  LEU A N   1 
ATOM   512 C  CA  . LEU A 1 63 ? 8.988   -6.328  0.423   1.00 23.32 ? 81  LEU A CA  1 
ATOM   513 C  C   . LEU A 1 63 ? 7.456   -6.285  0.319   1.00 21.67 ? 81  LEU A C   1 
ATOM   514 O  O   . LEU A 1 63 ? 6.763   -6.905  1.123   1.00 23.00 ? 81  LEU A O   1 
ATOM   515 C  CB  . LEU A 1 63 ? 9.525   -4.993  0.966   1.00 23.75 ? 81  LEU A CB  1 
ATOM   516 C  CG  . LEU A 1 63 ? 8.970   -4.393  2.257   1.00 25.09 ? 81  LEU A CG  1 
ATOM   517 C  CD1 . LEU A 1 63 ? 9.165   -5.360  3.404   1.00 24.90 ? 81  LEU A CD1 1 
ATOM   518 C  CD2 . LEU A 1 63 ? 9.630   -3.038  2.543   1.00 27.06 ? 81  LEU A CD2 1 
ATOM   519 N  N   . LEU A 1 64 ? 6.950   -5.574  -0.690  1.00 21.14 ? 82  LEU A N   1 
ATOM   520 C  CA  . LEU A 1 64 ? 5.503   -5.416  -0.910  1.00 19.30 ? 82  LEU A CA  1 
ATOM   521 C  C   . LEU A 1 64 ? 4.776   -6.760  -1.082  1.00 18.37 ? 82  LEU A C   1 
ATOM   522 O  O   . LEU A 1 64 ? 3.655   -6.916  -0.608  1.00 20.00 ? 82  LEU A O   1 
ATOM   523 C  CB  . LEU A 1 64 ? 5.244   -4.505  -2.115  1.00 17.89 ? 82  LEU A CB  1 
ATOM   524 C  CG  . LEU A 1 64 ? 3.788   -4.188  -2.453  1.00 17.92 ? 82  LEU A CG  1 
ATOM   525 C  CD1 . LEU A 1 64 ? 3.124   -3.504  -1.275  1.00 20.06 ? 82  LEU A CD1 1 
ATOM   526 C  CD2 . LEU A 1 64 ? 3.691   -3.333  -3.714  1.00 20.95 ? 82  LEU A CD2 1 
ATOM   527 N  N   . GLY A 1 65 ? 5.419   -7.713  -1.756  1.00 18.57 ? 83  GLY A N   1 
ATOM   528 C  CA  . GLY A 1 65 ? 4.897   -9.085  -1.858  1.00 20.00 ? 83  GLY A CA  1 
ATOM   529 C  C   . GLY A 1 65 ? 4.775   -9.797  -0.524  1.00 19.36 ? 83  GLY A C   1 
ATOM   530 O  O   . GLY A 1 65 ? 3.792   -10.497 -0.277  1.00 20.41 ? 83  GLY A O   1 
ATOM   531 N  N   . ASP A 1 66 ? 5.773   -9.604  0.334   1.00 20.78 ? 84  ASP A N   1 
ATOM   532 C  CA  . ASP A 1 66 ? 5.772   -10.172 1.686   1.00 21.93 ? 84  ASP A CA  1 
ATOM   533 C  C   . ASP A 1 66 ? 4.663   -9.556  2.553   1.00 20.82 ? 84  ASP A C   1 
ATOM   534 O  O   . ASP A 1 66 ? 3.959   -10.271 3.261   1.00 22.84 ? 84  ASP A O   1 
ATOM   535 C  CB  . ASP A 1 66 ? 7.147   -9.994  2.354   1.00 21.26 ? 84  ASP A CB  1 
ATOM   536 C  CG  . ASP A 1 66 ? 8.278   -10.665 1.574   1.00 24.90 ? 84  ASP A CG  1 
ATOM   537 O  OD1 . ASP A 1 66 ? 8.029   -11.667 0.862   1.00 22.80 ? 84  ASP A OD1 1 
ATOM   538 O  OD2 . ASP A 1 66 ? 9.420   -10.176 1.674   1.00 26.09 ? 84  ASP A OD2 1 
ATOM   539 N  N   . LEU A 1 67 ? 4.508   -8.236  2.463   1.00 21.70 ? 85  LEU A N   1 
ATOM   540 C  CA  . LEU A 1 67 ? 3.422   -7.487  3.137   1.00 22.53 ? 85  LEU A CA  1 
ATOM   541 C  C   . LEU A 1 67 ? 2.020   -7.957  2.722   1.00 22.17 ? 85  LEU A C   1 
ATOM   542 O  O   . LEU A 1 67 ? 1.152   -8.200  3.568   1.00 19.91 ? 85  LEU A O   1 
ATOM   543 C  CB  . LEU A 1 67 ? 3.547   -5.986  2.828   1.00 22.79 ? 85  LEU A CB  1 
ATOM   544 C  CG  . LEU A 1 67 ? 4.589   -5.204  3.626   1.00 30.19 ? 85  LEU A CG  1 
ATOM   545 C  CD1 . LEU A 1 67 ? 5.019   -3.944  2.884   1.00 30.00 ? 85  LEU A CD1 1 
ATOM   546 C  CD2 . LEU A 1 67 ? 4.047   -4.858  5.004   1.00 32.90 ? 85  LEU A CD2 1 
ATOM   547 N  N   . PHE A 1 68 ? 1.814   -8.078  1.412   1.00 20.02 ? 86  PHE A N   1 
ATOM   548 C  CA  . PHE A 1 68 ? 0.493   -8.385  0.840   1.00 20.15 ? 86  PHE A CA  1 
ATOM   549 C  C   . PHE A 1 68 ? 0.183   -9.889  0.735   1.00 19.23 ? 86  PHE A C   1 
ATOM   550 O  O   . PHE A 1 68 ? -0.988  -10.272 0.653   1.00 21.76 ? 86  PHE A O   1 
ATOM   551 C  CB  . PHE A 1 68 ? 0.349   -7.695  -0.528  1.00 18.87 ? 86  PHE A CB  1 
ATOM   552 C  CG  . PHE A 1 68 ? 0.008   -6.216  -0.459  1.00 19.45 ? 86  PHE A CG  1 
ATOM   553 C  CD1 . PHE A 1 68 ? 0.073   -5.471  0.736   1.00 16.16 ? 86  PHE A CD1 1 
ATOM   554 C  CD2 . PHE A 1 68 ? -0.374  -5.552  -1.621  1.00 21.93 ? 86  PHE A CD2 1 
ATOM   555 C  CE1 . PHE A 1 68 ? -0.250  -4.110  0.752   1.00 19.82 ? 86  PHE A CE1 1 
ATOM   556 C  CE2 . PHE A 1 68 ? -0.688  -4.203  -1.610  1.00 19.70 ? 86  PHE A CE2 1 
ATOM   557 C  CZ  . PHE A 1 68 ? -0.630  -3.478  -0.426  1.00 21.60 ? 86  PHE A CZ  1 
ATOM   558 N  N   . GLY A 1 69 ? 1.209   -10.731 0.770   1.00 20.39 ? 87  GLY A N   1 
ATOM   559 C  CA  . GLY A 1 69 ? 1.035   -12.178 0.656   1.00 21.41 ? 87  GLY A CA  1 
ATOM   560 C  C   . GLY A 1 69 ? 0.589   -12.646 -0.725  1.00 20.74 ? 87  GLY A C   1 
ATOM   561 O  O   . GLY A 1 69 ? -0.077  -13.672 -0.845  1.00 20.56 ? 87  GLY A O   1 
ATOM   562 N  N   . VAL A 1 70 ? 0.949   -11.885 -1.761  1.00 18.96 ? 88  VAL A N   1 
ATOM   563 C  CA  . VAL A 1 70 ? 0.658   -12.233 -3.156  1.00 17.44 ? 88  VAL A CA  1 
ATOM   564 C  C   . VAL A 1 70 ? 1.879   -11.912 -4.019  1.00 17.20 ? 88  VAL A C   1 
ATOM   565 O  O   . VAL A 1 70 ? 2.629   -10.989 -3.701  1.00 19.59 ? 88  VAL A O   1 
ATOM   566 C  CB  . VAL A 1 70 ? -0.571  -11.459 -3.715  1.00 17.45 ? 88  VAL A CB  1 
ATOM   567 C  CG1 . VAL A 1 70 ? -1.857  -11.888 -3.017  1.00 20.23 ? 88  VAL A CG1 1 
ATOM   568 C  CG2 . VAL A 1 70 ? -0.376  -9.957  -3.613  1.00 14.60 ? 88  VAL A CG2 1 
ATOM   569 N  N   . PRO A 1 71 ? 2.091   -12.673 -5.104  1.00 18.55 ? 89  PRO A N   1 
ATOM   570 C  CA  . PRO A 1 71 ? 3.184   -12.371 -6.030  1.00 18.44 ? 89  PRO A CA  1 
ATOM   571 C  C   . PRO A 1 71 ? 2.860   -11.208 -6.984  1.00 17.54 ? 89  PRO A C   1 
ATOM   572 O  O   . PRO A 1 71 ? 3.769   -10.666 -7.619  1.00 18.82 ? 89  PRO A O   1 
ATOM   573 C  CB  . PRO A 1 71 ? 3.319   -13.667 -6.814  1.00 18.12 ? 89  PRO A CB  1 
ATOM   574 C  CG  . PRO A 1 71 ? 1.928   -14.173 -6.892  1.00 19.20 ? 89  PRO A CG  1 
ATOM   575 C  CD  . PRO A 1 71 ? 1.275   -13.804 -5.592  1.00 19.01 ? 89  PRO A CD  1 
ATOM   576 N  N   . SER A 1 72 ? 1.573   -10.877 -7.103  1.00 15.81 ? 90  SER A N   1 
ATOM   577 C  CA  . SER A 1 72 ? 1.091   -9.803  -7.961  1.00 17.37 ? 90  SER A CA  1 
ATOM   578 C  C   . SER A 1 72 ? -0.375  -9.496  -7.655  1.00 19.99 ? 90  SER A C   1 
ATOM   579 O  O   . SER A 1 72 ? -1.079  -10.310 -7.039  1.00 21.06 ? 90  SER A O   1 
ATOM   580 C  CB  . SER A 1 72 ? 1.240   -10.168 -9.452  1.00 18.39 ? 90  SER A CB  1 
ATOM   581 O  OG  . SER A 1 72 ? 0.514   -11.344 -9.789  1.00 16.64 ? 90  SER A OG  1 
ATOM   582 N  N   . PHE A 1 73 ? -0.831  -8.320  -8.071  1.00 19.42 ? 91  PHE A N   1 
ATOM   583 C  CA  . PHE A 1 73 ? -2.248  -7.973  -7.968  1.00 19.09 ? 91  PHE A CA  1 
ATOM   584 C  C   . PHE A 1 73 ? -2.637  -6.935  -9.007  1.00 18.52 ? 91  PHE A C   1 
ATOM   585 O  O   . PHE A 1 73 ? -1.781  -6.206  -9.505  1.00 15.85 ? 91  PHE A O   1 
ATOM   586 C  CB  . PHE A 1 73 ? -2.577  -7.472  -6.561  1.00 18.12 ? 91  PHE A CB  1 
ATOM   587 C  CG  . PHE A 1 73 ? -1.829  -6.235  -6.165  1.00 16.65 ? 91  PHE A CG  1 
ATOM   588 C  CD1 . PHE A 1 73 ? -0.573  -6.315  -5.561  1.00 18.84 ? 91  PHE A CD1 1 
ATOM   589 C  CD2 . PHE A 1 73 ? -2.369  -4.985  -6.405  1.00 18.04 ? 91  PHE A CD2 1 
ATOM   590 C  CE1 . PHE A 1 73 ? 0.114   -5.160  -5.202  1.00 16.83 ? 91  PHE A CE1 1 
ATOM   591 C  CE2 . PHE A 1 73 ? -1.679  -3.833  -6.046  1.00 16.34 ? 91  PHE A CE2 1 
ATOM   592 C  CZ  . PHE A 1 73 ? -0.449  -3.918  -5.441  1.00 17.47 ? 91  PHE A CZ  1 
ATOM   593 N  N   . SER A 1 74 ? -3.930  -6.879  -9.315  1.00 19.52 ? 92  SER A N   1 
ATOM   594 C  CA  . SER A 1 74 ? -4.475  -5.878  -10.234 1.00 20.45 ? 92  SER A CA  1 
ATOM   595 C  C   . SER A 1 74 ? -4.767  -4.594  -9.475  1.00 19.89 ? 92  SER A C   1 
ATOM   596 O  O   . SER A 1 74 ? -5.376  -4.645  -8.414  1.00 19.92 ? 92  SER A O   1 
ATOM   597 C  CB  . SER A 1 74 ? -5.764  -6.380  -10.884 1.00 20.89 ? 92  SER A CB  1 
ATOM   598 O  OG  . SER A 1 74 ? -6.412  -5.337  -11.591 1.00 23.19 ? 92  SER A OG  1 
ATOM   599 N  N   . VAL A 1 75 ? -4.361  -3.451  -10.035 1.00 20.58 ? 93  VAL A N   1 
ATOM   600 C  CA  . VAL A 1 75 ? -4.678  -2.128  -9.440  1.00 21.19 ? 93  VAL A CA  1 
ATOM   601 C  C   . VAL A 1 75 ? -6.169  -1.747  -9.500  1.00 21.46 ? 93  VAL A C   1 
ATOM   602 O  O   . VAL A 1 75 ? -6.583  -0.804  -8.826  1.00 23.20 ? 93  VAL A O   1 
ATOM   603 C  CB  . VAL A 1 75 ? -3.857  -0.967  -10.087 1.00 22.07 ? 93  VAL A CB  1 
ATOM   604 C  CG1 . VAL A 1 75 ? -2.364  -1.209  -9.928  1.00 23.20 ? 93  VAL A CG1 1 
ATOM   605 C  CG2 . VAL A 1 75 ? -4.224  -0.781  -11.553 1.00 19.63 ? 93  VAL A CG2 1 
ATOM   606 N  N   . LYS A 1 76 ? -6.953  -2.456  -10.312 1.00 22.85 ? 94  LYS A N   1 
ATOM   607 C  CA  . LYS A 1 76 ? -8.400  -2.219  -10.437 1.00 24.76 ? 94  LYS A CA  1 
ATOM   608 C  C   . LYS A 1 76 ? -9.212  -2.801  -9.272  1.00 26.03 ? 94  LYS A C   1 
ATOM   609 O  O   . LYS A 1 76 ? -10.348 -2.377  -9.044  1.00 27.48 ? 94  LYS A O   1 
ATOM   610 C  CB  . LYS A 1 76 ? -8.916  -2.799  -11.760 1.00 25.92 ? 94  LYS A CB  1 
ATOM   611 C  CG  . LYS A 1 76 ? -10.317 -2.394  -12.169 0.00 27.92 ? 94  LYS A CG  1 
ATOM   612 C  CD  . LYS A 1 76 ? -10.659 -2.869  -13.572 0.00 28.13 ? 94  LYS A CD  1 
ATOM   613 C  CE  . LYS A 1 76 ? -12.091 -2.521  -13.944 0.00 28.15 ? 94  LYS A CE  1 
ATOM   614 N  NZ  . LYS A 1 76 ? -12.441 -2.984  -15.315 0.00 28.14 ? 94  LYS A NZ  1 
ATOM   615 N  N   . GLU A 1 77 ? -8.632  -3.767  -8.555  1.00 26.24 ? 95  GLU A N   1 
ATOM   616 C  CA  . GLU A 1 77 ? -9.294  -4.451  -7.436  1.00 26.36 ? 95  GLU A CA  1 
ATOM   617 C  C   . GLU A 1 77 ? -9.084  -3.662  -6.140  1.00 24.11 ? 95  GLU A C   1 
ATOM   618 O  O   . GLU A 1 77 ? -8.296  -4.060  -5.279  1.00 23.64 ? 95  GLU A O   1 
ATOM   619 C  CB  . GLU A 1 77 ? -8.765  -5.886  -7.310  1.00 27.65 ? 95  GLU A CB  1 
ATOM   620 C  CG  . GLU A 1 77 ? -9.052  -6.752  -8.549  1.00 31.30 ? 95  GLU A CG  1 
ATOM   621 C  CD  . GLU A 1 77 ? -8.444  -8.151  -8.484  1.00 35.37 ? 95  GLU A CD  1 
ATOM   622 O  OE1 . GLU A 1 77 ? -7.517  -8.391  -7.673  1.00 41.55 ? 95  GLU A OE1 1 
ATOM   623 O  OE2 . GLU A 1 77 ? -8.892  -9.013  -9.269  1.00 41.67 ? 95  GLU A OE2 1 
ATOM   624 N  N   A HIS A 1 78 ? -9.806  -2.548  -6.019  0.50 24.38 ? 96  HIS A N   1 
ATOM   625 N  N   B HIS A 1 78 ? -9.816  -2.558  -6.007  0.50 23.87 ? 96  HIS A N   1 
ATOM   626 C  CA  A HIS A 1 78 ? -9.640  -1.586  -4.918  0.50 23.76 ? 96  HIS A CA  1 
ATOM   627 C  CA  B HIS A 1 78 ? -9.616  -1.596  -4.920  0.50 22.77 ? 96  HIS A CA  1 
ATOM   628 C  C   A HIS A 1 78 ? -9.931  -2.162  -3.532  0.50 22.55 ? 96  HIS A C   1 
ATOM   629 C  C   B HIS A 1 78 ? -9.936  -2.151  -3.528  0.50 21.99 ? 96  HIS A C   1 
ATOM   630 O  O   A HIS A 1 78 ? -9.160  -1.946  -2.596  0.50 19.90 ? 96  HIS A O   1 
ATOM   631 O  O   B HIS A 1 78 ? -9.184  -1.914  -2.583  0.50 19.20 ? 96  HIS A O   1 
ATOM   632 C  CB  A HIS A 1 78 ? -10.541 -0.369  -5.147  0.50 25.54 ? 96  HIS A CB  1 
ATOM   633 C  CB  B HIS A 1 78 ? -10.447 -0.335  -5.172  0.50 24.15 ? 96  HIS A CB  1 
ATOM   634 C  CG  A HIS A 1 78 ? -9.912  0.710   -5.973  0.50 28.85 ? 96  HIS A CG  1 
ATOM   635 C  CG  B HIS A 1 78 ? -10.350 0.183   -6.574  0.50 25.17 ? 96  HIS A CG  1 
ATOM   636 N  ND1 A HIS A 1 78 ? -9.132  0.445   -7.077  0.50 31.62 ? 96  HIS A ND1 1 
ATOM   637 N  ND1 B HIS A 1 78 ? -11.457 0.404   -7.365  0.50 25.71 ? 96  HIS A ND1 1 
ATOM   638 C  CD2 A HIS A 1 78 ? -9.968  2.060   -5.868  0.50 30.04 ? 96  HIS A CD2 1 
ATOM   639 C  CD2 B HIS A 1 78 ? -9.277  0.519   -7.330  0.50 28.06 ? 96  HIS A CD2 1 
ATOM   640 C  CE1 A HIS A 1 78 ? -8.723  1.584   -7.607  0.50 31.98 ? 96  HIS A CE1 1 
ATOM   641 C  CE1 B HIS A 1 78 ? -11.073 0.857   -8.544  0.50 25.34 ? 96  HIS A CE1 1 
ATOM   642 N  NE2 A HIS A 1 78 ? -9.217  2.578   -6.893  0.50 31.16 ? 96  HIS A NE2 1 
ATOM   643 N  NE2 B HIS A 1 78 ? -9.755  0.935   -8.550  0.50 27.02 ? 96  HIS A NE2 1 
ATOM   644 N  N   . ARG A 1 79 ? -11.037 -2.891  -3.407  1.00 21.19 ? 97  ARG A N   1 
ATOM   645 C  CA  . ARG A 1 79 ? -11.435 -3.484  -2.113  1.00 21.92 ? 97  ARG A CA  1 
ATOM   646 C  C   . ARG A 1 79 ? -10.400 -4.513  -1.629  1.00 20.51 ? 97  ARG A C   1 
ATOM   647 O  O   . ARG A 1 79 ? -10.058 -4.548  -0.440  1.00 19.88 ? 97  ARG A O   1 
ATOM   648 C  CB  . ARG A 1 79 ? -12.832 -4.117  -2.193  1.00 22.67 ? 97  ARG A CB  1 
ATOM   649 C  CG  . ARG A 1 79 ? -13.942 -3.159  -2.605  1.00 26.07 ? 97  ARG A CG  1 
ATOM   650 C  CD  . ARG A 1 79 ? -15.273 -3.891  -2.761  1.00 29.24 ? 97  ARG A CD  1 
ATOM   651 N  NE  . ARG A 1 79 ? -16.141 -3.250  -3.744  1.00 37.59 ? 97  ARG A NE  1 
ATOM   652 C  CZ  . ARG A 1 79 ? -16.101 -3.479  -5.082  0.00 38.95 ? 97  ARG A CZ  1 
ATOM   653 N  NH1 . ARG A 1 79 ? -15.215 -4.310  -5.630  0.00 39.38 ? 97  ARG A NH1 1 
ATOM   654 N  NH2 . ARG A 1 79 ? -16.954 -2.848  -5.881  0.00 39.34 ? 97  ARG A NH2 1 
ATOM   655 N  N   . LYS A 1 80 ? -9.860  -5.300  -2.563  1.00 20.83 ? 98  LYS A N   1 
ATOM   656 C  CA  . LYS A 1 80 ? -8.805  -6.269  -2.246  1.00 20.02 ? 98  LYS A CA  1 
ATOM   657 C  C   . LYS A 1 80 ? -7.506  -5.587  -1.803  1.00 19.19 ? 98  LYS A C   1 
ATOM   658 O  O   . LYS A 1 80 ? -6.808  -6.093  -0.927  1.00 17.44 ? 98  LYS A O   1 
ATOM   659 C  CB  . LYS A 1 80 ? -8.548  -7.198  -3.431  1.00 22.03 ? 98  LYS A CB  1 
ATOM   660 C  CG  . LYS A 1 80 ? -9.721  -8.114  -3.796  0.00 23.39 ? 98  LYS A CG  1 
ATOM   661 C  CD  . LYS A 1 80 ? -9.900  -9.246  -2.793  0.00 23.60 ? 98  LYS A CD  1 
ATOM   662 C  CE  . LYS A 1 80 ? -10.981 -10.216 -3.239  0.00 23.56 ? 98  LYS A CE  1 
ATOM   663 N  NZ  . LYS A 1 80 ? -11.163 -11.334 -2.272  0.00 23.43 ? 98  LYS A NZ  1 
ATOM   664 N  N   . ILE A 1 81 ? -7.193  -4.434  -2.390  1.00 16.78 ? 99  ILE A N   1 
ATOM   665 C  CA  . ILE A 1 81 ? -6.008  -3.660  -1.986  1.00 17.21 ? 99  ILE A CA  1 
ATOM   666 C  C   . ILE A 1 81 ? -6.158  -3.137  -0.553  1.00 15.43 ? 99  ILE A C   1 
ATOM   667 O  O   . ILE A 1 81 ? -5.237  -3.272  0.248   1.00 15.09 ? 99  ILE A O   1 
ATOM   668 C  CB  . ILE A 1 81 ? -5.683  -2.518  -2.993  1.00 17.47 ? 99  ILE A CB  1 
ATOM   669 C  CG1 . ILE A 1 81 ? -5.178  -3.123  -4.308  1.00 16.09 ? 99  ILE A CG1 1 
ATOM   670 C  CG2 . ILE A 1 81 ? -4.651  -1.554  -2.408  1.00 18.74 ? 99  ILE A CG2 1 
ATOM   671 C  CD1 . ILE A 1 81 ? -5.348  -2.229  -5.525  1.00 19.97 ? 99  ILE A CD1 1 
ATOM   672 N  N   . TYR A 1 82 ? -7.342  -2.617  -0.213  1.00 15.56 ? 100 TYR A N   1 
ATOM   673 C  CA  . TYR A 1 82 ? -7.591  -2.144  1.150   1.00 15.42 ? 100 TYR A CA  1 
ATOM   674 C  C   . TYR A 1 82 ? -7.453  -3.281  2.148   1.00 15.53 ? 100 TYR A C   1 
ATOM   675 O  O   . TYR A 1 82 ? -6.877  -3.082  3.220   1.00 18.60 ? 100 TYR A O   1 
ATOM   676 C  CB  . TYR A 1 82 ? -8.968  -1.481  1.285   1.00 13.05 ? 100 TYR A CB  1 
ATOM   677 C  CG  . TYR A 1 82 ? -8.996  -0.042  0.833   1.00 13.48 ? 100 TYR A CG  1 
ATOM   678 C  CD1 . TYR A 1 82 ? -8.374  0.959   1.585   1.00 21.61 ? 100 TYR A CD1 1 
ATOM   679 C  CD2 . TYR A 1 82 ? -9.650  0.335   -0.342  1.00 16.72 ? 100 TYR A CD2 1 
ATOM   680 C  CE1 . TYR A 1 82 ? -8.386  2.291   1.161   1.00 19.45 ? 100 TYR A CE1 1 
ATOM   681 C  CE2 . TYR A 1 82 ? -9.688  1.675   -0.757  1.00 23.42 ? 100 TYR A CE2 1 
ATOM   682 C  CZ  . TYR A 1 82 ? -9.044  2.642   0.001   1.00 23.00 ? 100 TYR A CZ  1 
ATOM   683 O  OH  . TYR A 1 82 ? -9.072  3.962   -0.395  1.00 27.32 ? 100 TYR A OH  1 
ATOM   684 N  N   . THR A 1 83 ? -7.954  -4.463  1.792   1.00 17.12 ? 101 THR A N   1 
ATOM   685 C  CA  . THR A 1 83 ? -7.881  -5.626  2.681   1.00 17.35 ? 101 THR A CA  1 
ATOM   686 C  C   . THR A 1 83 ? -6.423  -6.009  2.948   1.00 16.84 ? 101 THR A C   1 
ATOM   687 O  O   . THR A 1 83 ? -6.048  -6.277  4.098   1.00 15.14 ? 101 THR A O   1 
ATOM   688 C  CB  . THR A 1 83 ? -8.665  -6.833  2.131   1.00 17.85 ? 101 THR A CB  1 
ATOM   689 O  OG1 . THR A 1 83 ? -10.056 -6.496  2.033   1.00 15.39 ? 101 THR A OG1 1 
ATOM   690 C  CG2 . THR A 1 83 ? -8.505  -8.041  3.051   1.00 14.86 ? 101 THR A CG2 1 
ATOM   691 N  N   . MET A 1 84 ? -5.603  -5.989  1.895   1.00 17.74 ? 102 MET A N   1 
ATOM   692 C  CA  . MET A 1 84 ? -4.183  -6.312  2.021   1.00 18.04 ? 102 MET A CA  1 
ATOM   693 C  C   . MET A 1 84 ? -3.436  -5.283  2.869   1.00 16.89 ? 102 MET A C   1 
ATOM   694 O  O   . MET A 1 84 ? -2.597  -5.667  3.688   1.00 17.29 ? 102 MET A O   1 
ATOM   695 C  CB  . MET A 1 84 ? -3.522  -6.475  0.643   1.00 16.88 ? 102 MET A CB  1 
ATOM   696 C  CG  . MET A 1 84 ? -3.961  -7.741  -0.072  1.00 20.55 ? 102 MET A CG  1 
ATOM   697 S  SD  . MET A 1 84 ? -3.182  -8.023  -1.674  1.00 20.19 ? 102 MET A SD  1 
ATOM   698 C  CE  . MET A 1 84 ? -3.732  -6.609  -2.614  1.00 16.89 ? 102 MET A CE  1 
ATOM   699 N  N   . ILE A 1 85 ? -3.749  -3.998  2.680   1.00 15.81 ? 103 ILE A N   1 
ATOM   700 C  CA  . ILE A 1 85 ? -3.165  -2.910  3.488   1.00 19.63 ? 103 ILE A CA  1 
ATOM   701 C  C   . ILE A 1 85 ? -3.587  -3.031  4.973   1.00 21.63 ? 103 ILE A C   1 
ATOM   702 O  O   . ILE A 1 85 ? -2.758  -2.864  5.872   1.00 22.22 ? 103 ILE A O   1 
ATOM   703 C  CB  . ILE A 1 85 ? -3.530  -1.511  2.918   1.00 19.04 ? 103 ILE A CB  1 
ATOM   704 C  CG1 . ILE A 1 85 ? -2.900  -1.328  1.532   1.00 17.21 ? 103 ILE A CG1 1 
ATOM   705 C  CG2 . ILE A 1 85 ? -3.063  -0.381  3.853   1.00 20.36 ? 103 ILE A CG2 1 
ATOM   706 C  CD1 . ILE A 1 85 ? -3.457  -0.136  0.730   1.00 21.35 ? 103 ILE A CD1 1 
ATOM   707 N  N   . TYR A 1 86 ? -4.860  -3.340  5.215   1.00 20.86 ? 104 TYR A N   1 
ATOM   708 C  CA  . TYR A 1 86 ? -5.383  -3.424  6.597   1.00 21.08 ? 104 TYR A CA  1 
ATOM   709 C  C   . TYR A 1 86 ? -4.745  -4.509  7.464   1.00 21.57 ? 104 TYR A C   1 
ATOM   710 O  O   . TYR A 1 86 ? -4.626  -4.334  8.672   1.00 22.99 ? 104 TYR A O   1 
ATOM   711 C  CB  . TYR A 1 86 ? -6.910  -3.560  6.609   1.00 23.20 ? 104 TYR A CB  1 
ATOM   712 C  CG  . TYR A 1 86 ? -7.603  -2.225  6.694   1.00 23.84 ? 104 TYR A CG  1 
ATOM   713 C  CD1 . TYR A 1 86 ? -7.380  -1.238  5.735   1.00 31.64 ? 104 TYR A CD1 1 
ATOM   714 C  CD2 . TYR A 1 86 ? -8.456  -1.927  7.747   1.00 27.99 ? 104 TYR A CD2 1 
ATOM   715 C  CE1 . TYR A 1 86 ? -8.003  0.000   5.815   1.00 31.36 ? 104 TYR A CE1 1 
ATOM   716 C  CE2 . TYR A 1 86 ? -9.084  -0.691  7.834   1.00 28.91 ? 104 TYR A CE2 1 
ATOM   717 C  CZ  . TYR A 1 86 ? -8.863  0.264   6.868   1.00 32.74 ? 104 TYR A CZ  1 
ATOM   718 O  OH  . TYR A 1 86 ? -9.493  1.484   6.965   1.00 38.38 ? 104 TYR A OH  1 
ATOM   719 N  N   . ARG A 1 87 ? -4.314  -5.605  6.853   1.00 21.61 ? 105 ARG A N   1 
ATOM   720 C  CA  . ARG A 1 87 ? -3.557  -6.643  7.570   1.00 21.47 ? 105 ARG A CA  1 
ATOM   721 C  C   . ARG A 1 87 ? -2.199  -6.170  8.128   1.00 18.87 ? 105 ARG A C   1 
ATOM   722 O  O   . ARG A 1 87 ? -1.629  -6.816  9.014   1.00 18.13 ? 105 ARG A O   1 
ATOM   723 C  CB  . ARG A 1 87 ? -3.376  -7.868  6.670   1.00 24.40 ? 105 ARG A CB  1 
ATOM   724 C  CG  . ARG A 1 87 ? -4.642  -8.727  6.596   1.00 32.59 ? 105 ARG A CG  1 
ATOM   725 C  CD  . ARG A 1 87 ? -4.869  -9.394  5.249   1.00 36.63 ? 105 ARG A CD  1 
ATOM   726 N  NE  . ARG A 1 87 ? -6.167  -10.082 5.197   1.00 39.31 ? 105 ARG A NE  1 
ATOM   727 C  CZ  . ARG A 1 87 ? -6.629  -10.777 4.153   1.00 39.85 ? 105 ARG A CZ  1 
ATOM   728 N  NH1 . ARG A 1 87 ? -5.910  -10.894 3.036   1.00 37.78 ? 105 ARG A NH1 1 
ATOM   729 N  NH2 . ARG A 1 87 ? -7.827  -11.364 4.225   1.00 41.36 ? 105 ARG A NH2 1 
ATOM   730 N  N   . ASN A 1 88 ? -1.700  -5.052  7.603   1.00 18.69 ? 106 ASN A N   1 
ATOM   731 C  CA  . ASN A 1 88 ? -0.431  -4.464  8.006   1.00 18.13 ? 106 ASN A CA  1 
ATOM   732 C  C   . ASN A 1 88 ? -0.542  -3.167  8.823   1.00 17.15 ? 106 ASN A C   1 
ATOM   733 O  O   . ASN A 1 88 ? 0.441   -2.445  8.939   1.00 16.42 ? 106 ASN A O   1 
ATOM   734 C  CB  . ASN A 1 88 ? 0.411   -4.241  6.748   1.00 20.02 ? 106 ASN A CB  1 
ATOM   735 C  CG  . ASN A 1 88 ? 0.773   -5.544  6.069   1.00 21.19 ? 106 ASN A CG  1 
ATOM   736 O  OD1 . ASN A 1 88 ? 1.623   -6.287  6.552   1.00 25.23 ? 106 ASN A OD1 1 
ATOM   737 N  ND2 . ASN A 1 88 ? 0.115   -5.836  4.949   1.00 20.29 ? 106 ASN A ND2 1 
ATOM   738 N  N   . LEU A 1 89 ? -1.711  -2.891  9.409   1.00 16.49 ? 107 LEU A N   1 
ATOM   739 C  CA  . LEU A 1 89 ? -1.909  -1.686  10.231  1.00 16.33 ? 107 LEU A CA  1 
ATOM   740 C  C   . LEU A 1 89 ? -2.983  -1.853  11.298  1.00 17.25 ? 107 LEU A C   1 
ATOM   741 O  O   . LEU A 1 89 ? -3.688  -2.865  11.331  1.00 17.70 ? 107 LEU A O   1 
ATOM   742 C  CB  . LEU A 1 89 ? -2.213  -0.464  9.342   1.00 16.27 ? 107 LEU A CB  1 
ATOM   743 C  CG  . LEU A 1 89 ? -3.452  -0.492  8.433   1.00 17.52 ? 107 LEU A CG  1 
ATOM   744 C  CD1 . LEU A 1 89 ? -4.757  -0.311  9.208   1.00 21.42 ? 107 LEU A CD1 1 
ATOM   745 C  CD2 . LEU A 1 89 ? -3.324  0.574   7.348   1.00 19.03 ? 107 LEU A CD2 1 
ATOM   746 N  N   . VAL A 1 90 ? -3.075  -0.851  12.167  1.00 17.30 ? 108 VAL A N   1 
ATOM   747 C  CA  . VAL A 1 90 ? -4.095  -0.758  13.207  1.00 18.37 ? 108 VAL A CA  1 
ATOM   748 C  C   . VAL A 1 90 ? -4.774  0.608   13.112  1.00 20.51 ? 108 VAL A C   1 
ATOM   749 O  O   . VAL A 1 90 ? -4.099  1.640   13.062  1.00 21.01 ? 108 VAL A O   1 
ATOM   750 C  CB  . VAL A 1 90 ? -3.464  -0.911  14.600  1.00 19.22 ? 108 VAL A CB  1 
ATOM   751 C  CG1 . VAL A 1 90 ? -4.520  -0.752  15.679  1.00 16.23 ? 108 VAL A CG1 1 
ATOM   752 C  CG2 . VAL A 1 90 ? -2.747  -2.257  14.718  1.00 20.93 ? 108 VAL A CG2 1 
ATOM   753 N  N   . VAL A 1 91 ? -6.104  0.612   13.098  1.00 20.27 ? 109 VAL A N   1 
ATOM   754 C  CA  . VAL A 1 91 ? -6.877  1.846   12.963  1.00 20.30 ? 109 VAL A CA  1 
ATOM   755 C  C   . VAL A 1 91 ? -6.827  2.684   14.259  1.00 19.38 ? 109 VAL A C   1 
ATOM   756 O  O   . VAL A 1 91 ? -6.793  2.123   15.360  1.00 20.22 ? 109 VAL A O   1 
ATOM   757 C  CB  . VAL A 1 91 ? -8.351  1.538   12.589  1.00 21.38 ? 109 VAL A CB  1 
ATOM   758 C  CG1 . VAL A 1 91 ? -9.165  2.804   12.578  1.00 21.74 ? 109 VAL A CG1 1 
ATOM   759 C  CG2 . VAL A 1 91 ? -8.421  0.821   11.226  1.00 23.64 ? 109 VAL A CG2 1 
ATOM   760 N  N   . VAL A 1 92 ? -6.809  4.012   14.102  1.00 18.13 ? 110 VAL A N   1 
ATOM   761 C  CA  . VAL A 1 92 ? -6.784  4.976   15.216  1.00 19.55 ? 110 VAL A CA  1 
ATOM   762 C  C   . VAL A 1 92 ? -8.145  5.672   15.342  1.00 21.76 ? 110 VAL A C   1 
ATOM   763 O  O   . VAL A 1 92 ? -8.644  6.251   14.371  1.00 20.92 ? 110 VAL A O   1 
ATOM   764 C  CB  . VAL A 1 92 ? -5.716  6.077   14.987  1.00 19.01 ? 110 VAL A CB  1 
ATOM   765 C  CG1 . VAL A 1 92 ? -5.675  7.071   16.163  1.00 18.13 ? 110 VAL A CG1 1 
ATOM   766 C  CG2 . VAL A 1 92 ? -4.346  5.466   14.737  1.00 19.63 ? 110 VAL A CG2 1 
ATOM   767 N  N   . ASN A 1 93 ? -8.736  5.617   16.532  1.00 25.97 ? 111 ASN A N   1 
ATOM   768 C  CA  . ASN A 1 93 ? -9.966  6.362   16.844  1.00 29.24 ? 111 ASN A CA  1 
ATOM   769 C  C   . ASN A 1 93 ? -10.002 6.774   18.309  1.00 31.51 ? 111 ASN A C   1 
ATOM   770 O  O   . ASN A 1 93 ? -10.724 7.701   18.691  1.00 32.99 ? 111 ASN A O   1 
ATOM   771 C  CB  . ASN A 1 93 ? -11.217 5.536   16.492  1.00 30.38 ? 111 ASN A CB  1 
ATOM   772 C  CG  . ASN A 1 93 ? -11.801 5.898   15.127  1.00 27.77 ? 111 ASN A CG  1 
ATOM   773 O  OD1 . ASN A 1 93 ? -12.254 7.024   14.913  1.00 34.76 ? 111 ASN A OD1 1 
ATOM   774 N  ND2 . ASN A 1 93 ? -11.809 4.938   14.209  1.00 27.42 ? 111 ASN A ND2 1 
ATOM   775 O  OXT . ASN A 1 93 ? -9.301  6.195   19.143  1.00 34.06 ? 111 ASN A OXT 1 
HETATM 776 C  C2  . 6SK B 2 .  ? -6.780  2.348   -4.015  1.00 27.65 ? 201 6SK A C2  1 
HETATM 777 C  C3  . 6SK B 2 .  ? -7.143  3.523   -3.381  1.00 32.32 ? 201 6SK A C3  1 
HETATM 778 C  C4  . 6SK B 2 .  ? -6.641  4.734   -3.840  1.00 32.39 ? 201 6SK A C4  1 
HETATM 779 C  C5  . 6SK B 2 .  ? -5.788  4.772   -4.938  1.00 33.64 ? 201 6SK A C5  1 
HETATM 780 C  C6  . 6SK B 2 .  ? -5.422  3.585   -5.585  1.00 30.37 ? 201 6SK A C6  1 
HETATM 781 C  C7  . 6SK B 2 .  ? -5.937  2.385   -5.113  1.00 32.50 ? 201 6SK A C7  1 
HETATM 782 C  C8  . 6SK B 2 .  ? -4.504  3.509   -6.796  1.00 32.39 ? 201 6SK A C8  1 
HETATM 783 C  C15 . 6SK B 2 .  ? -1.005  3.921   -8.006  1.00 36.64 ? 201 6SK A C15 1 
HETATM 784 C  C16 . 6SK B 2 .  ? -0.430  3.162   -9.211  1.00 38.49 ? 201 6SK A C16 1 
HETATM 785 C  C17 . 6SK B 2 .  ? -0.988  3.695   -10.536 1.00 38.29 ? 201 6SK A C17 1 
HETATM 786 C  C18 . 6SK B 2 .  ? 1.078   3.367   -9.225  1.00 37.07 ? 201 6SK A C18 1 
HETATM 787 C  C19 . 6SK B 2 .  ? -0.694  1.660   -9.076  1.00 37.56 ? 201 6SK A C19 1 
HETATM 788 C  C21 . 6SK B 2 .  ? -2.557  2.255   -5.786  1.00 28.29 ? 201 6SK A C21 1 
HETATM 789 C  C23 . 6SK B 2 .  ? -2.111  -0.043  -5.209  1.00 27.93 ? 201 6SK A C23 1 
HETATM 790 C  C24 . 6SK B 2 .  ? -1.500  0.341   -4.020  1.00 24.76 ? 201 6SK A C24 1 
HETATM 791 C  C27 . 6SK B 2 .  ? -1.951  2.645   -4.595  1.00 29.13 ? 201 6SK A C27 1 
HETATM 792 CL CL1 . 6SK B 2 .  ? -7.390  0.827   -3.485  1.00 35.01 ? 201 6SK A CL1 1 
HETATM 793 C  C10 . 6SK B 2 .  ? -4.659  4.690   -7.793  1.00 34.00 ? 201 6SK A C10 1 
HETATM 794 N  N12 . 6SK B 2 .  ? -5.801  4.488   -8.691  1.00 36.17 ? 201 6SK A N12 1 
HETATM 795 C  C13 . 6SK B 2 .  ? -3.339  4.640   -8.584  1.00 36.45 ? 201 6SK A C13 1 
HETATM 796 N  N14 . 6SK B 2 .  ? -2.457  3.666   -7.861  1.00 35.75 ? 201 6SK A N14 1 
HETATM 797 C  C20 . 6SK B 2 .  ? -2.998  3.527   -6.476  1.00 29.33 ? 201 6SK A C20 1 
HETATM 798 C  C22 . 6SK B 2 .  ? -2.628  0.906   -6.091  1.00 30.66 ? 201 6SK A C22 1 
HETATM 799 CL CL2 . 6SK B 2 .  ? -0.841  -0.816  -2.897  1.00 29.02 ? 201 6SK A CL2 1 
HETATM 800 C  C26 . 6SK B 2 .  ? -1.421  1.689   -3.718  1.00 26.31 ? 201 6SK A C26 1 
HETATM 801 N  N28 . 6SK B 2 .  ? -1.976  4.025   -4.480  1.00 29.31 ? 201 6SK A N28 1 
HETATM 802 C  C29 . 6SK B 2 .  ? -2.566  4.625   -5.527  1.00 32.30 ? 201 6SK A C29 1 
HETATM 803 O  O30 . 6SK B 2 .  ? -2.706  5.822   -5.646  1.00 32.93 ? 201 6SK A O30 1 
HETATM 804 S  S   . SO4 C 3 .  ? -18.534 8.655   -1.694  1.00 55.17 ? 202 SO4 A S   1 
HETATM 805 O  O1  . SO4 C 3 .  ? -18.612 8.235   -0.299  1.00 60.57 ? 202 SO4 A O1  1 
HETATM 806 O  O2  . SO4 C 3 .  ? -19.070 7.602   -2.543  1.00 53.45 ? 202 SO4 A O2  1 
HETATM 807 O  O3  . SO4 C 3 .  ? -19.248 9.927   -1.789  1.00 59.23 ? 202 SO4 A O3  1 
HETATM 808 O  O4  . SO4 C 3 .  ? -17.161 8.859   -2.130  1.00 40.33 ? 202 SO4 A O4  1 
HETATM 809 O  O   . HOH D 4 .  ? 12.055  -2.838  -8.335  1.00 41.96 ? 301 HOH A O   1 
HETATM 810 O  O   . HOH D 4 .  ? -3.921  13.099  4.545   1.00 33.81 ? 302 HOH A O   1 
HETATM 811 O  O   . HOH D 4 .  ? -17.718 9.004   2.025   1.00 30.92 ? 303 HOH A O   1 
HETATM 812 O  O   . HOH D 4 .  ? -13.998 -0.141  -6.804  1.00 55.39 ? 304 HOH A O   1 
HETATM 813 O  O   . HOH D 4 .  ? -1.508  8.197   -5.473  1.00 41.49 ? 305 HOH A O   1 
HETATM 814 O  O   . HOH D 4 .  ? -7.514  -6.941  6.249   1.00 38.77 ? 306 HOH A O   1 
HETATM 815 O  O   . HOH D 4 .  ? -4.940  -5.247  11.589  1.00 43.40 ? 307 HOH A O   1 
HETATM 816 O  O   . HOH D 4 .  ? -9.788  7.083   12.065  1.00 31.52 ? 308 HOH A O   1 
HETATM 817 O  O   . HOH D 4 .  ? -6.207  2.083   -9.863  1.00 44.41 ? 309 HOH A O   1 
HETATM 818 O  O   . HOH D 4 .  ? -13.057 -2.792  -6.286  1.00 43.13 ? 310 HOH A O   1 
HETATM 819 O  O   . HOH D 4 .  ? -11.961 6.614   -0.732  1.00 42.58 ? 311 HOH A O   1 
HETATM 820 O  O   . HOH D 4 .  ? -3.099  1.828   18.121  1.00 45.91 ? 312 HOH A O   1 
HETATM 821 O  O   . HOH D 4 .  ? 12.793  1.801   6.186   1.00 43.63 ? 313 HOH A O   1 
HETATM 822 O  O   . HOH D 4 .  ? -1.908  -8.353  3.547   1.00 47.15 ? 314 HOH A O   1 
HETATM 823 O  O   . HOH D 4 .  ? 3.156   2.965   13.336  1.00 34.56 ? 315 HOH A O   1 
HETATM 824 O  O   . HOH D 4 .  ? -0.425  12.167  10.200  1.00 43.51 ? 316 HOH A O   1 
HETATM 825 O  O   . HOH D 4 .  ? -0.038  -0.648  14.848  1.00 36.87 ? 317 HOH A O   1 
HETATM 826 O  O   . HOH D 4 .  ? 3.325   -4.585  8.372   1.00 32.36 ? 318 HOH A O   1 
HETATM 827 O  O   . HOH D 4 .  ? 5.030   -0.306  13.834  1.00 39.74 ? 319 HOH A O   1 
HETATM 828 O  O   . HOH D 4 .  ? 14.531  -8.294  -3.382  1.00 62.01 ? 320 HOH A O   1 
HETATM 829 O  O   . HOH D 4 .  ? 12.171  -5.039  -1.324  1.00 48.45 ? 321 HOH A O   1 
HETATM 830 O  O   . HOH D 4 .  ? 1.161   7.778   -5.579  1.00 32.80 ? 322 HOH A O   1 
HETATM 831 O  O   . HOH D 4 .  ? 5.519   11.471  6.399   1.00 38.51 ? 323 HOH A O   1 
HETATM 832 O  O   . HOH D 4 .  ? -7.177  -3.560  10.514  1.00 54.55 ? 324 HOH A O   1 
HETATM 833 O  O   . HOH D 4 .  ? 9.106   -7.802  -8.116  1.00 50.86 ? 325 HOH A O   1 
HETATM 834 O  O   . HOH D 4 .  ? -12.109 -5.297  -5.490  1.00 52.26 ? 326 HOH A O   1 
HETATM 835 O  O   . HOH D 4 .  ? -8.714  2.780   -11.092 1.00 51.82 ? 327 HOH A O   1 
HETATM 836 O  O   . HOH D 4 .  ? 2.582   -1.199  15.208  1.00 49.77 ? 328 HOH A O   1 
HETATM 837 O  O   . HOH D 4 .  ? -14.051 9.786   7.734   1.00 39.85 ? 329 HOH A O   1 
HETATM 838 O  O   . HOH D 4 .  ? 9.023   -9.266  -10.368 1.00 43.00 ? 330 HOH A O   1 
HETATM 839 O  O   . HOH D 4 .  ? -6.529  -7.333  8.905   1.00 44.27 ? 331 HOH A O   1 
HETATM 840 O  O   . HOH D 4 .  ? 11.093  -4.492  -13.881 1.00 50.24 ? 332 HOH A O   1 
# 
